data_3SFG
#
_entry.id   3SFG
#
_cell.length_a   120.794
_cell.length_b   195.972
_cell.length_c   109.335
_cell.angle_alpha   90.00
_cell.angle_beta   114.86
_cell.angle_gamma   90.00
#
_symmetry.space_group_name_H-M   'C 1 2 1'
#
loop_
_entity.id
_entity.type
_entity.pdbx_description
1 polymer 'RNA polymerase'
2 non-polymer 1-(beta-D-ribofuranosyl)-2-thioxo-2,3-dihydropyrimidin-4(1H)-one
3 non-polymer 'SULFATE ION'
4 non-polymer GLYCEROL
5 non-polymer 'MAGNESIUM ION'
6 water water
#
_entity_poly.entity_id   1
_entity_poly.type   'polypeptide(L)'
_entity_poly.pdbx_seq_one_letter_code
;MLPRPSGTYAGLPIADYGDAPPLSTKTMFWRTSPEKLPPGAWEPAYLGSKDERVDGPSLQQVMRDQLKPYSEPRGLLPPQ
EILDAVCDAIENRLENTLEPQKPWTFKKACESLDKNTSSGYPYHKQKSKDWTGSAFIGDLGDQATHANNMYEMGKSMRPI
YTAALKDELVKPDKIYGKIKKRLLWGSDLGTMIRAARAFGPFCDALKETCIFNPIRVGMSMNEDGPFIFARHANFRYHMD
ADYTRWDSTQQRAILKRAGDIMVRLSPEPDLARVVMDDLLAPSLLDVGDYKIVVEEGLPSGCPCTTQLNSLAHWILTLCA
MVEVTRVDPDIVMQESEFSFYGDDEVVSTNLELDMVKYTMALRRYGLLPTRADKEEGPLERRQTLQGISFLRRAIVGDQF
GWYGRLDRASIDRQLLWTKGPNHQNPFETLPGHAQRPSQLMALLGEAAMHGEKYYRTVASRVSKEAAQSGIEMVVPRHRS
VLRWVRFGTMDAETPQERSAVFVNEDAAALEHHHHHH
;
_entity_poly.pdbx_strand_id   A,B,C
#
# COMPACT_ATOMS: atom_id res chain seq x y z
N LEU A 2 46.45 -10.89 7.54
CA LEU A 2 45.42 -9.87 7.78
C LEU A 2 46.02 -8.84 8.75
N PRO A 3 46.94 -8.00 8.24
CA PRO A 3 47.68 -7.02 9.07
C PRO A 3 46.81 -5.87 9.62
N ARG A 4 47.22 -5.33 10.77
CA ARG A 4 46.37 -4.56 11.71
C ARG A 4 45.25 -3.62 11.21
N PRO A 5 44.01 -3.86 11.68
CA PRO A 5 43.72 -4.84 12.75
C PRO A 5 44.04 -6.29 12.38
N SER A 6 44.58 -7.06 13.34
CA SER A 6 45.03 -8.44 13.09
C SER A 6 43.97 -9.52 13.23
N GLY A 7 44.02 -10.23 14.36
CA GLY A 7 43.17 -11.38 14.59
C GLY A 7 41.80 -11.08 15.17
N THR A 8 41.30 -12.00 15.98
CA THR A 8 39.93 -11.95 16.43
C THR A 8 39.78 -12.34 17.90
N TYR A 9 39.01 -11.54 18.64
CA TYR A 9 38.65 -11.86 20.01
C TYR A 9 37.14 -11.71 20.18
N ALA A 10 36.51 -12.74 20.75
CA ALA A 10 35.06 -12.78 20.93
C ALA A 10 34.30 -12.34 19.69
N GLY A 11 34.72 -12.83 18.53
CA GLY A 11 34.06 -12.54 17.28
C GLY A 11 34.40 -11.17 16.69
N LEU A 12 35.29 -10.43 17.33
CA LEU A 12 35.57 -9.05 16.93
C LEU A 12 37.03 -8.81 16.60
N PRO A 13 37.30 -7.86 15.70
CA PRO A 13 38.68 -7.62 15.27
C PRO A 13 39.55 -7.07 16.41
N ILE A 14 40.79 -7.56 16.50
CA ILE A 14 41.74 -7.03 17.47
C ILE A 14 42.54 -5.92 16.81
N ALA A 15 42.53 -4.73 17.42
CA ALA A 15 43.25 -3.61 16.84
C ALA A 15 44.58 -3.40 17.54
N ASP A 16 44.72 -3.91 18.76
CA ASP A 16 45.92 -3.62 19.51
C ASP A 16 46.03 -4.50 20.76
N TYR A 17 47.20 -4.48 21.39
CA TYR A 17 47.33 -5.04 22.73
C TYR A 17 46.50 -4.24 23.76
N GLY A 18 46.08 -4.92 24.82
CA GLY A 18 45.28 -4.28 25.86
C GLY A 18 46.14 -3.77 27.00
N ASP A 19 45.65 -2.73 27.66
CA ASP A 19 46.31 -2.17 28.83
C ASP A 19 45.41 -2.15 30.05
N ALA A 20 44.17 -2.63 29.92
CA ALA A 20 43.24 -2.54 31.04
C ALA A 20 43.70 -3.38 32.22
N PRO A 21 43.44 -2.88 33.44
CA PRO A 21 43.64 -3.66 34.68
C PRO A 21 42.74 -4.89 34.67
N PRO A 22 43.14 -5.93 35.40
CA PRO A 22 42.31 -7.13 35.53
C PRO A 22 40.93 -6.79 36.12
N LEU A 23 39.90 -7.47 35.62
CA LEU A 23 38.55 -7.28 36.11
C LEU A 23 38.46 -7.49 37.62
N SER A 24 37.64 -6.67 38.28
CA SER A 24 37.46 -6.75 39.73
C SER A 24 36.87 -8.08 40.17
N THR A 25 37.37 -8.58 41.30
CA THR A 25 36.87 -9.82 41.88
C THR A 25 36.02 -9.53 43.12
N LYS A 26 35.74 -8.25 43.36
CA LYS A 26 35.11 -7.84 44.60
C LYS A 26 33.76 -7.18 44.40
N THR A 27 32.98 -7.14 45.49
CA THR A 27 31.72 -6.43 45.48
C THR A 27 31.73 -5.38 46.60
N MET A 28 30.91 -4.36 46.46
CA MET A 28 30.82 -3.25 47.40
C MET A 28 29.69 -3.52 48.39
N PHE A 29 28.96 -4.61 48.14
CA PHE A 29 27.80 -4.94 48.95
C PHE A 29 28.16 -5.87 50.10
N TRP A 30 27.58 -5.57 51.27
CA TRP A 30 27.73 -6.39 52.46
C TRP A 30 26.36 -6.71 53.02
N ARG A 31 26.24 -7.86 53.67
CA ARG A 31 24.99 -8.18 54.37
C ARG A 31 24.82 -7.29 55.60
N THR A 32 23.58 -6.96 55.95
CA THR A 32 23.31 -6.10 57.09
C THR A 32 23.16 -6.92 58.37
N SER A 33 23.04 -8.24 58.20
CA SER A 33 22.87 -9.14 59.34
C SER A 33 23.47 -10.50 59.00
N PRO A 34 23.88 -11.24 60.04
CA PRO A 34 24.44 -12.60 59.84
C PRO A 34 23.37 -13.64 59.53
N GLU A 35 22.11 -13.35 59.84
CA GLU A 35 21.01 -14.26 59.52
C GLU A 35 21.00 -14.56 58.01
N LYS A 36 20.56 -15.76 57.62
CA LYS A 36 20.54 -16.11 56.19
C LYS A 36 19.37 -15.45 55.46
N LEU A 37 19.44 -15.43 54.13
CA LEU A 37 18.51 -14.64 53.31
C LEU A 37 17.05 -15.17 53.27
N PRO A 38 16.87 -16.48 53.17
CA PRO A 38 17.71 -17.22 52.22
C PRO A 38 17.01 -17.18 50.83
N PRO A 39 15.69 -17.49 50.79
CA PRO A 39 15.09 -18.12 49.61
C PRO A 39 14.80 -17.18 48.44
N GLY A 40 15.56 -17.36 47.36
CA GLY A 40 15.32 -16.61 46.14
C GLY A 40 15.88 -15.21 46.20
N ALA A 41 16.39 -14.84 47.38
CA ALA A 41 16.96 -13.52 47.63
C ALA A 41 18.03 -13.14 46.62
N TRP A 42 17.91 -11.94 46.03
CA TRP A 42 18.99 -11.43 45.19
C TRP A 42 20.30 -11.34 45.96
N GLU A 43 21.40 -11.44 45.21
CA GLU A 43 22.73 -11.28 45.80
C GLU A 43 23.60 -10.54 44.80
N PRO A 44 24.80 -10.10 45.26
CA PRO A 44 25.73 -9.45 44.35
C PRO A 44 26.11 -10.36 43.19
N ALA A 45 26.31 -9.75 42.02
CA ALA A 45 26.64 -10.52 40.83
C ALA A 45 27.92 -11.34 41.04
N TYR A 46 28.07 -12.39 40.23
CA TYR A 46 29.19 -13.32 40.25
C TYR A 46 30.55 -12.65 40.23
N LEU A 47 31.45 -13.11 41.09
CA LEU A 47 32.76 -12.47 41.27
C LEU A 47 33.92 -13.25 40.64
N GLY A 48 33.61 -14.30 39.89
CA GLY A 48 34.63 -15.06 39.17
C GLY A 48 35.22 -16.23 39.94
N SER A 49 36.37 -16.71 39.48
CA SER A 49 36.98 -17.93 40.00
C SER A 49 37.06 -17.96 41.52
N LYS A 50 37.31 -16.81 42.14
CA LYS A 50 37.46 -16.76 43.59
C LYS A 50 36.11 -16.72 44.30
N ASP A 51 35.02 -16.70 43.53
CA ASP A 51 33.70 -16.58 44.14
C ASP A 51 33.35 -17.87 44.87
N GLU A 52 33.39 -17.80 46.19
CA GLU A 52 33.15 -18.96 47.04
C GLU A 52 31.75 -19.56 46.85
N ARG A 53 30.81 -18.78 46.33
CA ARG A 53 29.40 -19.19 46.29
C ARG A 53 29.13 -20.28 45.27
N VAL A 54 29.92 -20.30 44.21
CA VAL A 54 29.67 -21.21 43.13
C VAL A 54 30.95 -21.33 42.33
N ASP A 55 31.14 -22.50 41.71
CA ASP A 55 32.22 -22.65 40.77
C ASP A 55 31.69 -22.23 39.41
N GLY A 56 32.44 -21.37 38.72
CA GLY A 56 32.02 -20.90 37.41
C GLY A 56 33.19 -20.52 36.52
N PRO A 57 32.87 -20.01 35.31
CA PRO A 57 33.89 -19.58 34.34
C PRO A 57 34.65 -18.34 34.80
N SER A 58 35.65 -17.94 34.05
CA SER A 58 36.38 -16.74 34.39
C SER A 58 35.54 -15.51 34.05
N LEU A 59 35.78 -14.42 34.77
CA LEU A 59 35.21 -13.13 34.41
C LEU A 59 35.43 -12.77 32.93
N GLN A 60 36.59 -13.12 32.38
CA GLN A 60 36.83 -12.83 30.96
C GLN A 60 35.88 -13.63 30.07
N GLN A 61 35.56 -14.87 30.45
CA GLN A 61 34.58 -15.69 29.73
C GLN A 61 33.21 -15.02 29.84
N VAL A 62 32.88 -14.61 31.06
CA VAL A 62 31.63 -13.90 31.32
C VAL A 62 31.54 -12.64 30.44
N MET A 63 32.65 -11.93 30.31
CA MET A 63 32.68 -10.73 29.48
C MET A 63 32.54 -11.04 27.99
N ARG A 64 33.13 -12.15 27.55
CA ARG A 64 33.08 -12.51 26.13
C ARG A 64 31.64 -12.73 25.75
N ASP A 65 30.89 -13.39 26.62
CA ASP A 65 29.47 -13.60 26.40
C ASP A 65 28.76 -12.25 26.21
N GLN A 66 29.11 -11.25 27.02
CA GLN A 66 28.50 -9.92 26.87
C GLN A 66 28.83 -9.29 25.52
N LEU A 67 29.92 -9.71 24.90
CA LEU A 67 30.34 -9.07 23.65
C LEU A 67 29.68 -9.64 22.38
N LYS A 68 28.99 -10.77 22.53
CA LYS A 68 28.43 -11.46 21.37
C LYS A 68 27.46 -10.57 20.56
N PRO A 69 26.50 -9.92 21.24
CA PRO A 69 25.45 -9.15 20.54
C PRO A 69 26.07 -8.08 19.62
N TYR A 70 27.28 -7.62 19.94
CA TYR A 70 27.91 -6.55 19.17
C TYR A 70 28.37 -7.01 17.79
N SER A 71 28.43 -8.32 17.59
CA SER A 71 28.74 -8.84 16.25
C SER A 71 27.49 -9.38 15.54
N GLU A 72 26.35 -9.44 16.23
CA GLU A 72 25.09 -9.70 15.55
C GLU A 72 24.86 -8.66 14.45
N PRO A 73 24.23 -9.09 13.34
CA PRO A 73 23.81 -8.17 12.26
C PRO A 73 22.83 -7.12 12.79
N ARG A 74 22.95 -5.89 12.29
CA ARG A 74 22.04 -4.83 12.68
C ARG A 74 20.65 -5.10 12.11
N GLY A 75 19.63 -4.53 12.74
CA GLY A 75 18.30 -4.48 12.14
C GLY A 75 18.31 -3.44 11.03
N LEU A 76 17.14 -3.16 10.48
CA LEU A 76 17.06 -2.25 9.35
C LEU A 76 16.87 -0.80 9.78
N LEU A 77 17.38 0.12 8.97
CA LEU A 77 17.03 1.51 9.14
C LEU A 77 15.54 1.69 8.91
N PRO A 78 14.89 2.56 9.69
CA PRO A 78 13.53 2.99 9.35
C PRO A 78 13.49 3.65 7.96
N PRO A 79 12.32 3.67 7.31
CA PRO A 79 12.25 4.26 5.97
C PRO A 79 12.87 5.66 5.98
N GLN A 80 13.65 5.98 4.95
CA GLN A 80 14.45 7.21 4.97
C GLN A 80 13.57 8.46 5.12
N GLU A 81 12.40 8.45 4.49
CA GLU A 81 11.57 9.65 4.50
C GLU A 81 11.01 9.86 5.90
N ILE A 82 10.56 8.78 6.53
CA ILE A 82 10.17 8.79 7.93
C ILE A 82 11.31 9.24 8.86
N LEU A 83 12.46 8.58 8.75
CA LEU A 83 13.61 8.95 9.59
C LEU A 83 13.92 10.47 9.50
N ASP A 84 14.02 11.00 8.29
CA ASP A 84 14.27 12.43 8.12
C ASP A 84 13.19 13.31 8.77
N ALA A 85 11.93 12.94 8.56
CA ALA A 85 10.81 13.71 9.10
C ALA A 85 10.85 13.67 10.63
N VAL A 86 11.15 12.49 11.18
CA VAL A 86 11.26 12.33 12.63
C VAL A 86 12.37 13.20 13.20
N CYS A 87 13.57 13.13 12.60
CA CYS A 87 14.70 13.93 13.06
C CYS A 87 14.42 15.41 13.01
N ASP A 88 13.84 15.86 11.90
CA ASP A 88 13.47 17.26 11.77
C ASP A 88 12.52 17.67 12.88
N ALA A 89 11.48 16.88 13.12
CA ALA A 89 10.52 17.20 14.17
C ALA A 89 11.18 17.26 15.55
N ILE A 90 12.02 16.28 15.86
CA ILE A 90 12.66 16.27 17.18
C ILE A 90 13.56 17.48 17.30
N GLU A 91 14.31 17.75 16.25
CA GLU A 91 15.21 18.90 16.24
C GLU A 91 14.39 20.19 16.43
N ASN A 92 13.29 20.31 15.70
CA ASN A 92 12.48 21.51 15.81
C ASN A 92 11.92 21.66 17.25
N ARG A 93 11.45 20.56 17.82
CA ARG A 93 10.96 20.60 19.19
C ARG A 93 12.02 21.10 20.19
N LEU A 94 13.25 20.59 20.06
CA LEU A 94 14.34 21.04 20.93
C LEU A 94 14.73 22.50 20.68
N GLU A 95 14.71 22.92 19.41
CA GLU A 95 14.93 24.31 19.06
C GLU A 95 13.95 25.27 19.77
N ASN A 96 12.70 24.84 19.90
CA ASN A 96 11.65 25.64 20.53
C ASN A 96 11.71 25.64 22.05
N THR A 97 12.42 24.68 22.62
CA THR A 97 12.34 24.48 24.06
C THR A 97 13.64 24.85 24.77
N LEU A 98 14.78 24.59 24.12
CA LEU A 98 16.06 24.74 24.81
C LEU A 98 16.58 26.19 24.81
N GLU A 99 17.00 26.66 25.99
CA GLU A 99 17.65 27.96 26.12
C GLU A 99 19.08 27.90 25.57
N PRO A 100 19.39 28.69 24.53
CA PRO A 100 20.76 28.69 23.99
C PRO A 100 21.77 28.91 25.12
N GLN A 101 22.91 28.21 25.05
CA GLN A 101 23.86 28.21 26.15
C GLN A 101 25.20 28.83 25.78
N LYS A 102 25.94 29.26 26.79
CA LYS A 102 27.33 29.67 26.61
C LYS A 102 28.22 28.44 26.41
N PRO A 103 29.28 28.56 25.60
CA PRO A 103 30.26 27.48 25.47
C PRO A 103 30.89 27.11 26.80
N TRP A 104 31.18 25.83 27.01
CA TRP A 104 31.84 25.41 28.25
C TRP A 104 33.35 25.62 28.17
N THR A 105 33.91 26.21 29.22
CA THR A 105 35.36 26.35 29.30
C THR A 105 36.03 25.00 29.66
N PHE A 106 37.36 24.96 29.55
CA PHE A 106 38.15 23.82 30.01
C PHE A 106 37.88 23.59 31.49
N LYS A 107 37.92 24.67 32.27
CA LYS A 107 37.64 24.63 33.71
C LYS A 107 36.28 24.00 34.04
N LYS A 108 35.24 24.46 33.37
CA LYS A 108 33.89 23.95 33.57
C LYS A 108 33.85 22.45 33.26
N ALA A 109 34.42 22.06 32.13
CA ALA A 109 34.49 20.64 31.77
C ALA A 109 35.19 19.77 32.84
N CYS A 110 36.36 20.20 33.32
CA CYS A 110 37.10 19.44 34.33
C CYS A 110 36.30 19.30 35.63
N GLU A 111 35.68 20.40 36.06
CA GLU A 111 34.91 20.40 37.30
C GLU A 111 33.74 19.42 37.20
N SER A 112 33.12 19.35 36.02
CA SER A 112 31.95 18.50 35.82
C SER A 112 32.23 17.02 36.02
N LEU A 113 33.45 16.59 35.71
CA LEU A 113 33.82 15.20 35.85
C LEU A 113 33.68 14.64 37.27
N ASP A 114 33.29 13.37 37.36
CA ASP A 114 33.19 12.63 38.62
C ASP A 114 34.59 12.24 39.09
N LYS A 115 35.05 12.86 40.18
CA LYS A 115 36.42 12.66 40.60
C LYS A 115 36.65 11.30 41.29
N ASN A 116 35.57 10.58 41.59
CA ASN A 116 35.69 9.34 42.33
C ASN A 116 35.86 8.13 41.43
N THR A 117 35.52 8.28 40.16
CA THR A 117 35.73 7.20 39.21
C THR A 117 37.10 7.29 38.53
N SER A 118 37.42 6.23 37.80
CA SER A 118 38.71 6.05 37.17
C SER A 118 38.89 6.97 35.96
N SER A 119 40.16 7.26 35.64
CA SER A 119 40.50 8.09 34.50
C SER A 119 40.56 7.28 33.21
N GLY A 120 40.41 5.96 33.34
CA GLY A 120 40.49 5.06 32.19
C GLY A 120 41.85 5.08 31.51
N TYR A 121 41.89 4.69 30.25
CA TYR A 121 43.13 4.73 29.50
C TYR A 121 43.76 6.14 29.53
N PRO A 122 45.10 6.23 29.69
CA PRO A 122 45.97 5.05 29.90
C PRO A 122 46.43 4.84 31.35
N TYR A 123 46.14 5.78 32.24
CA TYR A 123 46.70 5.73 33.60
C TYR A 123 45.86 4.93 34.58
N HIS A 124 44.58 4.76 34.25
CA HIS A 124 43.66 3.97 35.06
C HIS A 124 43.75 4.29 36.56
N LYS A 125 43.74 5.57 36.90
CA LYS A 125 43.78 5.95 38.31
C LYS A 125 42.55 6.74 38.69
N GLN A 126 42.18 6.69 39.96
CA GLN A 126 41.04 7.47 40.41
C GLN A 126 41.30 8.96 40.14
N LYS A 127 40.35 9.64 39.50
CA LYS A 127 40.58 11.02 39.06
C LYS A 127 41.01 11.93 40.21
N SER A 128 40.54 11.62 41.41
CA SER A 128 40.78 12.50 42.54
C SER A 128 42.27 12.56 42.89
N LYS A 129 43.01 11.51 42.52
CA LYS A 129 44.44 11.39 42.78
C LYS A 129 45.30 12.56 42.25
N ASP A 130 44.88 13.12 41.12
CA ASP A 130 45.62 14.18 40.43
C ASP A 130 44.81 15.47 40.40
N TRP A 131 43.88 15.61 41.34
CA TRP A 131 42.94 16.73 41.32
C TRP A 131 43.16 17.67 42.51
N THR A 132 43.58 18.89 42.23
CA THR A 132 43.91 19.85 43.27
C THR A 132 42.66 20.50 43.85
N GLY A 133 41.53 20.31 43.17
CA GLY A 133 40.29 20.95 43.57
C GLY A 133 39.80 21.88 42.47
N SER A 134 40.72 22.35 41.65
CA SER A 134 40.32 23.23 40.55
C SER A 134 41.00 22.84 39.23
N ALA A 135 41.99 21.96 39.30
CA ALA A 135 42.68 21.51 38.10
C ALA A 135 43.28 20.14 38.28
N PHE A 136 43.50 19.44 37.16
CA PHE A 136 44.25 18.20 37.17
C PHE A 136 45.75 18.46 37.10
N ILE A 137 46.49 17.63 37.83
CA ILE A 137 47.93 17.80 38.03
C ILE A 137 48.62 16.51 37.52
N GLY A 138 49.95 16.46 37.55
CA GLY A 138 50.66 15.25 37.18
C GLY A 138 50.20 14.59 35.88
N ASP A 139 50.10 13.27 35.90
CA ASP A 139 49.70 12.53 34.70
C ASP A 139 48.37 13.01 34.13
N LEU A 140 47.35 13.08 34.99
CA LEU A 140 46.01 13.45 34.53
C LEU A 140 45.98 14.85 33.95
N GLY A 141 46.74 15.77 34.56
CA GLY A 141 46.90 17.12 34.06
C GLY A 141 47.41 17.13 32.62
N ASP A 142 48.41 16.30 32.35
CA ASP A 142 48.94 16.21 30.99
C ASP A 142 47.90 15.66 30.01
N GLN A 143 47.30 14.53 30.38
CA GLN A 143 46.29 13.91 29.55
C GLN A 143 45.17 14.90 29.27
N ALA A 144 44.70 15.59 30.30
CA ALA A 144 43.61 16.57 30.18
C ALA A 144 43.95 17.80 29.32
N THR A 145 45.15 18.36 29.53
CA THR A 145 45.54 19.55 28.76
C THR A 145 45.70 19.21 27.29
N HIS A 146 46.29 18.06 26.99
CA HIS A 146 46.49 17.71 25.60
C HIS A 146 45.14 17.61 24.88
N ALA A 147 44.20 16.90 25.51
CA ALA A 147 42.86 16.68 24.97
C ALA A 147 42.14 18.00 24.72
N ASN A 148 42.25 18.88 25.70
CA ASN A 148 41.66 20.19 25.58
C ASN A 148 42.27 20.98 24.41
N ASN A 149 43.61 20.91 24.24
CA ASN A 149 44.25 21.51 23.08
C ASN A 149 43.69 20.95 21.77
N MET A 150 43.58 19.62 21.70
CA MET A 150 43.01 18.98 20.51
C MET A 150 41.59 19.48 20.29
N TYR A 151 40.83 19.58 21.37
CA TYR A 151 39.46 20.05 21.24
C TYR A 151 39.42 21.44 20.61
N GLU A 152 40.23 22.35 21.13
CA GLU A 152 40.23 23.72 20.65
C GLU A 152 40.74 23.89 19.21
N MET A 153 41.63 23.01 18.79
CA MET A 153 42.09 23.04 17.40
C MET A 153 41.17 22.23 16.49
N GLY A 154 40.11 21.67 17.07
CA GLY A 154 39.22 20.84 16.28
C GLY A 154 39.96 19.66 15.65
N LYS A 155 40.85 19.04 16.41
CA LYS A 155 41.58 17.88 15.90
C LYS A 155 41.02 16.62 16.51
N SER A 156 41.03 15.55 15.71
CA SER A 156 40.44 14.30 16.11
C SER A 156 41.34 13.48 17.03
N MET A 157 40.73 12.74 17.94
CA MET A 157 41.43 11.78 18.81
C MET A 157 40.63 10.47 18.86
N ARG A 158 41.32 9.34 18.89
CA ARG A 158 40.61 8.06 18.98
C ARG A 158 40.27 7.74 20.44
N PRO A 159 38.97 7.70 20.78
CA PRO A 159 38.65 7.28 22.15
C PRO A 159 39.09 5.83 22.41
N ILE A 160 39.47 5.58 23.66
CA ILE A 160 39.77 4.23 24.12
C ILE A 160 38.94 3.93 25.36
N TYR A 161 38.02 2.98 25.22
CA TYR A 161 37.16 2.53 26.31
C TYR A 161 37.79 1.35 27.01
N THR A 162 37.51 1.21 28.31
CA THR A 162 38.00 0.10 29.09
C THR A 162 36.77 -0.70 29.54
N ALA A 163 36.76 -2.00 29.31
CA ALA A 163 35.58 -2.81 29.63
C ALA A 163 35.57 -3.22 31.10
N ALA A 164 34.39 -3.25 31.70
CA ALA A 164 34.21 -3.77 33.06
C ALA A 164 32.87 -4.49 33.16
N LEU A 165 32.65 -5.14 34.30
CA LEU A 165 31.40 -5.86 34.57
C LEU A 165 30.72 -5.22 35.78
N LYS A 166 29.43 -4.95 35.66
CA LYS A 166 28.73 -4.19 36.70
C LYS A 166 28.58 -4.92 38.03
N ASP A 167 29.07 -4.31 39.10
CA ASP A 167 28.85 -4.86 40.45
C ASP A 167 27.49 -4.37 40.97
N GLU A 168 26.57 -5.31 41.13
CA GLU A 168 25.18 -4.99 41.43
C GLU A 168 24.44 -6.22 41.95
N LEU A 169 23.35 -5.99 42.69
CA LEU A 169 22.47 -7.08 43.12
C LEU A 169 21.73 -7.64 41.91
N VAL A 170 21.69 -8.97 41.81
CA VAL A 170 20.96 -9.66 40.74
C VAL A 170 20.14 -10.80 41.34
N LYS A 171 19.12 -11.25 40.59
CA LYS A 171 18.39 -12.45 41.00
C LYS A 171 19.34 -13.66 41.03
N PRO A 172 19.13 -14.57 41.99
CA PRO A 172 20.10 -15.65 42.22
C PRO A 172 20.40 -16.48 40.98
N ASP A 173 19.42 -16.63 40.09
CA ASP A 173 19.63 -17.45 38.90
C ASP A 173 20.83 -16.98 38.06
N LYS A 174 21.16 -15.68 38.13
CA LYS A 174 22.28 -15.16 37.35
C LYS A 174 23.60 -15.48 38.06
N ILE A 175 23.48 -16.03 39.26
CA ILE A 175 24.66 -16.48 39.99
C ILE A 175 24.75 -18.01 39.98
N TYR A 176 23.64 -18.66 40.28
CA TYR A 176 23.63 -20.10 40.51
C TYR A 176 23.15 -20.89 39.29
N GLY A 177 22.60 -20.17 38.31
CA GLY A 177 22.20 -20.76 37.05
C GLY A 177 23.16 -20.39 35.93
N LYS A 178 22.61 -19.91 34.82
CA LYS A 178 23.45 -19.40 33.74
C LYS A 178 24.07 -18.04 34.16
N ILE A 179 25.36 -18.04 34.46
CA ILE A 179 25.98 -16.85 35.01
C ILE A 179 25.97 -15.68 34.03
N LYS A 180 25.53 -14.53 34.52
CA LYS A 180 25.48 -13.31 33.71
C LYS A 180 25.96 -12.11 34.50
N LYS A 181 26.70 -11.22 33.86
CA LYS A 181 27.12 -9.95 34.49
C LYS A 181 27.22 -8.86 33.43
N ARG A 182 26.62 -7.70 33.70
CA ARG A 182 26.51 -6.66 32.68
C ARG A 182 27.80 -5.93 32.34
N LEU A 183 28.00 -5.75 31.04
CA LEU A 183 29.14 -5.07 30.46
C LEU A 183 29.10 -3.56 30.69
N LEU A 184 30.20 -2.98 31.16
CA LEU A 184 30.31 -1.53 31.31
C LEU A 184 31.41 -1.03 30.39
N TRP A 185 31.19 0.14 29.79
CA TRP A 185 32.24 0.81 29.04
C TRP A 185 32.73 2.01 29.83
N GLY A 186 34.03 2.06 30.09
CA GLY A 186 34.64 3.18 30.77
C GLY A 186 35.41 4.05 29.81
N SER A 187 34.98 5.28 29.66
CA SER A 187 35.63 6.25 28.78
C SER A 187 37.03 6.64 29.31
N ASP A 188 37.84 7.25 28.45
CA ASP A 188 39.13 7.79 28.88
C ASP A 188 39.03 9.28 29.19
N LEU A 189 39.82 9.72 30.16
CA LEU A 189 39.83 11.11 30.58
C LEU A 189 39.87 12.08 29.39
N GLY A 190 40.68 11.74 28.38
CA GLY A 190 40.81 12.64 27.24
C GLY A 190 39.46 12.89 26.60
N THR A 191 38.77 11.80 26.28
CA THR A 191 37.45 11.82 25.67
C THR A 191 36.41 12.47 26.60
N MET A 192 36.51 12.22 27.90
CA MET A 192 35.59 12.86 28.83
C MET A 192 35.71 14.38 28.73
N ILE A 193 36.95 14.89 28.72
CA ILE A 193 37.18 16.33 28.58
C ILE A 193 36.54 16.86 27.29
N ARG A 194 36.90 16.24 26.17
CA ARG A 194 36.39 16.70 24.88
C ARG A 194 34.85 16.62 24.80
N ALA A 195 34.28 15.48 25.24
CA ALA A 195 32.81 15.34 25.21
C ALA A 195 32.10 16.35 26.14
N ALA A 196 32.70 16.61 27.30
CA ALA A 196 32.10 17.54 28.25
C ALA A 196 32.16 18.98 27.72
N ARG A 197 33.28 19.39 27.14
CA ARG A 197 33.32 20.76 26.60
C ARG A 197 32.34 20.87 25.45
N ALA A 198 32.38 19.88 24.55
CA ALA A 198 31.53 19.86 23.38
C ALA A 198 30.06 19.84 23.75
N PHE A 199 29.70 18.99 24.72
CA PHE A 199 28.29 18.70 24.91
C PHE A 199 27.66 19.09 26.23
N GLY A 200 28.46 19.49 27.22
CA GLY A 200 27.92 20.00 28.47
C GLY A 200 26.87 21.10 28.29
N PRO A 201 27.07 22.02 27.33
CA PRO A 201 26.08 23.08 27.15
C PRO A 201 24.70 22.52 26.76
N PHE A 202 24.68 21.71 25.73
CA PHE A 202 23.44 21.08 25.30
C PHE A 202 22.81 20.25 26.42
N CYS A 203 23.61 19.42 27.06
CA CYS A 203 23.08 18.56 28.11
C CYS A 203 22.48 19.35 29.29
N ASP A 204 23.11 20.46 29.67
CA ASP A 204 22.54 21.38 30.65
C ASP A 204 21.20 21.92 30.17
N ALA A 205 21.17 22.40 28.94
CA ALA A 205 19.97 22.99 28.38
C ALA A 205 18.82 21.96 28.39
N LEU A 206 19.13 20.73 27.96
CA LEU A 206 18.16 19.64 27.90
C LEU A 206 17.63 19.29 29.30
N LYS A 207 18.53 19.31 30.26
CA LYS A 207 18.20 18.95 31.63
C LYS A 207 17.27 19.97 32.25
N GLU A 208 17.43 21.25 31.92
CA GLU A 208 16.54 22.28 32.42
C GLU A 208 15.13 22.07 31.88
N THR A 209 15.01 21.09 31.00
CA THR A 209 13.87 20.96 30.15
C THR A 209 13.21 19.60 30.38
N CYS A 210 13.61 18.91 31.47
CA CYS A 210 13.21 17.52 31.64
C CYS A 210 11.71 17.31 31.88
N ILE A 211 10.95 18.35 32.11
CA ILE A 211 9.51 18.19 32.34
C ILE A 211 8.74 18.42 31.04
N PHE A 212 9.21 19.37 30.24
CA PHE A 212 8.55 19.73 29.00
C PHE A 212 8.97 18.84 27.84
N ASN A 213 10.21 18.34 27.88
CA ASN A 213 10.67 17.41 26.84
C ASN A 213 10.73 15.99 27.39
N PRO A 214 10.65 14.99 26.49
CA PRO A 214 10.55 13.56 26.89
C PRO A 214 11.83 12.92 27.44
N ILE A 215 12.99 13.52 27.21
CA ILE A 215 14.23 13.01 27.79
C ILE A 215 14.34 13.43 29.25
N ARG A 216 14.15 12.48 30.16
CA ARG A 216 13.96 12.80 31.57
C ARG A 216 15.25 12.76 32.40
N VAL A 217 16.39 12.64 31.74
CA VAL A 217 17.68 12.64 32.43
C VAL A 217 17.80 13.90 33.28
N GLY A 218 17.93 13.72 34.60
CA GLY A 218 18.05 14.84 35.51
C GLY A 218 16.83 15.08 36.39
N MET A 219 15.81 14.24 36.24
CA MET A 219 14.59 14.42 37.03
C MET A 219 14.76 13.86 38.45
N SER A 220 14.09 14.50 39.41
CA SER A 220 13.93 13.93 40.75
C SER A 220 12.60 13.18 40.77
N MET A 221 12.64 11.89 41.11
CA MET A 221 11.40 11.13 41.09
C MET A 221 10.38 11.77 42.01
N ASN A 222 10.84 12.14 43.20
CA ASN A 222 9.96 12.73 44.21
C ASN A 222 9.34 14.05 43.82
N GLU A 223 10.18 14.96 43.34
CA GLU A 223 9.76 16.32 43.04
C GLU A 223 9.14 16.45 41.65
N ASP A 224 9.70 15.77 40.67
CA ASP A 224 9.25 15.94 39.29
C ASP A 224 8.27 14.84 38.84
N GLY A 225 8.43 13.64 39.40
CA GLY A 225 7.56 12.53 39.04
C GLY A 225 6.09 12.90 38.94
N PRO A 226 5.55 13.56 39.98
CA PRO A 226 4.10 13.80 39.93
C PRO A 226 3.66 14.63 38.73
N PHE A 227 4.48 15.58 38.31
CA PHE A 227 4.15 16.42 37.16
C PHE A 227 4.29 15.68 35.83
N ILE A 228 5.42 15.01 35.67
CA ILE A 228 5.67 14.19 34.51
C ILE A 228 4.52 13.20 34.33
N PHE A 229 4.17 12.48 35.39
CA PHE A 229 3.09 11.51 35.34
C PHE A 229 1.71 12.12 35.08
N ALA A 230 1.44 13.28 35.69
CA ALA A 230 0.20 14.01 35.42
C ALA A 230 0.06 14.31 33.91
N ARG A 231 1.16 14.70 33.29
CA ARG A 231 1.23 14.92 31.85
C ARG A 231 0.90 13.63 31.05
N HIS A 232 1.60 12.55 31.35
CA HIS A 232 1.34 11.28 30.69
C HIS A 232 -0.15 10.96 30.79
N ALA A 233 -0.74 11.22 31.95
CA ALA A 233 -2.14 10.90 32.22
C ALA A 233 -3.14 11.77 31.45
N ASN A 234 -2.63 12.76 30.71
CA ASN A 234 -3.51 13.55 29.85
C ASN A 234 -3.96 12.74 28.65
N PHE A 235 -3.39 11.53 28.48
CA PHE A 235 -3.63 10.72 27.29
C PHE A 235 -4.32 9.39 27.55
N ARG A 236 -5.00 8.88 26.53
CA ARG A 236 -5.85 7.71 26.70
C ARG A 236 -5.04 6.43 26.90
N TYR A 237 -4.01 6.20 26.07
CA TYR A 237 -3.30 4.90 26.06
C TYR A 237 -1.85 4.92 26.53
N HIS A 238 -1.44 3.86 27.22
CA HIS A 238 -0.13 3.83 27.84
C HIS A 238 0.56 2.49 27.61
N MET A 239 1.87 2.55 27.39
CA MET A 239 2.63 1.34 27.12
C MET A 239 4.11 1.49 27.46
N ASP A 240 4.76 0.35 27.67
CA ASP A 240 6.21 0.28 27.87
C ASP A 240 6.77 -0.92 27.11
N ALA A 241 7.64 -0.66 26.14
CA ALA A 241 8.20 -1.72 25.30
C ALA A 241 9.24 -2.63 26.02
N ASP A 242 9.60 -2.29 27.25
CA ASP A 242 10.52 -3.14 28.03
C ASP A 242 11.62 -3.83 27.17
N TYR A 243 12.61 -3.09 26.69
CA TYR A 243 13.64 -3.65 25.80
C TYR A 243 14.70 -4.52 26.48
N THR A 244 15.04 -5.61 25.80
CA THR A 244 16.18 -6.46 26.13
C THR A 244 17.38 -5.97 25.35
N ARG A 245 18.56 -5.98 25.97
CA ARG A 245 19.80 -5.60 25.28
C ARG A 245 19.72 -4.35 24.42
N TRP A 246 19.12 -3.30 24.97
CA TRP A 246 18.98 -2.07 24.22
C TRP A 246 20.34 -1.59 23.64
N ASP A 247 21.37 -1.49 24.48
CA ASP A 247 22.60 -0.82 24.03
C ASP A 247 23.26 -1.56 22.88
N SER A 248 23.39 -2.87 23.01
CA SER A 248 24.14 -3.66 22.04
C SER A 248 23.37 -3.81 20.71
N THR A 249 22.06 -3.56 20.75
CA THR A 249 21.24 -3.65 19.54
C THR A 249 21.16 -2.34 18.77
N GLN A 250 21.84 -1.29 19.23
CA GLN A 250 21.73 0.00 18.54
C GLN A 250 22.48 0.04 17.19
N GLN A 251 21.99 0.89 16.29
CA GLN A 251 22.63 1.10 15.00
C GLN A 251 23.40 2.39 15.07
N ARG A 252 24.68 2.35 14.71
CA ARG A 252 25.48 3.57 14.69
C ARG A 252 24.83 4.57 13.78
N ALA A 253 24.19 4.07 12.73
CA ALA A 253 23.46 4.94 11.80
C ALA A 253 22.40 5.75 12.56
N ILE A 254 21.74 5.13 13.54
CA ILE A 254 20.74 5.86 14.33
C ILE A 254 21.44 6.81 15.32
N LEU A 255 22.47 6.31 15.99
CA LEU A 255 23.23 7.12 16.92
C LEU A 255 23.81 8.35 16.23
N LYS A 256 24.19 8.21 14.96
CA LYS A 256 24.73 9.35 14.25
C LYS A 256 23.69 10.45 13.98
N ARG A 257 22.42 10.08 13.80
CA ARG A 257 21.37 11.09 13.61
C ARG A 257 21.09 11.81 14.93
N ALA A 258 21.06 11.03 16.00
CA ALA A 258 20.94 11.60 17.33
C ALA A 258 22.10 12.59 17.52
N GLY A 259 23.32 12.12 17.24
CA GLY A 259 24.50 12.97 17.34
C GLY A 259 24.41 14.26 16.51
N ASP A 260 23.78 14.18 15.33
CA ASP A 260 23.65 15.37 14.47
C ASP A 260 22.83 16.47 15.12
N ILE A 261 21.76 16.05 15.79
CA ILE A 261 20.89 16.96 16.52
C ILE A 261 21.70 17.64 17.62
N MET A 262 22.40 16.84 18.44
CA MET A 262 23.25 17.39 19.49
C MET A 262 24.29 18.38 18.96
N VAL A 263 24.98 17.99 17.90
CA VAL A 263 25.98 18.89 17.31
C VAL A 263 25.37 20.23 16.88
N ARG A 264 24.28 20.16 16.11
CA ARG A 264 23.65 21.35 15.59
C ARG A 264 23.09 22.24 16.69
N LEU A 265 22.66 21.65 17.80
CA LEU A 265 22.17 22.45 18.94
C LEU A 265 23.27 22.79 19.96
N SER A 266 24.53 22.67 19.56
CA SER A 266 25.64 23.03 20.44
C SER A 266 26.18 24.42 20.09
N PRO A 267 26.70 25.13 21.10
CA PRO A 267 27.26 26.48 20.88
C PRO A 267 28.58 26.49 20.09
N GLU A 268 29.30 25.37 20.05
CA GLU A 268 30.49 25.27 19.21
C GLU A 268 30.34 24.07 18.26
N PRO A 269 29.38 24.15 17.32
CA PRO A 269 29.03 22.99 16.48
C PRO A 269 30.22 22.42 15.68
N ASP A 270 31.13 23.28 15.22
CA ASP A 270 32.30 22.80 14.50
C ASP A 270 33.26 21.99 15.37
N LEU A 271 33.52 22.49 16.58
CA LEU A 271 34.32 21.72 17.53
C LEU A 271 33.57 20.48 17.98
N ALA A 272 32.26 20.62 18.18
CA ALA A 272 31.43 19.51 18.67
C ALA A 272 31.36 18.37 17.65
N ARG A 273 31.29 18.75 16.37
CA ARG A 273 31.22 17.81 15.28
C ARG A 273 32.41 16.83 15.28
N VAL A 274 33.60 17.39 15.42
CA VAL A 274 34.84 16.63 15.51
C VAL A 274 34.76 15.60 16.66
N VAL A 275 34.28 16.05 17.81
CA VAL A 275 34.18 15.15 18.95
C VAL A 275 33.18 14.05 18.67
N MET A 276 32.02 14.43 18.14
CA MET A 276 30.95 13.47 17.92
C MET A 276 31.40 12.44 16.89
N ASP A 277 32.07 12.89 15.83
CA ASP A 277 32.62 11.92 14.85
C ASP A 277 33.58 10.92 15.52
N ASP A 278 34.43 11.41 16.42
CA ASP A 278 35.28 10.50 17.19
C ASP A 278 34.43 9.52 18.01
N LEU A 279 33.39 10.02 18.66
CA LEU A 279 32.61 9.18 19.56
C LEU A 279 31.85 8.07 18.83
N LEU A 280 31.48 8.27 17.58
CA LEU A 280 30.62 7.30 16.92
C LEU A 280 31.38 6.44 15.91
N ALA A 281 32.64 6.83 15.62
CA ALA A 281 33.50 6.02 14.77
C ALA A 281 33.70 4.65 15.42
N PRO A 282 34.15 3.65 14.65
CA PRO A 282 34.30 2.31 15.26
C PRO A 282 35.08 2.40 16.57
N SER A 283 34.65 1.64 17.58
CA SER A 283 35.11 1.86 18.92
C SER A 283 36.22 0.90 19.36
N LEU A 284 37.23 1.50 19.99
CA LEU A 284 38.34 0.77 20.60
C LEU A 284 37.96 0.38 22.02
N LEU A 285 37.78 -0.93 22.26
CA LEU A 285 37.38 -1.41 23.58
C LEU A 285 38.46 -2.31 24.21
N ASP A 286 39.11 -1.80 25.27
CA ASP A 286 40.16 -2.53 25.97
C ASP A 286 39.57 -3.57 26.93
N VAL A 287 39.74 -4.84 26.59
CA VAL A 287 39.19 -5.92 27.41
C VAL A 287 40.28 -6.63 28.23
N GLY A 288 41.43 -5.97 28.38
CA GLY A 288 42.53 -6.53 29.13
C GLY A 288 43.62 -7.02 28.20
N ASP A 289 43.45 -8.21 27.63
CA ASP A 289 44.47 -8.74 26.72
C ASP A 289 44.57 -7.93 25.43
N TYR A 290 43.40 -7.52 24.91
CA TYR A 290 43.33 -6.83 23.63
C TYR A 290 42.49 -5.56 23.69
N LYS A 291 42.74 -4.66 22.74
CA LYS A 291 41.73 -3.65 22.39
C LYS A 291 41.07 -4.17 21.12
N ILE A 292 39.76 -4.39 21.17
CA ILE A 292 39.01 -4.90 20.02
C ILE A 292 38.19 -3.79 19.39
N VAL A 293 37.87 -3.94 18.11
CA VAL A 293 37.13 -2.92 17.38
C VAL A 293 35.64 -3.21 17.45
N VAL A 294 34.86 -2.26 17.96
CA VAL A 294 33.40 -2.42 17.99
C VAL A 294 32.69 -1.41 17.09
N GLU A 295 32.21 -1.87 15.94
CA GLU A 295 31.61 -1.00 14.93
C GLU A 295 30.16 -0.58 15.25
N GLU A 296 29.44 -1.47 15.92
CA GLU A 296 28.00 -1.30 16.08
C GLU A 296 27.60 -1.26 17.55
N GLY A 297 26.33 -0.93 17.82
CA GLY A 297 25.86 -0.83 19.19
C GLY A 297 26.25 0.50 19.81
N LEU A 298 25.78 0.74 21.03
CA LEU A 298 26.09 1.98 21.73
C LEU A 298 27.42 1.87 22.49
N PRO A 299 28.36 2.79 22.21
CA PRO A 299 29.57 2.95 23.03
C PRO A 299 29.24 3.88 24.19
N SER A 300 29.26 3.37 25.42
CA SER A 300 28.78 4.17 26.55
C SER A 300 29.91 4.83 27.35
N GLY A 301 29.62 5.24 28.58
CA GLY A 301 30.66 5.71 29.48
C GLY A 301 31.15 7.14 29.28
N CYS A 302 30.64 7.82 28.26
CA CYS A 302 30.94 9.24 28.09
C CYS A 302 29.92 10.07 28.89
N PRO A 303 30.25 11.34 29.17
CA PRO A 303 29.33 12.26 29.86
C PRO A 303 27.90 12.21 29.33
N CYS A 304 27.71 12.62 28.08
CA CYS A 304 26.37 12.76 27.54
C CYS A 304 25.83 11.52 26.84
N THR A 305 26.40 10.36 27.17
CA THR A 305 25.90 9.10 26.62
C THR A 305 24.39 8.96 26.85
N THR A 306 23.97 9.13 28.10
CA THR A 306 22.58 8.85 28.44
C THR A 306 21.63 9.72 27.63
N GLN A 307 22.03 10.96 27.37
CA GLN A 307 21.20 11.83 26.57
C GLN A 307 21.23 11.38 25.11
N LEU A 308 22.43 11.11 24.59
CA LEU A 308 22.56 10.58 23.24
C LEU A 308 21.68 9.34 23.05
N ASN A 309 21.73 8.44 24.02
CA ASN A 309 20.99 7.18 23.97
C ASN A 309 19.47 7.42 24.04
N SER A 310 19.06 8.39 24.84
CA SER A 310 17.64 8.75 25.01
C SER A 310 17.12 9.36 23.72
N LEU A 311 17.97 10.16 23.10
CA LEU A 311 17.66 10.80 21.85
C LEU A 311 17.42 9.73 20.76
N ALA A 312 18.32 8.77 20.65
CA ALA A 312 18.14 7.68 19.69
C ALA A 312 16.80 6.97 19.96
N HIS A 313 16.55 6.71 21.23
CA HIS A 313 15.34 6.00 21.61
C HIS A 313 14.11 6.79 21.09
N TRP A 314 14.11 8.08 21.40
CA TRP A 314 13.07 8.98 20.93
C TRP A 314 12.92 8.87 19.40
N ILE A 315 14.02 8.95 18.66
CA ILE A 315 13.96 8.77 17.20
C ILE A 315 13.28 7.45 16.80
N LEU A 316 13.75 6.35 17.37
CA LEU A 316 13.21 5.03 17.01
C LEU A 316 11.73 4.91 17.36
N THR A 317 11.40 5.31 18.58
CA THR A 317 10.01 5.26 19.04
C THR A 317 9.10 6.06 18.11
N LEU A 318 9.52 7.28 17.75
CA LEU A 318 8.71 8.09 16.86
C LEU A 318 8.64 7.46 15.47
N CYS A 319 9.75 6.90 15.00
CA CYS A 319 9.75 6.21 13.72
C CYS A 319 8.68 5.10 13.67
N ALA A 320 8.67 4.24 14.67
CA ALA A 320 7.74 3.13 14.71
C ALA A 320 6.29 3.62 14.73
N MET A 321 5.98 4.57 15.61
CA MET A 321 4.63 5.12 15.65
C MET A 321 4.24 5.81 14.33
N VAL A 322 5.18 6.54 13.73
CA VAL A 322 4.88 7.21 12.46
C VAL A 322 4.68 6.18 11.36
N GLU A 323 5.54 5.16 11.33
CA GLU A 323 5.39 4.08 10.36
C GLU A 323 4.00 3.49 10.49
N VAL A 324 3.63 3.15 11.72
CA VAL A 324 2.40 2.39 11.91
C VAL A 324 1.12 3.22 11.72
N THR A 325 1.03 4.39 12.37
CA THR A 325 -0.20 5.19 12.34
C THR A 325 -0.31 6.05 11.07
N ARG A 326 0.81 6.35 10.45
CA ARG A 326 0.84 7.24 9.27
C ARG A 326 0.61 8.71 9.62
N VAL A 327 0.60 9.01 10.93
CA VAL A 327 0.48 10.40 11.41
C VAL A 327 1.85 11.11 11.38
N ASP A 328 1.88 12.41 11.03
CA ASP A 328 3.14 13.17 11.04
C ASP A 328 3.77 13.16 12.44
N PRO A 329 5.10 12.96 12.51
CA PRO A 329 5.80 12.92 13.80
C PRO A 329 5.53 14.13 14.69
N ASP A 330 5.48 15.33 14.11
CA ASP A 330 5.13 16.51 14.92
C ASP A 330 3.68 16.39 15.41
N ILE A 331 2.80 15.80 14.61
CA ILE A 331 1.43 15.56 15.10
C ILE A 331 1.38 14.44 16.14
N VAL A 332 2.20 13.40 15.96
CA VAL A 332 2.26 12.34 16.96
C VAL A 332 2.59 12.97 18.30
N MET A 333 3.47 13.98 18.25
CA MET A 333 3.90 14.66 19.47
C MET A 333 2.87 15.63 20.01
N GLN A 334 1.89 15.97 19.19
CA GLN A 334 0.77 16.77 19.73
C GLN A 334 -0.19 15.85 20.47
N GLU A 335 -0.17 14.56 20.11
CA GLU A 335 -1.16 13.61 20.61
C GLU A 335 -0.59 12.60 21.58
N SER A 336 0.62 12.86 22.11
CA SER A 336 1.31 11.90 22.95
C SER A 336 2.24 12.56 23.96
N GLU A 337 2.57 11.83 25.02
CA GLU A 337 3.61 12.23 25.97
C GLU A 337 4.61 11.07 26.12
N PHE A 338 5.90 11.36 25.93
CA PHE A 338 6.94 10.33 26.05
C PHE A 338 7.77 10.54 27.32
N SER A 339 8.33 9.44 27.83
CA SER A 339 9.43 9.55 28.78
C SER A 339 10.48 8.54 28.38
N PHE A 340 11.70 9.05 28.21
CA PHE A 340 12.84 8.25 27.82
C PHE A 340 13.97 8.49 28.82
N TYR A 341 14.62 7.39 29.24
CA TYR A 341 15.84 7.53 30.02
C TYR A 341 16.76 6.39 29.61
N GLY A 342 17.61 6.65 28.63
CA GLY A 342 18.37 5.56 28.03
C GLY A 342 17.40 4.54 27.44
N ASP A 343 17.52 3.28 27.83
CA ASP A 343 16.56 2.30 27.32
C ASP A 343 15.19 2.35 28.03
N ASP A 344 15.07 3.14 29.09
CA ASP A 344 13.81 3.17 29.84
C ASP A 344 12.75 4.10 29.21
N GLU A 345 11.50 3.62 29.13
CA GLU A 345 10.47 4.37 28.42
C GLU A 345 9.06 4.15 28.94
N VAL A 346 8.27 5.20 28.84
CA VAL A 346 6.83 5.11 29.02
C VAL A 346 6.28 5.89 27.85
N VAL A 347 5.37 5.28 27.09
CA VAL A 347 4.77 6.00 25.97
C VAL A 347 3.25 6.12 26.15
N SER A 348 2.75 7.35 26.10
CA SER A 348 1.32 7.62 26.26
C SER A 348 0.83 8.39 25.03
N THR A 349 -0.39 8.09 24.59
CA THR A 349 -0.84 8.64 23.32
C THR A 349 -2.35 8.54 23.18
N ASN A 350 -2.93 9.46 22.41
CA ASN A 350 -4.34 9.43 22.10
C ASN A 350 -4.63 8.61 20.86
N LEU A 351 -3.59 8.42 20.03
CA LEU A 351 -3.70 7.74 18.76
C LEU A 351 -4.02 6.26 18.91
N GLU A 352 -4.65 5.72 17.88
CA GLU A 352 -5.02 4.32 17.83
C GLU A 352 -3.88 3.59 17.12
N LEU A 353 -3.10 2.87 17.92
CA LEU A 353 -1.88 2.22 17.47
C LEU A 353 -2.06 0.69 17.42
N ASP A 354 -1.94 0.16 16.22
CA ASP A 354 -1.96 -1.28 15.99
C ASP A 354 -0.72 -1.85 16.66
N MET A 355 -0.90 -2.54 17.79
CA MET A 355 0.22 -2.98 18.61
C MET A 355 1.00 -4.12 17.94
N VAL A 356 0.35 -4.85 17.04
CA VAL A 356 1.04 -5.86 16.26
C VAL A 356 2.02 -5.20 15.29
N LYS A 357 1.51 -4.27 14.49
CA LYS A 357 2.37 -3.54 13.58
C LYS A 357 3.47 -2.74 14.32
N TYR A 358 3.15 -2.16 15.47
CA TYR A 358 4.15 -1.46 16.28
C TYR A 358 5.29 -2.37 16.76
N THR A 359 4.92 -3.50 17.36
CA THR A 359 5.91 -4.45 17.85
C THR A 359 6.80 -4.91 16.70
N MET A 360 6.20 -5.16 15.54
CA MET A 360 7.00 -5.59 14.40
C MET A 360 7.89 -4.50 13.81
N ALA A 361 7.42 -3.25 13.82
CA ALA A 361 8.29 -2.18 13.32
C ALA A 361 9.55 -2.16 14.17
N LEU A 362 9.36 -2.22 15.49
CA LEU A 362 10.49 -2.17 16.43
C LEU A 362 11.48 -3.28 16.14
N ARG A 363 10.95 -4.50 16.05
CA ARG A 363 11.77 -5.68 15.81
C ARG A 363 12.55 -5.52 14.50
N ARG A 364 11.90 -4.94 13.51
CA ARG A 364 12.52 -4.73 12.22
C ARG A 364 13.74 -3.84 12.34
N TYR A 365 13.71 -2.88 13.27
CA TYR A 365 14.86 -2.00 13.48
C TYR A 365 15.96 -2.71 14.26
N GLY A 366 15.73 -3.99 14.58
CA GLY A 366 16.68 -4.78 15.35
C GLY A 366 16.54 -4.66 16.87
N LEU A 367 15.47 -4.01 17.33
CA LEU A 367 15.24 -3.91 18.76
C LEU A 367 14.55 -5.17 19.28
N LEU A 368 14.59 -5.34 20.60
CA LEU A 368 14.02 -6.52 21.21
C LEU A 368 13.04 -6.10 22.32
N PRO A 369 11.87 -5.63 21.92
CA PRO A 369 10.80 -5.29 22.86
C PRO A 369 10.29 -6.57 23.51
N THR A 370 9.77 -6.51 24.74
CA THR A 370 9.27 -7.71 25.39
C THR A 370 8.01 -7.44 26.21
N ARG A 371 7.05 -8.38 26.13
CA ARG A 371 5.85 -8.34 26.97
C ARG A 371 6.24 -8.57 28.42
N ALA A 372 5.52 -7.92 29.35
CA ALA A 372 5.73 -8.15 30.78
C ALA A 372 5.75 -9.66 31.13
N ASP A 373 4.90 -10.43 30.47
CA ASP A 373 4.98 -11.90 30.54
C ASP A 373 5.92 -12.39 29.41
N LYS A 374 5.40 -13.19 28.49
CA LYS A 374 6.08 -13.41 27.21
C LYS A 374 5.17 -13.99 26.13
N GLU A 375 5.68 -14.02 24.89
CA GLU A 375 5.09 -14.71 23.73
C GLU A 375 4.73 -13.74 22.62
N GLU A 376 5.76 -13.43 21.84
CA GLU A 376 5.82 -12.24 20.98
C GLU A 376 5.32 -12.44 19.56
N GLY A 377 4.06 -12.08 19.37
CA GLY A 377 3.25 -11.59 20.48
C GLY A 377 3.36 -10.11 20.72
N PRO A 378 2.27 -9.37 20.47
CA PRO A 378 2.35 -7.91 20.45
C PRO A 378 2.56 -7.33 21.85
N LEU A 379 3.16 -6.15 21.91
CA LEU A 379 3.29 -5.42 23.16
C LEU A 379 1.90 -5.07 23.69
N GLU A 380 1.82 -4.77 24.99
CA GLU A 380 0.56 -4.38 25.61
C GLU A 380 0.26 -2.89 25.41
N ARG A 381 -1.03 -2.57 25.47
CA ARG A 381 -1.48 -1.19 25.47
C ARG A 381 -2.54 -1.14 26.54
N ARG A 382 -2.48 -0.17 27.44
CA ARG A 382 -3.43 -0.10 28.54
C ARG A 382 -4.09 1.25 28.54
N GLN A 383 -5.18 1.37 29.29
CA GLN A 383 -5.89 2.64 29.37
C GLN A 383 -5.74 3.32 30.70
N THR A 384 -4.86 2.79 31.54
CA THR A 384 -4.48 3.52 32.73
C THR A 384 -2.97 3.54 32.84
N LEU A 385 -2.49 4.57 33.52
CA LEU A 385 -1.08 4.70 33.79
C LEU A 385 -0.66 3.74 34.91
N GLN A 386 -1.55 3.55 35.88
CA GLN A 386 -1.24 2.71 37.04
C GLN A 386 -0.59 1.41 36.62
N GLY A 387 0.53 1.06 37.24
CA GLY A 387 1.10 -0.25 37.02
C GLY A 387 2.20 -0.26 35.97
N ILE A 388 2.36 0.87 35.29
CA ILE A 388 3.50 1.03 34.42
C ILE A 388 4.67 1.44 35.31
N SER A 389 5.91 1.16 34.89
CA SER A 389 7.08 1.46 35.72
C SER A 389 8.00 2.43 35.03
N PHE A 390 8.89 3.08 35.80
CA PHE A 390 9.85 4.01 35.21
C PHE A 390 10.92 4.32 36.22
N LEU A 391 12.17 4.34 35.78
CA LEU A 391 13.30 4.40 36.70
C LEU A 391 13.10 3.49 37.93
N ARG A 392 12.69 2.25 37.69
CA ARG A 392 12.59 1.24 38.75
C ARG A 392 11.48 1.50 39.78
N ARG A 393 10.62 2.49 39.53
CA ARG A 393 9.48 2.76 40.41
C ARG A 393 8.16 2.42 39.72
N ALA A 394 7.19 1.95 40.50
CA ALA A 394 5.87 1.74 39.96
C ALA A 394 5.17 3.10 39.97
N ILE A 395 4.44 3.41 38.89
CA ILE A 395 3.70 4.66 38.83
C ILE A 395 2.38 4.44 39.52
N VAL A 396 2.09 5.26 40.52
CA VAL A 396 0.86 5.10 41.31
C VAL A 396 0.05 6.40 41.30
N GLY A 397 -1.26 6.27 41.30
CA GLY A 397 -2.13 7.43 41.30
C GLY A 397 -3.20 7.35 42.38
N ASP A 398 -3.42 8.48 43.06
CA ASP A 398 -4.55 8.58 43.97
C ASP A 398 -5.19 9.96 43.91
N GLN A 399 -6.08 10.23 44.85
N GLN A 399 -6.08 10.26 44.85
CA GLN A 399 -6.81 11.48 44.87
CA GLN A 399 -6.81 11.52 44.78
C GLN A 399 -5.88 12.69 44.91
C GLN A 399 -5.91 12.74 44.99
N PHE A 400 -4.66 12.50 45.40
CA PHE A 400 -3.73 13.62 45.54
C PHE A 400 -2.89 13.83 44.29
N GLY A 401 -2.69 12.75 43.53
CA GLY A 401 -1.84 12.82 42.36
C GLY A 401 -1.10 11.52 42.04
N TRP A 402 -0.22 11.62 41.05
CA TRP A 402 0.59 10.51 40.60
C TRP A 402 1.93 10.57 41.31
N TYR A 403 2.55 9.41 41.48
CA TYR A 403 3.89 9.36 42.06
C TYR A 403 4.63 8.08 41.70
N GLY A 404 5.94 8.07 41.90
CA GLY A 404 6.72 6.86 41.70
C GLY A 404 6.90 6.18 43.04
N ARG A 405 6.68 4.88 43.09
CA ARG A 405 6.84 4.15 44.35
C ARG A 405 7.72 2.89 44.17
N LEU A 406 8.79 2.83 44.94
CA LEU A 406 9.64 1.65 44.96
C LEU A 406 8.83 0.46 45.49
N ASP A 407 8.87 -0.67 44.79
CA ASP A 407 8.16 -1.87 45.26
C ASP A 407 8.77 -2.41 46.54
N ARG A 408 8.00 -3.25 47.24
CA ARG A 408 8.41 -3.78 48.54
C ARG A 408 9.65 -4.66 48.44
N ALA A 409 9.69 -5.48 47.39
CA ALA A 409 10.83 -6.35 47.16
C ALA A 409 12.10 -5.52 47.23
N SER A 410 12.11 -4.43 46.47
CA SER A 410 13.27 -3.55 46.35
C SER A 410 13.59 -2.89 47.67
N ILE A 411 12.54 -2.51 48.39
CA ILE A 411 12.71 -1.92 49.72
C ILE A 411 13.30 -2.95 50.69
N ASP A 412 12.71 -4.15 50.69
CA ASP A 412 13.26 -5.26 51.46
C ASP A 412 14.73 -5.47 51.11
N ARG A 413 15.02 -5.47 49.82
CA ARG A 413 16.39 -5.69 49.36
C ARG A 413 17.42 -4.75 49.99
N GLN A 414 17.08 -3.47 50.08
CA GLN A 414 17.99 -2.46 50.62
C GLN A 414 18.14 -2.61 52.12
N LEU A 415 17.27 -3.42 52.71
CA LEU A 415 17.38 -3.73 54.13
C LEU A 415 18.38 -4.86 54.37
N LEU A 416 18.54 -5.74 53.38
CA LEU A 416 19.45 -6.89 53.49
C LEU A 416 20.88 -6.56 53.13
N TRP A 417 21.06 -5.47 52.38
CA TRP A 417 22.38 -5.15 51.85
C TRP A 417 22.73 -3.72 52.09
N THR A 418 24.02 -3.44 52.24
CA THR A 418 24.46 -2.07 52.37
C THR A 418 25.80 -1.88 51.65
N LYS A 419 26.06 -0.67 51.16
CA LYS A 419 27.33 -0.42 50.48
C LYS A 419 28.48 -0.10 51.43
N GLY A 420 29.69 -0.49 51.03
CA GLY A 420 30.89 -0.32 51.82
C GLY A 420 32.07 -0.62 50.92
N PRO A 421 33.28 -0.67 51.49
CA PRO A 421 34.45 -0.91 50.64
C PRO A 421 34.38 -2.26 49.92
N ASN A 422 35.11 -2.39 48.81
CA ASN A 422 35.19 -3.67 48.11
C ASN A 422 35.73 -4.77 48.99
N HIS A 423 35.08 -5.92 48.93
CA HIS A 423 35.54 -7.13 49.63
C HIS A 423 35.17 -8.37 48.82
N GLN A 424 35.65 -9.54 49.25
CA GLN A 424 35.50 -10.74 48.44
C GLN A 424 34.28 -11.57 48.79
N ASN A 425 33.87 -11.59 50.06
CA ASN A 425 32.71 -12.37 50.46
C ASN A 425 31.49 -11.49 50.78
N PRO A 426 30.47 -11.54 49.90
CA PRO A 426 29.29 -10.68 50.06
C PRO A 426 28.54 -10.93 51.37
N PHE A 427 28.63 -12.16 51.87
CA PHE A 427 27.90 -12.52 53.09
C PHE A 427 28.47 -11.94 54.39
N GLU A 428 29.72 -11.48 54.36
CA GLU A 428 30.26 -10.73 55.50
C GLU A 428 29.39 -9.52 55.84
N THR A 429 29.24 -9.23 57.13
CA THR A 429 28.51 -8.04 57.53
C THR A 429 29.53 -6.96 57.80
N LEU A 430 29.19 -5.70 57.48
CA LEU A 430 30.03 -4.58 57.90
C LEU A 430 30.13 -4.60 59.44
N PRO A 431 31.37 -4.70 59.95
CA PRO A 431 31.70 -5.09 61.33
C PRO A 431 31.43 -4.00 62.36
N GLY A 432 31.57 -2.75 61.93
CA GLY A 432 31.30 -1.61 62.80
C GLY A 432 29.99 -0.99 62.40
N HIS A 433 28.98 -1.86 62.27
CA HIS A 433 27.67 -1.48 61.73
C HIS A 433 27.09 -0.22 62.35
N ALA A 434 27.67 0.92 61.95
CA ALA A 434 27.18 2.22 62.37
C ALA A 434 25.94 2.63 61.59
N GLN A 435 26.07 3.75 60.90
CA GLN A 435 24.91 4.48 60.43
C GLN A 435 24.75 4.51 58.91
N ARG A 436 23.58 4.06 58.45
CA ARG A 436 23.18 4.23 57.06
C ARG A 436 22.78 5.69 56.93
N PRO A 437 23.70 6.49 56.34
CA PRO A 437 24.08 7.78 56.91
C PRO A 437 23.62 8.04 58.39
N SER A 438 23.24 9.21 58.92
CA SER A 438 22.59 10.29 58.23
C SER A 438 21.29 9.77 57.62
N GLN A 439 21.07 10.10 56.36
CA GLN A 439 19.82 9.81 55.66
C GLN A 439 19.44 8.33 55.59
N LEU A 440 19.18 7.88 54.37
CA LEU A 440 18.74 6.51 54.13
C LEU A 440 17.51 6.11 54.98
N MET A 441 16.83 7.12 55.53
CA MET A 441 15.45 6.94 56.01
C MET A 441 14.60 7.35 54.80
N ALA A 442 15.23 7.33 53.64
CA ALA A 442 14.52 7.41 52.39
C ALA A 442 13.61 6.18 52.29
N LEU A 443 13.96 5.11 53.01
CA LEU A 443 13.03 4.00 53.28
C LEU A 443 12.38 4.45 54.57
N LEU A 444 11.16 4.01 54.85
CA LEU A 444 10.29 4.78 55.75
C LEU A 444 9.93 5.92 54.83
N GLY A 445 8.68 6.04 54.44
CA GLY A 445 8.38 7.02 53.40
C GLY A 445 9.09 6.51 52.17
N GLU A 446 8.33 5.83 51.33
CA GLU A 446 8.83 4.85 50.36
C GLU A 446 8.16 3.62 50.93
N ALA A 447 8.22 3.54 52.25
CA ALA A 447 7.82 2.35 52.95
C ALA A 447 6.76 2.37 54.04
N ALA A 448 6.22 3.48 54.57
CA ALA A 448 5.35 4.51 53.95
C ALA A 448 4.77 4.05 52.67
N MET A 449 4.00 4.94 52.02
CA MET A 449 3.63 4.75 50.61
C MET A 449 2.93 3.44 50.29
N HIS A 450 3.28 2.38 51.03
CA HIS A 450 2.60 1.09 50.91
C HIS A 450 1.63 0.88 52.07
N GLY A 451 1.44 1.90 52.89
CA GLY A 451 0.49 1.80 54.00
C GLY A 451 1.13 1.57 55.36
N GLU A 452 0.35 1.84 56.41
CA GLU A 452 0.84 1.75 57.79
C GLU A 452 1.32 0.34 58.16
N LYS A 453 0.62 -0.66 57.63
CA LYS A 453 0.93 -2.06 57.93
C LYS A 453 2.35 -2.44 57.52
N TYR A 454 2.69 -2.19 56.26
CA TYR A 454 4.04 -2.47 55.77
C TYR A 454 5.04 -1.48 56.36
N TYR A 455 4.64 -0.22 56.46
CA TYR A 455 5.50 0.80 57.06
C TYR A 455 5.98 0.41 58.46
N ARG A 456 5.07 -0.19 59.22
CA ARG A 456 5.38 -0.58 60.59
C ARG A 456 6.50 -1.61 60.61
N THR A 457 6.36 -2.63 59.77
CA THR A 457 7.35 -3.70 59.75
C THR A 457 8.70 -3.21 59.26
N VAL A 458 8.71 -2.19 58.41
CA VAL A 458 9.99 -1.64 57.95
C VAL A 458 10.66 -0.84 59.06
N ALA A 459 9.85 -0.27 59.95
CA ALA A 459 10.39 0.35 61.17
C ALA A 459 11.01 -0.71 62.09
N SER A 460 12.05 -1.31 61.55
CA SER A 460 12.96 -2.15 62.30
C SER A 460 14.27 -1.72 61.69
N ARG A 461 14.19 -0.50 61.16
CA ARG A 461 15.33 0.36 61.06
C ARG A 461 15.97 0.31 62.45
N VAL A 462 16.64 -0.79 62.77
CA VAL A 462 17.44 -0.81 63.98
C VAL A 462 18.91 -1.18 63.74
N SER A 463 19.76 -0.85 64.70
CA SER A 463 21.16 -0.51 64.39
C SER A 463 22.32 -1.32 65.03
N LYS A 464 23.29 -0.70 65.73
CA LYS A 464 23.20 0.62 66.34
C LYS A 464 24.45 1.47 66.18
N MET A 473 19.61 5.47 66.35
CA MET A 473 19.41 6.08 67.66
C MET A 473 18.85 7.52 67.52
N VAL A 474 17.54 7.64 67.39
CA VAL A 474 16.63 6.48 67.49
C VAL A 474 15.34 6.56 66.65
N VAL A 475 14.38 7.35 67.12
CA VAL A 475 12.97 7.34 66.67
C VAL A 475 12.69 8.28 65.50
N PRO A 476 11.39 8.49 65.18
CA PRO A 476 10.24 7.58 65.33
C PRO A 476 10.03 6.83 64.01
N ARG A 477 9.78 7.50 62.88
CA ARG A 477 9.45 8.91 62.78
C ARG A 477 8.00 8.86 62.34
N HIS A 478 7.35 7.83 62.86
CA HIS A 478 6.07 7.32 62.38
C HIS A 478 4.94 8.32 62.55
N ARG A 479 4.08 8.46 61.53
CA ARG A 479 4.10 7.63 60.33
C ARG A 479 3.38 8.37 59.21
N SER A 480 3.19 9.65 59.46
CA SER A 480 2.95 10.56 58.36
C SER A 480 4.32 11.18 58.02
N VAL A 481 5.21 10.24 57.75
CA VAL A 481 6.38 10.45 56.90
C VAL A 481 5.74 10.43 55.53
N LEU A 482 4.59 9.76 55.48
CA LEU A 482 3.79 9.67 54.28
C LEU A 482 3.48 11.08 53.78
N ARG A 483 3.01 11.95 54.66
CA ARG A 483 2.74 13.33 54.29
C ARG A 483 4.01 13.98 53.82
N TRP A 484 5.09 13.77 54.56
CA TRP A 484 6.38 14.34 54.18
C TRP A 484 6.90 13.87 52.81
N VAL A 485 6.81 12.58 52.51
CA VAL A 485 7.29 12.09 51.20
C VAL A 485 6.46 12.58 50.02
N ARG A 486 5.14 12.54 50.17
CA ARG A 486 4.28 12.88 49.05
C ARG A 486 4.25 14.38 48.73
N PHE A 487 4.32 15.22 49.76
CA PHE A 487 4.10 16.66 49.56
C PHE A 487 5.30 17.53 49.93
N GLY A 488 5.92 17.25 51.06
CA GLY A 488 7.24 17.80 51.40
C GLY A 488 7.33 19.33 51.51
N THR A 489 8.32 19.76 52.30
CA THR A 489 8.81 21.14 52.31
C THR A 489 7.70 22.23 52.30
N LEU B 2 -50.06 45.27 -6.29
CA LEU B 2 -48.79 44.70 -6.74
C LEU B 2 -47.54 45.41 -6.18
N PRO B 3 -47.22 45.16 -4.90
CA PRO B 3 -45.87 45.44 -4.38
C PRO B 3 -45.10 44.12 -4.23
N ARG B 4 -44.50 43.88 -3.06
CA ARG B 4 -43.66 42.69 -2.86
C ARG B 4 -43.88 42.09 -1.47
N PRO B 5 -44.47 40.86 -1.42
CA PRO B 5 -44.90 40.24 -0.15
C PRO B 5 -43.74 40.02 0.83
N SER B 6 -44.04 39.73 2.09
CA SER B 6 -43.00 39.70 3.13
C SER B 6 -43.10 38.41 3.94
N GLY B 7 -41.95 37.74 4.15
CA GLY B 7 -41.84 36.46 4.87
C GLY B 7 -43.00 36.30 5.83
N THR B 8 -43.35 35.06 6.20
CA THR B 8 -42.53 33.87 6.04
C THR B 8 -43.35 32.70 5.45
N TYR B 9 -42.68 31.74 4.78
CA TYR B 9 -43.38 30.55 4.24
C TYR B 9 -42.57 29.27 4.50
N ALA B 10 -43.18 28.33 5.23
CA ALA B 10 -42.51 27.08 5.61
C ALA B 10 -41.17 27.36 6.27
N GLY B 11 -41.13 28.34 7.17
CA GLY B 11 -39.92 28.64 7.90
C GLY B 11 -38.94 29.52 7.15
N LEU B 12 -39.20 29.72 5.85
CA LEU B 12 -38.25 30.45 5.01
C LEU B 12 -38.78 31.81 4.58
N PRO B 13 -37.88 32.78 4.35
CA PRO B 13 -38.27 34.16 3.97
C PRO B 13 -38.93 34.24 2.60
N ILE B 14 -40.03 34.97 2.51
CA ILE B 14 -40.71 35.22 1.24
C ILE B 14 -40.03 36.41 0.53
N ALA B 15 -39.80 36.27 -0.77
CA ALA B 15 -39.16 37.32 -1.55
C ALA B 15 -40.14 37.95 -2.53
N ASP B 16 -41.09 37.15 -3.00
CA ASP B 16 -41.97 37.61 -4.07
C ASP B 16 -43.09 36.60 -4.26
N TYR B 17 -44.05 36.95 -5.10
CA TYR B 17 -45.08 36.02 -5.51
C TYR B 17 -44.53 34.95 -6.44
N GLY B 18 -45.09 33.73 -6.33
CA GLY B 18 -44.67 32.62 -7.18
C GLY B 18 -45.29 32.71 -8.55
N ASP B 19 -44.70 31.98 -9.49
CA ASP B 19 -45.20 31.91 -10.86
C ASP B 19 -45.38 30.48 -11.30
N ALA B 20 -45.01 29.55 -10.42
CA ALA B 20 -44.99 28.14 -10.80
C ALA B 20 -46.38 27.59 -11.07
N PRO B 21 -46.46 26.67 -12.02
CA PRO B 21 -47.70 25.92 -12.26
C PRO B 21 -47.98 25.06 -11.03
N PRO B 22 -49.24 24.64 -10.88
CA PRO B 22 -49.66 23.80 -9.76
C PRO B 22 -48.92 22.47 -9.80
N LEU B 23 -48.64 21.89 -8.64
CA LEU B 23 -47.94 20.61 -8.56
C LEU B 23 -48.74 19.54 -9.29
N SER B 24 -48.06 18.53 -9.81
CA SER B 24 -48.74 17.50 -10.62
C SER B 24 -49.60 16.60 -9.76
N THR B 25 -50.75 16.20 -10.31
CA THR B 25 -51.60 15.26 -9.59
C THR B 25 -51.64 13.88 -10.26
N LYS B 26 -50.67 13.61 -11.13
CA LYS B 26 -50.68 12.40 -11.94
C LYS B 26 -49.38 11.62 -11.84
N THR B 27 -49.42 10.35 -12.19
CA THR B 27 -48.22 9.54 -12.16
C THR B 27 -47.95 9.04 -13.57
N MET B 28 -46.72 8.61 -13.81
CA MET B 28 -46.35 8.03 -15.10
C MET B 28 -46.35 6.51 -14.96
N PHE B 29 -46.61 6.02 -13.75
CA PHE B 29 -46.56 4.57 -13.49
C PHE B 29 -47.88 3.85 -13.72
N TRP B 30 -47.80 2.70 -14.39
CA TRP B 30 -48.96 1.86 -14.68
C TRP B 30 -48.72 0.45 -14.17
N ARG B 31 -49.74 -0.18 -13.58
CA ARG B 31 -49.63 -1.61 -13.30
C ARG B 31 -49.53 -2.40 -14.61
N THR B 32 -48.84 -3.54 -14.55
CA THR B 32 -48.61 -4.37 -15.73
C THR B 32 -49.59 -5.53 -15.78
N SER B 33 -50.59 -5.50 -14.89
CA SER B 33 -51.57 -6.57 -14.78
C SER B 33 -52.64 -6.12 -13.81
N PRO B 34 -53.88 -6.56 -14.05
CA PRO B 34 -55.02 -6.14 -13.23
C PRO B 34 -55.06 -6.83 -11.87
N GLU B 35 -54.36 -7.95 -11.74
CA GLU B 35 -54.38 -8.72 -10.49
C GLU B 35 -53.99 -7.84 -9.30
N LYS B 36 -54.58 -8.11 -8.14
CA LYS B 36 -54.31 -7.36 -6.93
C LYS B 36 -52.80 -7.37 -6.61
N LEU B 37 -52.31 -6.22 -6.16
CA LEU B 37 -50.92 -6.10 -5.76
C LEU B 37 -50.66 -6.99 -4.53
N PRO B 38 -49.41 -7.48 -4.39
CA PRO B 38 -49.03 -8.15 -3.14
C PRO B 38 -49.20 -7.21 -1.93
N PRO B 39 -49.48 -7.77 -0.74
CA PRO B 39 -49.54 -6.91 0.46
C PRO B 39 -48.15 -6.31 0.78
N GLY B 40 -48.10 -5.03 1.14
CA GLY B 40 -46.84 -4.36 1.43
C GLY B 40 -46.07 -3.92 0.20
N ALA B 41 -46.74 -3.98 -0.95
CA ALA B 41 -46.11 -3.63 -2.22
C ALA B 41 -45.92 -2.12 -2.35
N TRP B 42 -44.80 -1.71 -2.93
CA TRP B 42 -44.58 -0.31 -3.21
C TRP B 42 -45.61 0.20 -4.21
N GLU B 43 -45.95 1.48 -4.13
CA GLU B 43 -46.82 2.13 -5.11
C GLU B 43 -46.33 3.54 -5.42
N PRO B 44 -46.82 4.13 -6.52
CA PRO B 44 -46.51 5.52 -6.88
C PRO B 44 -46.85 6.47 -5.74
N ALA B 45 -45.93 7.39 -5.46
CA ALA B 45 -46.10 8.39 -4.39
C ALA B 45 -47.47 9.11 -4.45
N TYR B 46 -47.93 9.56 -3.29
CA TYR B 46 -49.20 10.27 -3.10
C TYR B 46 -49.44 11.38 -4.11
N LEU B 47 -50.66 11.44 -4.67
CA LEU B 47 -51.00 12.38 -5.72
C LEU B 47 -51.92 13.53 -5.29
N GLY B 48 -52.09 13.76 -4.00
CA GLY B 48 -52.82 14.93 -3.55
C GLY B 48 -54.32 14.70 -3.36
N SER B 49 -55.10 15.76 -3.53
CA SER B 49 -56.54 15.71 -3.24
C SER B 49 -57.32 14.75 -4.15
N LYS B 50 -56.93 14.66 -5.42
CA LYS B 50 -57.59 13.77 -6.37
C LYS B 50 -57.17 12.31 -6.25
N ASP B 51 -56.33 12.01 -5.28
CA ASP B 51 -55.79 10.64 -5.16
C ASP B 51 -56.85 9.71 -4.54
N GLU B 52 -57.30 8.73 -5.32
CA GLU B 52 -58.39 7.85 -4.93
C GLU B 52 -57.99 6.85 -3.86
N ARG B 53 -56.69 6.61 -3.66
CA ARG B 53 -56.23 5.58 -2.70
C ARG B 53 -56.35 5.98 -1.23
N VAL B 54 -56.42 7.28 -0.98
CA VAL B 54 -56.36 7.77 0.40
C VAL B 54 -56.65 9.25 0.38
N ASP B 55 -57.16 9.76 1.49
CA ASP B 55 -57.31 11.21 1.62
C ASP B 55 -56.24 11.71 2.58
N GLY B 56 -55.44 12.68 2.13
CA GLY B 56 -54.39 13.24 2.93
C GLY B 56 -54.31 14.74 2.75
N PRO B 57 -53.23 15.35 3.23
CA PRO B 57 -53.07 16.81 3.13
C PRO B 57 -52.88 17.23 1.67
N SER B 58 -52.93 18.53 1.41
CA SER B 58 -52.69 19.03 0.06
C SER B 58 -51.23 18.81 -0.32
N LEU B 59 -50.93 18.74 -1.62
CA LEU B 59 -49.55 18.63 -2.04
C LEU B 59 -48.75 19.84 -1.54
N GLN B 60 -49.40 20.99 -1.37
CA GLN B 60 -48.68 22.14 -0.85
C GLN B 60 -48.21 21.86 0.59
N GLN B 61 -49.04 21.18 1.36
CA GLN B 61 -48.70 20.84 2.74
C GLN B 61 -47.52 19.89 2.72
N VAL B 62 -47.62 18.87 1.88
CA VAL B 62 -46.55 17.89 1.73
C VAL B 62 -45.24 18.58 1.37
N MET B 63 -45.33 19.56 0.49
CA MET B 63 -44.11 20.28 0.13
C MET B 63 -43.59 21.12 1.29
N ARG B 64 -44.49 21.71 2.06
CA ARG B 64 -44.02 22.48 3.21
C ARG B 64 -43.22 21.59 4.15
N ASP B 65 -43.69 20.37 4.38
CA ASP B 65 -42.94 19.44 5.22
C ASP B 65 -41.52 19.25 4.70
N GLN B 66 -41.40 19.11 3.37
CA GLN B 66 -40.11 18.96 2.70
C GLN B 66 -39.22 20.18 2.91
N LEU B 67 -39.82 21.35 3.06
CA LEU B 67 -39.03 22.57 3.16
C LEU B 67 -38.40 22.77 4.55
N LYS B 68 -39.02 22.18 5.57
CA LYS B 68 -38.65 22.43 6.97
C LYS B 68 -37.14 22.38 7.28
N PRO B 69 -36.48 21.26 6.94
CA PRO B 69 -35.06 21.08 7.28
C PRO B 69 -34.19 22.20 6.71
N TYR B 70 -34.64 22.84 5.65
CA TYR B 70 -33.88 23.92 5.01
C TYR B 70 -33.77 25.16 5.89
N SER B 71 -34.69 25.29 6.84
CA SER B 71 -34.68 26.43 7.77
C SER B 71 -33.97 26.05 9.07
N GLU B 72 -33.76 24.75 9.30
CA GLU B 72 -33.01 24.29 10.47
C GLU B 72 -31.62 24.91 10.51
N PRO B 73 -31.10 25.17 11.72
CA PRO B 73 -29.74 25.70 11.81
C PRO B 73 -28.71 24.67 11.30
N ARG B 74 -27.61 25.16 10.72
CA ARG B 74 -26.54 24.31 10.22
C ARG B 74 -25.71 23.68 11.35
N GLY B 75 -25.03 22.58 11.04
CA GLY B 75 -24.02 22.04 11.95
C GLY B 75 -22.80 22.93 11.87
N LEU B 76 -21.67 22.49 12.44
CA LEU B 76 -20.48 23.32 12.43
C LEU B 76 -19.59 23.03 11.22
N LEU B 77 -18.87 24.06 10.80
CA LEU B 77 -17.83 23.89 9.82
C LEU B 77 -16.71 23.04 10.43
N PRO B 78 -16.07 22.18 9.63
CA PRO B 78 -14.86 21.48 10.13
C PRO B 78 -13.79 22.51 10.43
N PRO B 79 -12.80 22.14 11.25
CA PRO B 79 -11.75 23.12 11.62
C PRO B 79 -11.08 23.66 10.36
N GLN B 80 -10.77 24.95 10.36
CA GLN B 80 -10.41 25.62 9.12
C GLN B 80 -9.19 25.00 8.45
N GLU B 81 -8.16 24.69 9.24
CA GLU B 81 -6.90 24.22 8.65
C GLU B 81 -7.06 22.85 8.02
N ILE B 82 -7.80 21.97 8.71
CA ILE B 82 -8.18 20.70 8.13
C ILE B 82 -8.98 20.88 6.82
N LEU B 83 -10.04 21.68 6.88
CA LEU B 83 -10.85 21.92 5.70
C LEU B 83 -9.97 22.41 4.55
N ASP B 84 -9.04 23.32 4.84
CA ASP B 84 -8.12 23.81 3.81
C ASP B 84 -7.19 22.71 3.25
N ALA B 85 -6.66 21.87 4.13
CA ALA B 85 -5.80 20.78 3.69
C ALA B 85 -6.59 19.77 2.87
N VAL B 86 -7.81 19.50 3.32
CA VAL B 86 -8.66 18.52 2.63
C VAL B 86 -8.94 18.99 1.20
N CYS B 87 -9.41 20.24 1.06
CA CYS B 87 -9.61 20.83 -0.27
C CYS B 87 -8.38 20.82 -1.15
N ASP B 88 -7.24 21.22 -0.58
CA ASP B 88 -6.02 21.20 -1.36
C ASP B 88 -5.74 19.80 -1.86
N ALA B 89 -5.94 18.80 -0.98
CA ALA B 89 -5.63 17.42 -1.31
C ALA B 89 -6.57 16.91 -2.40
N ILE B 90 -7.83 17.30 -2.31
CA ILE B 90 -8.79 16.83 -3.30
C ILE B 90 -8.53 17.48 -4.65
N GLU B 91 -8.30 18.78 -4.65
CA GLU B 91 -8.00 19.52 -5.86
C GLU B 91 -6.73 18.96 -6.52
N ASN B 92 -5.69 18.73 -5.72
CA ASN B 92 -4.46 18.15 -6.25
C ASN B 92 -4.68 16.78 -6.90
N ARG B 93 -5.41 15.92 -6.20
CA ARG B 93 -5.74 14.61 -6.73
C ARG B 93 -6.43 14.71 -8.09
N LEU B 94 -7.38 15.63 -8.21
CA LEU B 94 -8.07 15.80 -9.48
C LEU B 94 -7.17 16.46 -10.55
N GLU B 95 -6.37 17.44 -10.13
CA GLU B 95 -5.39 18.04 -11.05
C GLU B 95 -4.55 16.93 -11.71
N ASN B 96 -4.04 16.02 -10.89
CA ASN B 96 -3.19 14.90 -11.33
C ASN B 96 -3.90 13.87 -12.20
N THR B 97 -5.23 13.84 -12.14
CA THR B 97 -5.92 12.73 -12.79
C THR B 97 -6.76 13.15 -13.99
N LEU B 98 -7.33 14.33 -13.95
CA LEU B 98 -8.29 14.72 -14.99
C LEU B 98 -7.59 15.27 -16.24
N GLU B 99 -8.07 14.85 -17.40
CA GLU B 99 -7.52 15.38 -18.65
C GLU B 99 -8.15 16.75 -18.98
N PRO B 100 -7.31 17.78 -19.14
CA PRO B 100 -7.84 19.12 -19.41
C PRO B 100 -8.74 19.11 -20.64
N GLN B 101 -9.81 19.90 -20.56
CA GLN B 101 -10.89 19.86 -21.54
C GLN B 101 -10.96 21.17 -22.31
N LYS B 102 -11.53 21.11 -23.51
CA LYS B 102 -11.83 22.33 -24.25
C LYS B 102 -13.11 22.96 -23.68
N PRO B 103 -13.21 24.29 -23.73
CA PRO B 103 -14.44 24.97 -23.29
C PRO B 103 -15.69 24.38 -23.97
N TRP B 104 -16.83 24.39 -23.31
CA TRP B 104 -18.07 24.03 -24.00
C TRP B 104 -18.65 25.22 -24.79
N THR B 105 -19.11 24.95 -26.01
CA THR B 105 -19.80 25.96 -26.81
C THR B 105 -21.26 26.08 -26.38
N PHE B 106 -21.92 27.11 -26.88
CA PHE B 106 -23.37 27.26 -26.75
C PHE B 106 -24.06 26.05 -27.36
N LYS B 107 -23.57 25.64 -28.53
CA LYS B 107 -24.08 24.47 -29.21
C LYS B 107 -24.04 23.26 -28.28
N LYS B 108 -22.85 22.94 -27.78
CA LYS B 108 -22.68 21.75 -26.92
C LYS B 108 -23.62 21.79 -25.71
N ALA B 109 -23.57 22.92 -25.01
CA ALA B 109 -24.46 23.18 -23.88
C ALA B 109 -25.92 22.88 -24.24
N CYS B 110 -26.41 23.45 -25.33
CA CYS B 110 -27.82 23.27 -25.69
C CYS B 110 -28.08 21.82 -26.07
N GLU B 111 -27.15 21.21 -26.78
CA GLU B 111 -27.36 19.82 -27.14
C GLU B 111 -27.48 18.93 -25.91
N SER B 112 -26.77 19.27 -24.83
CA SER B 112 -26.73 18.39 -23.64
C SER B 112 -27.98 18.43 -22.76
N LEU B 113 -28.77 19.51 -22.86
CA LEU B 113 -30.01 19.58 -22.08
C LEU B 113 -30.95 18.43 -22.43
N ASP B 114 -31.60 17.87 -21.40
CA ASP B 114 -32.67 16.91 -21.57
C ASP B 114 -33.91 17.65 -22.11
N LYS B 115 -34.30 17.36 -23.33
CA LYS B 115 -35.36 18.14 -23.96
C LYS B 115 -36.72 17.71 -23.44
N ASN B 116 -36.75 16.58 -22.72
CA ASN B 116 -38.00 16.03 -22.21
C ASN B 116 -38.41 16.57 -20.85
N THR B 117 -37.79 17.66 -20.43
CA THR B 117 -38.12 18.28 -19.15
C THR B 117 -38.47 19.75 -19.30
N SER B 118 -39.11 20.30 -18.27
CA SER B 118 -39.53 21.70 -18.29
C SER B 118 -38.33 22.64 -18.42
N SER B 119 -38.60 23.82 -18.98
CA SER B 119 -37.60 24.88 -19.08
C SER B 119 -37.60 25.65 -17.77
N GLY B 120 -38.65 25.47 -16.97
CA GLY B 120 -38.71 26.14 -15.69
C GLY B 120 -39.05 27.60 -15.86
N TYR B 121 -38.71 28.42 -14.88
CA TYR B 121 -39.00 29.84 -14.92
C TYR B 121 -38.36 30.50 -16.17
N PRO B 122 -39.10 31.41 -16.83
CA PRO B 122 -40.49 31.75 -16.52
C PRO B 122 -41.52 31.13 -17.46
N TYR B 123 -41.11 30.35 -18.46
CA TYR B 123 -42.09 29.85 -19.45
C TYR B 123 -42.64 28.46 -19.14
N HIS B 124 -41.91 27.72 -18.31
CA HIS B 124 -42.38 26.42 -17.82
C HIS B 124 -42.90 25.51 -18.92
N LYS B 125 -42.18 25.42 -20.03
CA LYS B 125 -42.58 24.51 -21.10
C LYS B 125 -41.58 23.38 -21.29
N GLN B 126 -42.05 22.26 -21.86
CA GLN B 126 -41.18 21.14 -22.16
C GLN B 126 -40.18 21.61 -23.20
N LYS B 127 -38.90 21.36 -22.97
CA LYS B 127 -37.88 21.93 -23.84
C LYS B 127 -38.10 21.50 -25.29
N SER B 128 -38.38 20.21 -25.48
CA SER B 128 -38.59 19.65 -26.81
C SER B 128 -39.52 20.52 -27.68
N LYS B 129 -40.56 21.08 -27.06
CA LYS B 129 -41.57 21.89 -27.75
C LYS B 129 -41.01 23.05 -28.59
N ASP B 130 -39.88 23.64 -28.17
CA ASP B 130 -39.31 24.79 -28.86
C ASP B 130 -37.93 24.45 -29.39
N TRP B 131 -37.65 23.16 -29.53
CA TRP B 131 -36.32 22.72 -29.94
C TRP B 131 -36.33 22.22 -31.37
N THR B 132 -35.61 22.92 -32.24
CA THR B 132 -35.60 22.61 -33.66
C THR B 132 -34.55 21.55 -33.96
N GLY B 133 -33.80 21.16 -32.93
CA GLY B 133 -32.68 20.25 -33.11
C GLY B 133 -31.37 21.02 -33.13
N SER B 134 -31.47 22.34 -33.33
CA SER B 134 -30.30 23.19 -33.36
C SER B 134 -30.54 24.51 -32.64
N ALA B 135 -31.73 24.72 -32.11
CA ALA B 135 -32.00 26.00 -31.46
C ALA B 135 -33.31 25.99 -30.71
N PHE B 136 -33.44 26.93 -29.79
CA PHE B 136 -34.73 27.16 -29.17
C PHE B 136 -35.30 28.36 -29.87
N ILE B 137 -36.57 28.32 -30.18
CA ILE B 137 -37.18 29.47 -30.81
C ILE B 137 -38.24 30.06 -29.88
N GLY B 138 -38.90 31.10 -30.33
CA GLY B 138 -39.84 31.77 -29.44
C GLY B 138 -39.12 32.12 -28.14
N ASP B 139 -39.89 32.26 -27.07
CA ASP B 139 -39.35 32.78 -25.82
C ASP B 139 -38.18 31.99 -25.24
N LEU B 140 -38.14 30.67 -25.46
CA LEU B 140 -37.04 29.87 -24.96
C LEU B 140 -35.75 30.26 -25.68
N GLY B 141 -35.86 30.50 -26.99
CA GLY B 141 -34.74 30.97 -27.78
C GLY B 141 -34.19 32.26 -27.19
N ASP B 142 -35.09 33.16 -26.80
CA ASP B 142 -34.66 34.42 -26.21
C ASP B 142 -33.99 34.20 -24.84
N GLN B 143 -34.60 33.38 -24.00
CA GLN B 143 -34.01 33.01 -22.71
C GLN B 143 -32.61 32.42 -22.85
N ALA B 144 -32.45 31.46 -23.75
CA ALA B 144 -31.16 30.80 -23.92
C ALA B 144 -30.10 31.79 -24.42
N THR B 145 -30.47 32.55 -25.43
CA THR B 145 -29.53 33.46 -26.05
C THR B 145 -29.11 34.54 -25.07
N HIS B 146 -30.08 35.10 -24.35
CA HIS B 146 -29.72 36.09 -23.35
C HIS B 146 -28.77 35.50 -22.29
N ALA B 147 -29.09 34.31 -21.80
CA ALA B 147 -28.27 33.64 -20.79
C ALA B 147 -26.86 33.36 -21.31
N ASN B 148 -26.78 32.87 -22.55
CA ASN B 148 -25.50 32.59 -23.15
C ASN B 148 -24.60 33.84 -23.23
N ASN B 149 -25.19 34.97 -23.64
CA ASN B 149 -24.47 36.24 -23.71
C ASN B 149 -23.97 36.63 -22.32
N MET B 150 -24.86 36.59 -21.34
CA MET B 150 -24.48 36.90 -19.97
C MET B 150 -23.31 36.00 -19.56
N TYR B 151 -23.39 34.72 -19.93
CA TYR B 151 -22.29 33.81 -19.62
C TYR B 151 -20.99 34.35 -20.21
N GLU B 152 -20.97 34.58 -21.52
CA GLU B 152 -19.75 35.03 -22.20
C GLU B 152 -19.22 36.37 -21.66
N MET B 153 -20.10 37.18 -21.09
CA MET B 153 -19.65 38.45 -20.54
C MET B 153 -19.31 38.39 -19.04
N GLY B 154 -19.41 37.22 -18.43
CA GLY B 154 -19.15 37.10 -17.00
C GLY B 154 -20.05 38.01 -16.17
N LYS B 155 -21.33 38.10 -16.55
CA LYS B 155 -22.29 38.90 -15.80
C LYS B 155 -23.26 38.02 -15.02
N SER B 156 -23.54 38.42 -13.80
CA SER B 156 -24.41 37.65 -12.93
C SER B 156 -25.87 37.64 -13.38
N MET B 157 -26.49 36.48 -13.21
CA MET B 157 -27.93 36.31 -13.35
C MET B 157 -28.39 35.51 -12.12
N ARG B 158 -29.58 35.81 -11.62
CA ARG B 158 -30.08 35.16 -10.41
C ARG B 158 -30.93 33.95 -10.75
N PRO B 159 -30.49 32.75 -10.38
CA PRO B 159 -31.30 31.57 -10.72
C PRO B 159 -32.68 31.61 -10.04
N ILE B 160 -33.67 31.07 -10.74
CA ILE B 160 -34.99 30.88 -10.13
C ILE B 160 -35.36 29.41 -10.25
N TYR B 161 -35.43 28.72 -9.12
CA TYR B 161 -35.77 27.31 -9.13
C TYR B 161 -37.27 27.18 -8.96
N THR B 162 -37.81 26.08 -9.47
CA THR B 162 -39.23 25.81 -9.40
C THR B 162 -39.41 24.52 -8.62
N ALA B 163 -40.12 24.58 -7.51
CA ALA B 163 -40.27 23.41 -6.65
C ALA B 163 -41.19 22.38 -7.30
N ALA B 164 -40.89 21.09 -7.07
CA ALA B 164 -41.73 20.01 -7.54
C ALA B 164 -41.64 18.86 -6.56
N LEU B 165 -42.54 17.88 -6.70
CA LEU B 165 -42.56 16.70 -5.84
C LEU B 165 -42.34 15.46 -6.70
N LYS B 166 -41.39 14.60 -6.31
CA LYS B 166 -40.96 13.48 -7.15
C LYS B 166 -42.00 12.36 -7.33
N ASP B 167 -42.34 12.08 -8.59
CA ASP B 167 -43.21 10.97 -8.95
C ASP B 167 -42.34 9.73 -9.05
N GLU B 168 -42.51 8.81 -8.08
CA GLU B 168 -41.68 7.60 -8.00
C GLU B 168 -42.40 6.56 -7.14
N LEU B 169 -41.99 5.31 -7.27
CA LEU B 169 -42.48 4.26 -6.36
C LEU B 169 -41.97 4.51 -4.94
N VAL B 170 -42.82 4.25 -3.94
CA VAL B 170 -42.45 4.38 -2.54
C VAL B 170 -43.05 3.26 -1.67
N LYS B 171 -42.46 3.04 -0.50
CA LYS B 171 -43.08 2.22 0.54
C LYS B 171 -44.51 2.66 0.81
N PRO B 172 -45.43 1.69 0.94
CA PRO B 172 -46.84 1.94 1.25
C PRO B 172 -47.06 2.93 2.41
N ASP B 173 -46.16 2.91 3.38
CA ASP B 173 -46.31 3.79 4.54
C ASP B 173 -46.32 5.28 4.15
N LYS B 174 -45.52 5.64 3.15
CA LYS B 174 -45.41 7.03 2.69
C LYS B 174 -46.68 7.50 1.99
N ILE B 175 -47.59 6.56 1.79
CA ILE B 175 -48.88 6.79 1.16
C ILE B 175 -50.00 6.62 2.20
N TYR B 176 -49.99 5.48 2.88
CA TYR B 176 -51.08 5.16 3.81
C TYR B 176 -50.76 5.47 5.28
N GLY B 177 -49.51 5.82 5.56
CA GLY B 177 -49.13 6.31 6.87
C GLY B 177 -48.86 7.81 6.83
N LYS B 178 -47.74 8.24 7.41
CA LYS B 178 -47.31 9.64 7.29
C LYS B 178 -46.93 9.91 5.84
N ILE B 179 -47.77 10.65 5.14
CA ILE B 179 -47.55 10.90 3.70
C ILE B 179 -46.28 11.71 3.45
N LYS B 180 -45.35 11.15 2.68
CA LYS B 180 -44.14 11.87 2.29
C LYS B 180 -43.89 11.82 0.78
N LYS B 181 -43.36 12.91 0.21
CA LYS B 181 -43.07 12.98 -1.21
C LYS B 181 -41.87 13.90 -1.45
N ARG B 182 -40.88 13.41 -2.19
CA ARG B 182 -39.57 14.07 -2.25
C ARG B 182 -39.49 15.37 -3.07
N LEU B 183 -38.89 16.38 -2.46
CA LEU B 183 -38.75 17.71 -3.08
C LEU B 183 -37.74 17.71 -4.21
N LEU B 184 -38.12 18.33 -5.33
CA LEU B 184 -37.24 18.46 -6.48
C LEU B 184 -37.02 19.93 -6.73
N TRP B 185 -35.83 20.27 -7.20
CA TRP B 185 -35.52 21.63 -7.58
C TRP B 185 -35.45 21.71 -9.10
N GLY B 186 -36.34 22.50 -9.70
CA GLY B 186 -36.34 22.65 -11.13
C GLY B 186 -35.58 23.91 -11.49
N SER B 187 -34.47 23.72 -12.18
CA SER B 187 -33.66 24.85 -12.60
C SER B 187 -34.40 25.60 -13.70
N ASP B 188 -34.01 26.85 -13.93
CA ASP B 188 -34.52 27.59 -15.07
C ASP B 188 -33.57 27.38 -16.25
N LEU B 189 -34.08 27.57 -17.46
CA LEU B 189 -33.29 27.31 -18.66
C LEU B 189 -32.03 28.17 -18.73
N GLY B 190 -32.15 29.44 -18.34
CA GLY B 190 -30.97 30.29 -18.35
C GLY B 190 -29.83 29.71 -17.53
N THR B 191 -30.16 29.33 -16.31
CA THR B 191 -29.19 28.70 -15.42
C THR B 191 -28.61 27.41 -16.01
N MET B 192 -29.47 26.59 -16.62
CA MET B 192 -29.02 25.32 -17.21
C MET B 192 -27.95 25.54 -18.28
N ILE B 193 -28.17 26.53 -19.15
CA ILE B 193 -27.22 26.88 -20.19
C ILE B 193 -25.89 27.40 -19.63
N ARG B 194 -25.99 28.27 -18.63
CA ARG B 194 -24.78 28.84 -18.04
C ARG B 194 -24.00 27.75 -17.29
N ALA B 195 -24.70 26.89 -16.56
CA ALA B 195 -24.03 25.83 -15.77
C ALA B 195 -23.40 24.79 -16.71
N ALA B 196 -24.11 24.47 -17.79
CA ALA B 196 -23.61 23.53 -18.78
C ALA B 196 -22.32 24.04 -19.45
N ARG B 197 -22.30 25.28 -19.90
CA ARG B 197 -21.08 25.84 -20.51
C ARG B 197 -19.96 25.94 -19.47
N ALA B 198 -20.33 26.35 -18.26
CA ALA B 198 -19.32 26.58 -17.24
C ALA B 198 -18.69 25.25 -16.82
N PHE B 199 -19.53 24.25 -16.59
CA PHE B 199 -19.09 23.06 -15.88
C PHE B 199 -19.15 21.74 -16.64
N GLY B 200 -19.73 21.77 -17.83
CA GLY B 200 -19.74 20.61 -18.70
C GLY B 200 -18.37 19.99 -18.91
N PRO B 201 -17.34 20.81 -19.21
CA PRO B 201 -16.01 20.23 -19.45
C PRO B 201 -15.50 19.45 -18.23
N PHE B 202 -15.57 20.05 -17.04
CA PHE B 202 -15.11 19.39 -15.82
C PHE B 202 -15.89 18.11 -15.55
N CYS B 203 -17.21 18.18 -15.69
CA CYS B 203 -18.00 16.98 -15.45
C CYS B 203 -17.66 15.85 -16.44
N ASP B 204 -17.45 16.18 -17.72
CA ASP B 204 -16.95 15.17 -18.66
C ASP B 204 -15.62 14.57 -18.20
N ALA B 205 -14.63 15.42 -17.90
CA ALA B 205 -13.33 14.92 -17.48
C ALA B 205 -13.45 13.99 -16.26
N LEU B 206 -14.34 14.37 -15.35
CA LEU B 206 -14.57 13.59 -14.14
C LEU B 206 -15.17 12.23 -14.46
N LYS B 207 -16.03 12.18 -15.48
CA LYS B 207 -16.70 10.95 -15.89
C LYS B 207 -15.73 9.95 -16.53
N GLU B 208 -14.79 10.45 -17.33
CA GLU B 208 -13.76 9.59 -17.94
C GLU B 208 -12.85 9.01 -16.89
N THR B 209 -13.04 9.44 -15.64
CA THR B 209 -12.12 9.12 -14.58
C THR B 209 -12.82 8.34 -13.43
N CYS B 210 -14.02 7.82 -13.68
CA CYS B 210 -14.84 7.25 -12.61
C CYS B 210 -14.23 6.03 -11.89
N ILE B 211 -13.22 5.39 -12.49
CA ILE B 211 -12.56 4.29 -11.79
C ILE B 211 -11.39 4.78 -10.92
N PHE B 212 -10.60 5.71 -11.43
CA PHE B 212 -9.42 6.17 -10.67
C PHE B 212 -9.77 7.26 -9.63
N ASN B 213 -11.00 7.76 -9.67
CA ASN B 213 -11.42 8.76 -8.70
C ASN B 213 -12.70 8.39 -7.97
N PRO B 214 -12.87 8.89 -6.74
CA PRO B 214 -13.94 8.41 -5.85
C PRO B 214 -15.35 8.81 -6.29
N ILE B 215 -15.46 9.84 -7.13
CA ILE B 215 -16.77 10.24 -7.63
C ILE B 215 -17.15 9.31 -8.77
N ARG B 216 -18.10 8.40 -8.48
CA ARG B 216 -18.42 7.30 -9.35
C ARG B 216 -19.52 7.61 -10.35
N VAL B 217 -19.83 8.90 -10.52
CA VAL B 217 -20.86 9.30 -11.48
C VAL B 217 -20.50 8.93 -12.91
N GLY B 218 -21.44 8.29 -13.60
CA GLY B 218 -21.20 7.83 -14.96
C GLY B 218 -20.67 6.40 -15.08
N MET B 219 -20.51 5.71 -13.95
CA MET B 219 -20.08 4.32 -13.93
C MET B 219 -21.20 3.38 -14.39
N SER B 220 -20.81 2.25 -14.97
CA SER B 220 -21.74 1.15 -15.22
C SER B 220 -21.58 0.10 -14.11
N MET B 221 -22.65 -0.22 -13.40
CA MET B 221 -22.53 -1.18 -12.32
C MET B 221 -21.96 -2.47 -12.85
N ASN B 222 -22.58 -2.97 -13.92
CA ASN B 222 -22.15 -4.21 -14.55
C ASN B 222 -20.71 -4.22 -15.05
N GLU B 223 -20.35 -3.22 -15.85
CA GLU B 223 -19.01 -3.18 -16.45
C GLU B 223 -17.92 -2.63 -15.51
N ASP B 224 -18.23 -1.59 -14.76
CA ASP B 224 -17.21 -0.96 -13.93
C ASP B 224 -17.17 -1.48 -12.49
N GLY B 225 -18.31 -1.92 -11.96
CA GLY B 225 -18.39 -2.44 -10.60
C GLY B 225 -17.27 -3.39 -10.19
N PRO B 226 -17.02 -4.43 -11.00
CA PRO B 226 -16.02 -5.36 -10.50
C PRO B 226 -14.66 -4.71 -10.30
N PHE B 227 -14.31 -3.71 -11.11
CA PHE B 227 -13.03 -3.05 -10.94
C PHE B 227 -13.03 -2.11 -9.74
N ILE B 228 -14.14 -1.40 -9.57
CA ILE B 228 -14.24 -0.48 -8.45
C ILE B 228 -14.22 -1.25 -7.15
N PHE B 229 -14.96 -2.34 -7.09
CA PHE B 229 -15.03 -3.16 -5.87
C PHE B 229 -13.70 -3.85 -5.58
N ALA B 230 -13.02 -4.28 -6.62
CA ALA B 230 -11.72 -4.91 -6.42
C ALA B 230 -10.76 -3.93 -5.74
N ARG B 231 -10.79 -2.67 -6.18
CA ARG B 231 -9.94 -1.63 -5.57
C ARG B 231 -10.32 -1.47 -4.09
N HIS B 232 -11.61 -1.33 -3.83
CA HIS B 232 -12.05 -1.20 -2.44
C HIS B 232 -11.48 -2.32 -1.56
N ALA B 233 -11.44 -3.53 -2.11
CA ALA B 233 -11.04 -4.73 -1.37
C ALA B 233 -9.53 -4.86 -1.21
N ASN B 234 -8.79 -3.85 -1.65
CA ASN B 234 -7.37 -3.79 -1.37
C ASN B 234 -7.14 -3.38 0.08
N PHE B 235 -8.20 -2.89 0.71
CA PHE B 235 -8.07 -2.28 2.02
C PHE B 235 -8.73 -3.14 3.10
N ARG B 236 -8.30 -2.93 4.34
CA ARG B 236 -8.71 -3.79 5.43
C ARG B 236 -10.14 -3.58 5.94
N TYR B 237 -10.54 -2.32 6.11
CA TYR B 237 -11.84 -2.01 6.73
C TYR B 237 -12.83 -1.34 5.79
N HIS B 238 -14.12 -1.68 5.91
CA HIS B 238 -15.14 -1.14 5.01
C HIS B 238 -16.37 -0.62 5.74
N MET B 239 -16.85 0.55 5.33
CA MET B 239 -18.06 1.14 5.94
C MET B 239 -18.94 1.87 4.91
N ASP B 240 -20.25 1.92 5.17
CA ASP B 240 -21.21 2.38 4.16
C ASP B 240 -22.31 3.35 4.64
N ALA B 241 -22.05 3.99 5.79
CA ALA B 241 -22.76 5.20 6.26
C ALA B 241 -24.29 5.30 6.09
N ASP B 242 -24.73 5.76 4.93
CA ASP B 242 -26.15 6.04 4.75
C ASP B 242 -26.54 7.29 5.53
N TYR B 243 -26.97 8.34 4.83
CA TYR B 243 -27.33 9.58 5.48
C TYR B 243 -28.82 9.83 5.29
N THR B 244 -29.49 10.48 6.25
CA THR B 244 -30.85 10.93 5.99
C THR B 244 -30.80 12.41 5.66
N ARG B 245 -31.68 12.85 4.78
CA ARG B 245 -31.79 14.26 4.42
C ARG B 245 -30.44 14.89 4.07
N TRP B 246 -29.63 14.17 3.32
CA TRP B 246 -28.34 14.73 2.97
C TRP B 246 -28.47 16.14 2.35
N ASP B 247 -29.31 16.28 1.32
CA ASP B 247 -29.36 17.56 0.61
C ASP B 247 -29.69 18.74 1.52
N SER B 248 -30.72 18.57 2.36
CA SER B 248 -31.17 19.68 3.19
C SER B 248 -30.22 20.00 4.33
N THR B 249 -29.36 19.05 4.70
CA THR B 249 -28.41 19.32 5.78
C THR B 249 -27.07 19.92 5.30
N GLN B 250 -26.87 20.03 3.99
CA GLN B 250 -25.61 20.62 3.50
C GLN B 250 -25.43 22.06 3.99
N GLN B 251 -24.16 22.46 4.11
CA GLN B 251 -23.79 23.82 4.44
C GLN B 251 -23.25 24.47 3.18
N ARG B 252 -23.76 25.66 2.85
CA ARG B 252 -23.29 26.40 1.67
C ARG B 252 -21.79 26.65 1.72
N ALA B 253 -21.28 26.86 2.93
CA ALA B 253 -19.86 27.07 3.12
C ALA B 253 -19.11 25.89 2.53
N ILE B 254 -19.60 24.68 2.80
CA ILE B 254 -18.95 23.49 2.27
C ILE B 254 -19.13 23.43 0.75
N LEU B 255 -20.36 23.69 0.30
CA LEU B 255 -20.65 23.67 -1.12
C LEU B 255 -19.74 24.64 -1.87
N LYS B 256 -19.49 25.80 -1.28
CA LYS B 256 -18.58 26.79 -1.88
C LYS B 256 -17.19 26.26 -2.08
N ARG B 257 -16.71 25.46 -1.14
CA ARG B 257 -15.42 24.81 -1.32
C ARG B 257 -15.47 23.83 -2.49
N ALA B 258 -16.53 23.02 -2.54
CA ALA B 258 -16.70 22.08 -3.64
C ALA B 258 -16.65 22.89 -4.94
N GLY B 259 -17.40 23.98 -4.96
CA GLY B 259 -17.45 24.87 -6.10
C GLY B 259 -16.09 25.45 -6.45
N ASP B 260 -15.28 25.78 -5.45
CA ASP B 260 -13.95 26.35 -5.74
C ASP B 260 -13.15 25.40 -6.61
N ILE B 261 -13.19 24.14 -6.23
CA ILE B 261 -12.45 23.10 -6.91
C ILE B 261 -12.91 22.93 -8.36
N MET B 262 -14.22 22.91 -8.58
CA MET B 262 -14.75 22.78 -9.95
C MET B 262 -14.31 23.98 -10.77
N VAL B 263 -14.45 25.17 -10.20
CA VAL B 263 -14.10 26.37 -10.93
C VAL B 263 -12.61 26.34 -11.32
N ARG B 264 -11.78 25.92 -10.36
CA ARG B 264 -10.34 25.93 -10.57
C ARG B 264 -9.94 24.90 -11.62
N LEU B 265 -10.72 23.83 -11.76
CA LEU B 265 -10.41 22.83 -12.78
C LEU B 265 -11.28 22.98 -14.04
N SER B 266 -11.85 24.17 -14.22
CA SER B 266 -12.61 24.42 -15.43
C SER B 266 -11.73 25.19 -16.40
N PRO B 267 -11.94 24.96 -17.71
CA PRO B 267 -11.17 25.58 -18.78
C PRO B 267 -11.45 27.10 -18.93
N GLU B 268 -12.57 27.58 -18.38
CA GLU B 268 -12.87 29.00 -18.34
C GLU B 268 -13.17 29.45 -16.90
N PRO B 269 -12.14 29.40 -16.03
CA PRO B 269 -12.31 29.59 -14.58
C PRO B 269 -13.00 30.92 -14.23
N ASP B 270 -12.68 31.96 -14.97
CA ASP B 270 -13.22 33.29 -14.67
C ASP B 270 -14.72 33.34 -14.92
N LEU B 271 -15.15 32.72 -16.02
CA LEU B 271 -16.57 32.70 -16.41
C LEU B 271 -17.35 31.73 -15.54
N ALA B 272 -16.70 30.60 -15.21
CA ALA B 272 -17.31 29.59 -14.36
C ALA B 272 -17.50 30.16 -12.95
N ARG B 273 -16.55 30.97 -12.50
CA ARG B 273 -16.58 31.59 -11.17
C ARG B 273 -17.90 32.32 -10.96
N VAL B 274 -18.27 33.14 -11.95
CA VAL B 274 -19.50 33.91 -11.92
C VAL B 274 -20.75 33.01 -11.82
N VAL B 275 -20.81 31.99 -12.69
CA VAL B 275 -21.89 31.02 -12.63
C VAL B 275 -21.96 30.40 -11.24
N MET B 276 -20.82 29.95 -10.73
CA MET B 276 -20.82 29.23 -9.46
C MET B 276 -21.30 30.14 -8.32
N ASP B 277 -20.80 31.38 -8.30
CA ASP B 277 -21.26 32.33 -7.29
C ASP B 277 -22.78 32.54 -7.38
N ASP B 278 -23.33 32.57 -8.60
CA ASP B 278 -24.78 32.65 -8.74
C ASP B 278 -25.46 31.40 -8.22
N LEU B 279 -24.89 30.24 -8.52
CA LEU B 279 -25.46 28.96 -8.06
C LEU B 279 -25.49 28.86 -6.55
N LEU B 280 -24.45 29.36 -5.90
CA LEU B 280 -24.37 29.14 -4.47
C LEU B 280 -24.94 30.29 -3.64
N ALA B 281 -25.17 31.45 -4.27
CA ALA B 281 -25.87 32.56 -3.61
C ALA B 281 -27.23 32.10 -3.06
N PRO B 282 -27.78 32.82 -2.07
CA PRO B 282 -29.10 32.44 -1.54
C PRO B 282 -30.10 32.16 -2.64
N SER B 283 -30.75 31.01 -2.54
CA SER B 283 -31.55 30.48 -3.65
C SER B 283 -32.98 30.96 -3.60
N LEU B 284 -33.44 31.38 -4.77
CA LEU B 284 -34.80 31.80 -5.00
C LEU B 284 -35.60 30.60 -5.47
N LEU B 285 -36.56 30.17 -4.66
CA LEU B 285 -37.35 28.97 -4.97
C LEU B 285 -38.86 29.27 -5.04
N ASP B 286 -39.43 28.93 -6.19
CA ASP B 286 -40.83 29.20 -6.51
C ASP B 286 -41.68 28.01 -6.08
N VAL B 287 -42.51 28.23 -5.06
CA VAL B 287 -43.30 27.14 -4.49
C VAL B 287 -44.78 27.31 -4.84
N GLY B 288 -45.05 28.07 -5.88
CA GLY B 288 -46.43 28.35 -6.27
C GLY B 288 -46.88 29.71 -5.75
N ASP B 289 -47.37 29.75 -4.51
CA ASP B 289 -47.85 31.02 -3.96
C ASP B 289 -46.75 32.10 -3.90
N TYR B 290 -45.56 31.68 -3.50
CA TYR B 290 -44.46 32.61 -3.34
C TYR B 290 -43.15 32.08 -3.92
N LYS B 291 -42.20 32.98 -4.09
CA LYS B 291 -40.81 32.57 -4.29
C LYS B 291 -40.15 32.81 -2.96
N ILE B 292 -39.49 31.80 -2.42
CA ILE B 292 -38.84 31.93 -1.11
C ILE B 292 -37.33 31.89 -1.24
N VAL B 293 -36.65 32.38 -0.21
CA VAL B 293 -35.21 32.40 -0.19
C VAL B 293 -34.70 31.27 0.69
N VAL B 294 -33.83 30.44 0.10
CA VAL B 294 -33.24 29.32 0.81
C VAL B 294 -31.74 29.60 0.85
N GLU B 295 -31.25 29.99 2.02
CA GLU B 295 -29.84 30.39 2.12
C GLU B 295 -28.93 29.18 2.24
N GLU B 296 -29.48 28.11 2.80
CA GLU B 296 -28.70 26.95 3.18
C GLU B 296 -29.15 25.67 2.47
N GLY B 297 -28.41 24.59 2.68
CA GLY B 297 -28.78 23.33 2.06
C GLY B 297 -28.32 23.27 0.62
N LEU B 298 -28.66 22.19 -0.08
CA LEU B 298 -28.23 22.00 -1.46
C LEU B 298 -29.32 22.34 -2.48
N PRO B 299 -29.05 23.34 -3.32
CA PRO B 299 -29.93 23.64 -4.45
C PRO B 299 -29.55 22.73 -5.60
N SER B 300 -30.49 21.89 -6.02
CA SER B 300 -30.22 20.88 -7.04
C SER B 300 -30.71 21.27 -8.45
N GLY B 301 -30.95 20.28 -9.29
CA GLY B 301 -31.54 20.53 -10.60
C GLY B 301 -30.58 20.97 -11.70
N CYS B 302 -29.46 21.59 -11.31
CA CYS B 302 -28.44 22.02 -12.27
C CYS B 302 -27.71 20.79 -12.84
N PRO B 303 -27.17 20.94 -14.05
CA PRO B 303 -26.43 19.86 -14.72
C PRO B 303 -25.46 19.10 -13.80
N CYS B 304 -24.41 19.77 -13.32
CA CYS B 304 -23.38 19.11 -12.52
C CYS B 304 -23.67 19.11 -11.02
N THR B 305 -24.96 19.09 -10.66
CA THR B 305 -25.37 19.02 -9.25
C THR B 305 -24.89 17.74 -8.54
N THR B 306 -25.02 16.60 -9.22
CA THR B 306 -24.61 15.35 -8.59
C THR B 306 -23.11 15.39 -8.31
N GLN B 307 -22.36 15.93 -9.27
CA GLN B 307 -20.91 16.03 -9.10
C GLN B 307 -20.59 17.02 -7.98
N LEU B 308 -21.19 18.20 -8.02
CA LEU B 308 -20.93 19.16 -6.96
C LEU B 308 -21.21 18.52 -5.58
N ASN B 309 -22.31 17.78 -5.49
CA ASN B 309 -22.73 17.15 -4.25
C ASN B 309 -21.79 16.03 -3.78
N SER B 310 -21.29 15.25 -4.72
CA SER B 310 -20.32 14.20 -4.43
C SER B 310 -19.01 14.83 -4.00
N LEU B 311 -18.69 15.95 -4.64
CA LEU B 311 -17.49 16.69 -4.29
C LEU B 311 -17.55 17.14 -2.81
N ALA B 312 -18.72 17.63 -2.40
CA ALA B 312 -18.95 18.02 -0.99
C ALA B 312 -18.89 16.81 -0.05
N HIS B 313 -19.42 15.69 -0.50
CA HIS B 313 -19.40 14.49 0.29
C HIS B 313 -17.94 14.09 0.54
N TRP B 314 -17.12 14.18 -0.50
CA TRP B 314 -15.72 13.76 -0.44
C TRP B 314 -14.99 14.65 0.56
N ILE B 315 -15.27 15.95 0.50
CA ILE B 315 -14.74 16.92 1.48
C ILE B 315 -15.14 16.61 2.93
N LEU B 316 -16.41 16.32 3.15
CA LEU B 316 -16.89 16.08 4.52
C LEU B 316 -16.34 14.76 5.08
N THR B 317 -16.34 13.73 4.24
CA THR B 317 -15.80 12.43 4.62
C THR B 317 -14.33 12.53 4.99
N LEU B 318 -13.54 13.20 4.16
CA LEU B 318 -12.10 13.29 4.43
C LEU B 318 -11.85 14.12 5.69
N CYS B 319 -12.53 15.26 5.78
CA CYS B 319 -12.47 16.10 7.00
C CYS B 319 -12.64 15.27 8.30
N ALA B 320 -13.75 14.55 8.40
CA ALA B 320 -14.04 13.73 9.57
C ALA B 320 -12.91 12.71 9.81
N MET B 321 -12.50 11.98 8.76
CA MET B 321 -11.42 11.03 8.90
C MET B 321 -10.12 11.69 9.34
N VAL B 322 -9.84 12.87 8.81
CA VAL B 322 -8.63 13.57 9.19
C VAL B 322 -8.74 14.01 10.66
N GLU B 323 -9.89 14.58 11.02
CA GLU B 323 -10.13 14.97 12.40
C GLU B 323 -9.88 13.82 13.36
N VAL B 324 -10.38 12.64 13.00
CA VAL B 324 -10.34 11.50 13.91
C VAL B 324 -8.98 10.79 13.97
N THR B 325 -8.35 10.55 12.83
CA THR B 325 -7.09 9.81 12.81
C THR B 325 -5.88 10.71 12.98
N ARG B 326 -6.07 12.02 12.75
CA ARG B 326 -4.95 12.98 12.65
C ARG B 326 -4.00 12.71 11.46
N VAL B 327 -4.42 11.86 10.53
CA VAL B 327 -3.63 11.59 9.33
C VAL B 327 -3.88 12.66 8.27
N ASP B 328 -2.81 13.15 7.62
CA ASP B 328 -2.96 14.14 6.54
C ASP B 328 -3.90 13.60 5.45
N PRO B 329 -4.78 14.47 4.92
CA PRO B 329 -5.77 13.98 3.94
C PRO B 329 -5.13 13.30 2.71
N ASP B 330 -4.01 13.82 2.24
CA ASP B 330 -3.26 13.17 1.15
C ASP B 330 -2.82 11.76 1.56
N ILE B 331 -2.33 11.61 2.78
CA ILE B 331 -1.98 10.29 3.28
C ILE B 331 -3.22 9.40 3.50
N VAL B 332 -4.31 10.00 3.99
CA VAL B 332 -5.56 9.25 4.10
C VAL B 332 -5.91 8.60 2.76
N MET B 333 -5.72 9.35 1.68
CA MET B 333 -6.05 8.84 0.35
C MET B 333 -5.03 7.83 -0.17
N GLN B 334 -3.83 7.83 0.38
CA GLN B 334 -2.92 6.72 0.10
C GLN B 334 -3.35 5.45 0.83
N GLU B 335 -4.18 5.58 1.86
CA GLU B 335 -4.49 4.43 2.71
C GLU B 335 -5.94 3.98 2.62
N SER B 336 -6.66 4.57 1.66
CA SER B 336 -8.10 4.39 1.56
C SER B 336 -8.59 4.37 0.11
N GLU B 337 -9.78 3.81 -0.10
CA GLU B 337 -10.49 3.88 -1.39
C GLU B 337 -11.92 4.35 -1.09
N PHE B 338 -12.35 5.44 -1.74
CA PHE B 338 -13.68 5.98 -1.52
C PHE B 338 -14.57 5.73 -2.72
N SER B 339 -15.87 5.65 -2.48
CA SER B 339 -16.83 5.79 -3.56
C SER B 339 -17.94 6.73 -3.13
N PHE B 340 -18.14 7.77 -3.93
CA PHE B 340 -19.20 8.74 -3.65
C PHE B 340 -20.09 8.90 -4.87
N TYR B 341 -21.38 9.02 -4.61
CA TYR B 341 -22.35 9.34 -5.65
C TYR B 341 -23.48 10.12 -4.99
N GLY B 342 -23.35 11.44 -5.00
CA GLY B 342 -24.22 12.27 -4.19
C GLY B 342 -24.06 11.92 -2.71
N ASP B 343 -25.12 11.42 -2.09
CA ASP B 343 -25.09 11.06 -0.69
C ASP B 343 -24.70 9.59 -0.49
N ASP B 344 -24.51 8.87 -1.59
CA ASP B 344 -24.18 7.45 -1.49
C ASP B 344 -22.67 7.28 -1.28
N GLU B 345 -22.29 6.48 -0.28
CA GLU B 345 -20.86 6.33 -0.01
C GLU B 345 -20.43 4.91 0.35
N VAL B 346 -19.19 4.57 -0.04
CA VAL B 346 -18.46 3.43 0.54
C VAL B 346 -17.07 3.92 0.88
N VAL B 347 -16.64 3.67 2.12
CA VAL B 347 -15.29 4.03 2.54
C VAL B 347 -14.50 2.79 2.96
N SER B 348 -13.34 2.59 2.32
CA SER B 348 -12.49 1.43 2.63
C SER B 348 -11.12 1.96 3.01
N THR B 349 -10.55 1.42 4.08
CA THR B 349 -9.30 2.00 4.58
C THR B 349 -8.47 1.00 5.36
N ASN B 350 -7.18 1.27 5.44
CA ASN B 350 -6.27 0.50 6.26
C ASN B 350 -5.99 1.20 7.60
N LEU B 351 -6.38 2.47 7.69
CA LEU B 351 -6.20 3.25 8.90
C LEU B 351 -7.12 2.71 10.00
N GLU B 352 -6.68 2.81 11.24
CA GLU B 352 -7.53 2.45 12.37
C GLU B 352 -8.42 3.64 12.68
N LEU B 353 -9.69 3.56 12.28
CA LEU B 353 -10.61 4.68 12.46
C LEU B 353 -11.57 4.39 13.60
N ASP B 354 -11.54 5.26 14.60
CA ASP B 354 -12.45 5.17 15.74
C ASP B 354 -13.86 5.55 15.24
N MET B 355 -14.73 4.54 15.12
CA MET B 355 -16.03 4.72 14.48
C MET B 355 -17.02 5.60 15.25
N VAL B 356 -16.82 5.71 16.56
CA VAL B 356 -17.71 6.53 17.36
C VAL B 356 -17.32 7.96 17.13
N LYS B 357 -16.02 8.22 17.21
CA LYS B 357 -15.52 9.56 16.95
C LYS B 357 -15.92 10.02 15.54
N TYR B 358 -15.79 9.14 14.56
CA TYR B 358 -16.09 9.46 13.18
C TYR B 358 -17.55 9.80 13.03
N THR B 359 -18.42 8.99 13.63
CA THR B 359 -19.85 9.28 13.60
C THR B 359 -20.13 10.66 14.21
N MET B 360 -19.48 10.95 15.34
CA MET B 360 -19.75 12.20 16.06
C MET B 360 -19.24 13.40 15.30
N ALA B 361 -18.13 13.21 14.58
CA ALA B 361 -17.56 14.32 13.81
C ALA B 361 -18.52 14.66 12.65
N LEU B 362 -19.07 13.63 12.01
CA LEU B 362 -20.08 13.83 10.97
C LEU B 362 -21.30 14.55 11.51
N ARG B 363 -21.84 14.04 12.62
CA ARG B 363 -23.02 14.62 13.23
C ARG B 363 -22.77 16.07 13.60
N ARG B 364 -21.54 16.37 13.98
CA ARG B 364 -21.16 17.74 14.31
C ARG B 364 -21.27 18.66 13.09
N TYR B 365 -20.89 18.13 11.92
CA TYR B 365 -21.02 18.89 10.68
C TYR B 365 -22.48 19.09 10.27
N GLY B 366 -23.40 18.55 11.04
CA GLY B 366 -24.81 18.68 10.73
C GLY B 366 -25.37 17.49 9.97
N LEU B 367 -24.50 16.55 9.60
CA LEU B 367 -24.94 15.37 8.85
C LEU B 367 -25.68 14.39 9.75
N LEU B 368 -26.53 13.56 9.13
CA LEU B 368 -27.28 12.52 9.85
C LEU B 368 -26.95 11.11 9.32
N PRO B 369 -25.73 10.62 9.64
CA PRO B 369 -25.33 9.25 9.26
C PRO B 369 -26.20 8.24 10.00
N THR B 370 -26.51 7.11 9.37
CA THR B 370 -27.43 6.14 9.99
C THR B 370 -27.05 4.68 9.74
N ARG B 371 -28.03 3.79 9.95
CA ARG B 371 -27.80 2.37 10.25
C ARG B 371 -26.83 2.30 11.42
N ALA B 372 -27.07 3.22 12.37
CA ALA B 372 -26.35 3.25 13.64
C ALA B 372 -26.00 1.82 14.01
N ASP B 373 -26.99 1.11 14.57
CA ASP B 373 -26.95 -0.35 14.60
C ASP B 373 -28.32 -1.06 14.66
N LYS B 374 -29.46 -0.35 14.57
CA LYS B 374 -29.57 1.05 14.16
C LYS B 374 -30.40 1.90 15.13
N GLU B 376 -28.38 6.39 16.47
CA GLU B 376 -27.33 6.24 17.47
C GLU B 376 -27.33 4.85 18.10
N GLY B 377 -26.24 4.11 17.92
CA GLY B 377 -25.06 4.59 17.23
C GLY B 377 -23.97 3.55 17.48
N PRO B 378 -22.78 3.73 16.88
CA PRO B 378 -22.53 4.58 15.72
C PRO B 378 -22.39 3.66 14.51
N LEU B 379 -21.88 4.19 13.41
CA LEU B 379 -21.69 3.40 12.20
C LEU B 379 -20.82 2.16 12.45
N GLU B 380 -21.17 1.07 11.78
CA GLU B 380 -20.44 -0.19 11.90
C GLU B 380 -19.27 -0.21 10.94
N ARG B 381 -18.27 -1.04 11.24
CA ARG B 381 -17.07 -1.16 10.43
C ARG B 381 -16.84 -2.65 10.18
N ARG B 382 -16.55 -3.03 8.94
CA ARG B 382 -16.44 -4.45 8.60
C ARG B 382 -15.08 -4.77 8.04
N GLN B 383 -14.66 -6.03 8.21
CA GLN B 383 -13.40 -6.46 7.63
C GLN B 383 -13.60 -7.18 6.31
N THR B 384 -14.82 -7.12 5.78
CA THR B 384 -15.04 -7.60 4.43
C THR B 384 -15.97 -6.67 3.67
N LEU B 385 -15.72 -6.56 2.37
CA LEU B 385 -16.56 -5.75 1.51
C LEU B 385 -17.92 -6.45 1.33
N GLN B 386 -17.92 -7.78 1.47
CA GLN B 386 -19.11 -8.58 1.27
C GLN B 386 -20.31 -8.00 2.05
N GLY B 387 -21.37 -7.64 1.33
CA GLY B 387 -22.56 -7.13 1.98
C GLY B 387 -22.72 -5.61 2.04
N ILE B 388 -21.63 -4.88 1.88
CA ILE B 388 -21.72 -3.43 1.80
C ILE B 388 -22.69 -3.07 0.67
N SER B 389 -23.36 -1.94 0.78
CA SER B 389 -24.32 -1.51 -0.22
C SER B 389 -23.77 -0.33 -1.04
N PHE B 390 -24.12 -0.27 -2.33
CA PHE B 390 -23.82 0.90 -3.17
C PHE B 390 -24.77 0.98 -4.35
N LEU B 391 -25.40 2.15 -4.50
CA LEU B 391 -26.34 2.43 -5.58
C LEU B 391 -27.48 1.42 -5.67
N ARG B 392 -28.05 1.04 -4.53
CA ARG B 392 -29.16 0.08 -4.50
C ARG B 392 -28.71 -1.38 -4.66
N ARG B 393 -27.41 -1.59 -4.89
CA ARG B 393 -26.89 -2.93 -5.08
C ARG B 393 -26.17 -3.46 -3.85
N ALA B 394 -26.22 -4.78 -3.68
CA ALA B 394 -25.42 -5.42 -2.67
C ALA B 394 -24.15 -5.86 -3.34
N ILE B 395 -23.01 -5.61 -2.70
CA ILE B 395 -21.74 -6.06 -3.22
C ILE B 395 -21.56 -7.50 -2.85
N VAL B 396 -21.23 -8.32 -3.86
CA VAL B 396 -21.02 -9.75 -3.71
C VAL B 396 -19.69 -10.07 -4.36
N GLY B 397 -19.00 -11.06 -3.80
CA GLY B 397 -17.73 -11.49 -4.34
C GLY B 397 -17.67 -13.01 -4.39
N ASP B 398 -16.86 -13.55 -5.29
CA ASP B 398 -16.72 -14.98 -5.40
C ASP B 398 -15.41 -15.32 -6.09
N GLN B 399 -15.22 -16.60 -6.35
N GLN B 399 -15.22 -16.60 -6.35
CA GLN B 399 -14.03 -17.07 -7.04
CA GLN B 399 -14.04 -17.08 -7.06
C GLN B 399 -13.65 -16.17 -8.21
C GLN B 399 -13.65 -16.15 -8.20
N PHE B 400 -14.65 -15.66 -8.92
CA PHE B 400 -14.42 -14.86 -10.13
C PHE B 400 -14.21 -13.36 -9.93
N GLY B 401 -14.84 -12.81 -8.90
CA GLY B 401 -14.70 -11.39 -8.62
C GLY B 401 -15.84 -10.79 -7.81
N TRP B 402 -15.84 -9.46 -7.74
CA TRP B 402 -16.86 -8.71 -7.03
C TRP B 402 -17.87 -8.21 -8.04
N TYR B 403 -19.14 -8.10 -7.62
CA TYR B 403 -20.15 -7.49 -8.50
C TYR B 403 -21.29 -6.88 -7.69
N GLY B 404 -22.05 -5.99 -8.33
CA GLY B 404 -23.21 -5.38 -7.68
C GLY B 404 -24.49 -6.11 -8.04
N ARG B 405 -25.17 -6.61 -7.02
CA ARG B 405 -26.42 -7.35 -7.22
C ARG B 405 -27.65 -6.61 -6.69
N LEU B 406 -28.58 -6.32 -7.59
CA LEU B 406 -29.85 -5.70 -7.18
C LEU B 406 -30.68 -6.72 -6.40
N ASP B 407 -31.40 -6.28 -5.36
CA ASP B 407 -32.22 -7.19 -4.56
C ASP B 407 -33.45 -7.66 -5.33
N ARG B 408 -34.04 -8.75 -4.85
CA ARG B 408 -35.21 -9.33 -5.52
C ARG B 408 -36.43 -8.40 -5.52
N ALA B 409 -36.68 -7.73 -4.40
CA ALA B 409 -37.81 -6.80 -4.32
C ALA B 409 -37.79 -5.79 -5.46
N SER B 410 -36.62 -5.17 -5.67
CA SER B 410 -36.43 -4.19 -6.73
C SER B 410 -36.66 -4.77 -8.11
N ILE B 411 -36.23 -6.01 -8.31
CA ILE B 411 -36.46 -6.71 -9.58
C ILE B 411 -37.96 -7.00 -9.73
N ASP B 412 -38.54 -7.68 -8.74
CA ASP B 412 -39.98 -7.89 -8.67
C ASP B 412 -40.73 -6.59 -8.97
N ARG B 413 -40.27 -5.52 -8.36
CA ARG B 413 -40.87 -4.21 -8.52
C ARG B 413 -40.94 -3.80 -9.99
N GLN B 414 -39.90 -4.11 -10.75
CA GLN B 414 -39.86 -3.72 -12.16
C GLN B 414 -40.95 -4.43 -12.99
N LEU B 415 -41.39 -5.57 -12.51
CA LEU B 415 -42.35 -6.38 -13.25
C LEU B 415 -43.77 -5.94 -12.96
N LEU B 416 -43.95 -5.26 -11.83
CA LEU B 416 -45.27 -4.86 -11.35
C LEU B 416 -45.78 -3.58 -12.00
N TRP B 417 -44.85 -2.76 -12.48
CA TRP B 417 -45.15 -1.41 -12.94
C TRP B 417 -44.36 -1.10 -14.19
N THR B 418 -44.95 -0.32 -15.08
CA THR B 418 -44.19 0.15 -16.22
C THR B 418 -44.45 1.64 -16.39
N LYS B 419 -43.53 2.35 -17.03
CA LYS B 419 -43.76 3.76 -17.23
C LYS B 419 -44.55 3.99 -18.51
N GLY B 420 -45.36 5.03 -18.51
CA GLY B 420 -46.19 5.40 -19.65
C GLY B 420 -46.61 6.82 -19.39
N PRO B 421 -47.57 7.33 -20.18
CA PRO B 421 -48.09 8.70 -20.01
C PRO B 421 -48.70 8.95 -18.63
N ASN B 422 -48.78 10.23 -18.26
CA ASN B 422 -49.39 10.59 -17.00
C ASN B 422 -50.85 10.14 -16.92
N HIS B 423 -51.25 9.64 -15.76
CA HIS B 423 -52.65 9.34 -15.48
C HIS B 423 -52.95 9.40 -13.98
N GLN B 424 -54.23 9.47 -13.64
CA GLN B 424 -54.66 9.71 -12.26
C GLN B 424 -54.69 8.45 -11.38
N ASN B 425 -55.12 7.31 -11.93
CA ASN B 425 -55.15 6.07 -11.16
C ASN B 425 -54.03 5.10 -11.55
N PRO B 426 -53.02 4.96 -10.68
CA PRO B 426 -51.85 4.11 -10.97
C PRO B 426 -52.22 2.64 -11.18
N PHE B 427 -53.40 2.25 -10.74
CA PHE B 427 -53.85 0.87 -10.89
C PHE B 427 -54.36 0.51 -12.31
N GLU B 428 -54.75 1.51 -13.10
CA GLU B 428 -55.09 1.27 -14.50
C GLU B 428 -53.93 0.47 -15.12
N THR B 429 -54.25 -0.47 -16.02
CA THR B 429 -53.21 -1.20 -16.75
C THR B 429 -52.97 -0.54 -18.12
N LEU B 430 -51.70 -0.49 -18.54
CA LEU B 430 -51.33 0.13 -19.81
C LEU B 430 -51.67 -0.82 -20.93
N PRO B 431 -52.65 -0.43 -21.76
CA PRO B 431 -53.31 -1.33 -22.72
C PRO B 431 -52.47 -1.68 -23.95
N GLY B 432 -51.25 -1.15 -24.05
CA GLY B 432 -50.42 -1.37 -25.21
C GLY B 432 -49.56 -2.63 -25.24
N HIS B 433 -49.41 -3.29 -24.09
CA HIS B 433 -48.47 -4.40 -23.93
C HIS B 433 -47.11 -4.16 -24.61
N ALA B 434 -46.64 -2.91 -24.56
CA ALA B 434 -45.39 -2.51 -25.22
C ALA B 434 -45.43 -2.68 -26.75
N SER B 438 -40.01 -6.58 -23.96
CA SER B 438 -39.57 -5.28 -24.46
C SER B 438 -38.13 -5.33 -24.98
N GLN B 439 -37.29 -4.44 -24.45
CA GLN B 439 -35.88 -4.36 -24.81
C GLN B 439 -35.05 -4.79 -23.61
N LEU B 440 -35.55 -4.41 -22.43
CA LEU B 440 -35.43 -5.20 -21.20
C LEU B 440 -34.16 -6.02 -21.11
N MET B 441 -34.34 -7.36 -21.16
CA MET B 441 -33.26 -8.33 -21.13
C MET B 441 -32.43 -8.16 -19.86
N ALA B 442 -32.37 -6.92 -19.40
CA ALA B 442 -31.65 -6.55 -18.19
C ALA B 442 -32.22 -7.24 -16.96
N LEU B 443 -33.55 -7.34 -16.90
CA LEU B 443 -34.21 -8.04 -15.80
C LEU B 443 -33.75 -9.49 -15.71
N LEU B 444 -33.67 -10.15 -16.87
CA LEU B 444 -33.17 -11.51 -16.92
C LEU B 444 -31.77 -11.50 -16.31
N GLY B 445 -30.97 -10.52 -16.71
CA GLY B 445 -29.61 -10.38 -16.23
C GLY B 445 -29.54 -10.33 -14.71
N GLU B 446 -30.23 -9.33 -14.15
CA GLU B 446 -30.26 -9.14 -12.71
C GLU B 446 -30.73 -10.39 -11.97
N ALA B 447 -31.81 -11.01 -12.45
CA ALA B 447 -32.36 -12.19 -11.78
C ALA B 447 -31.38 -13.37 -11.79
N ALA B 448 -30.65 -13.51 -12.90
CA ALA B 448 -29.64 -14.55 -13.02
C ALA B 448 -28.68 -14.55 -11.83
N MET B 449 -28.28 -13.37 -11.38
CA MET B 449 -27.37 -13.28 -10.25
C MET B 449 -27.96 -13.85 -8.96
N HIS B 450 -29.23 -14.23 -9.00
CA HIS B 450 -29.88 -14.79 -7.82
C HIS B 450 -30.09 -16.31 -7.86
N GLY B 451 -29.55 -16.97 -8.87
CA GLY B 451 -29.68 -18.41 -9.00
C GLY B 451 -30.84 -18.84 -9.88
N GLU B 452 -30.77 -20.07 -10.40
CA GLU B 452 -31.76 -20.59 -11.35
C GLU B 452 -33.20 -20.50 -10.85
N LYS B 453 -33.40 -20.81 -9.57
CA LYS B 453 -34.75 -20.84 -9.00
C LYS B 453 -35.47 -19.51 -9.25
N TYR B 454 -34.97 -18.45 -8.62
CA TYR B 454 -35.52 -17.12 -8.83
C TYR B 454 -35.56 -16.78 -10.32
N TYR B 455 -34.47 -17.05 -11.03
CA TYR B 455 -34.38 -16.75 -12.44
C TYR B 455 -35.57 -17.29 -13.26
N ARG B 456 -35.93 -18.54 -13.03
CA ARG B 456 -37.06 -19.13 -13.75
C ARG B 456 -38.38 -18.43 -13.36
N THR B 457 -38.57 -18.24 -12.06
CA THR B 457 -39.69 -17.44 -11.58
C THR B 457 -39.86 -16.16 -12.41
N VAL B 458 -38.74 -15.48 -12.67
CA VAL B 458 -38.75 -14.33 -13.57
C VAL B 458 -38.86 -14.84 -15.01
N ALA B 459 -40.09 -14.89 -15.54
CA ALA B 459 -40.34 -15.39 -16.90
C ALA B 459 -41.73 -16.00 -17.15
N SER B 460 -42.66 -15.27 -17.77
CA SER B 460 -42.60 -13.81 -17.95
C SER B 460 -41.30 -13.07 -18.38
N ARG B 461 -40.94 -12.99 -19.66
CA ARG B 461 -41.75 -13.37 -20.82
C ARG B 461 -42.96 -12.46 -21.03
N VAL B 462 -43.13 -11.91 -22.24
CA VAL B 462 -44.37 -11.23 -22.59
C VAL B 462 -44.90 -11.78 -23.90
N SER B 463 -45.30 -10.87 -24.80
CA SER B 463 -46.03 -11.25 -26.01
C SER B 463 -46.13 -10.08 -26.99
N MET B 473 -33.84 -11.58 -28.90
CA MET B 473 -34.38 -12.92 -28.71
C MET B 473 -35.83 -12.87 -28.24
N VAL B 474 -36.56 -13.98 -28.42
CA VAL B 474 -37.94 -14.12 -27.93
C VAL B 474 -38.04 -15.26 -26.92
N VAL B 475 -37.06 -16.16 -26.94
CA VAL B 475 -36.92 -17.20 -25.93
C VAL B 475 -35.85 -16.81 -24.90
N PRO B 476 -36.22 -16.83 -23.61
CA PRO B 476 -35.27 -16.59 -22.53
C PRO B 476 -34.76 -17.90 -21.93
N ARG B 477 -33.44 -18.02 -21.74
CA ARG B 477 -32.82 -19.22 -21.16
C ARG B 477 -31.40 -19.41 -21.67
N HIS B 478 -30.56 -20.08 -20.88
CA HIS B 478 -30.76 -20.19 -19.44
C HIS B 478 -29.65 -19.41 -18.75
N ARG B 479 -28.77 -20.05 -17.97
CA ARG B 479 -27.75 -19.25 -17.31
C ARG B 479 -26.34 -19.87 -17.21
N SER B 480 -25.43 -19.52 -18.12
CA SER B 480 -25.69 -18.89 -19.43
C SER B 480 -25.92 -17.37 -19.55
N VAL B 481 -27.09 -16.89 -19.18
CA VAL B 481 -27.28 -15.44 -19.20
C VAL B 481 -26.45 -14.90 -18.05
N LEU B 482 -26.34 -15.71 -17.00
CA LEU B 482 -25.47 -15.43 -15.85
C LEU B 482 -24.04 -15.19 -16.29
N ARG B 483 -23.58 -16.03 -17.22
CA ARG B 483 -22.22 -15.90 -17.72
C ARG B 483 -22.11 -14.63 -18.52
N TRP B 484 -23.12 -14.34 -19.33
CA TRP B 484 -23.10 -13.11 -20.09
C TRP B 484 -23.05 -11.91 -19.16
N VAL B 485 -23.87 -11.94 -18.11
CA VAL B 485 -23.94 -10.80 -17.19
C VAL B 485 -22.64 -10.55 -16.44
N ARG B 486 -22.01 -11.61 -15.95
CA ARG B 486 -20.80 -11.44 -15.14
C ARG B 486 -19.57 -11.13 -15.98
N PHE B 487 -19.50 -11.76 -17.16
CA PHE B 487 -18.26 -11.78 -17.93
C PHE B 487 -18.43 -11.36 -19.38
N GLY B 488 -19.67 -11.25 -19.85
CA GLY B 488 -19.95 -10.99 -21.26
C GLY B 488 -19.33 -9.73 -21.87
N LEU C 2 9.86 -45.78 -42.97
CA LEU C 2 10.67 -44.91 -42.13
C LEU C 2 11.95 -44.45 -42.87
N PRO C 3 11.85 -43.40 -43.71
CA PRO C 3 13.00 -42.88 -44.47
C PRO C 3 13.63 -41.61 -43.86
N ARG C 4 14.96 -41.54 -43.76
CA ARG C 4 15.90 -42.58 -44.20
C ARG C 4 17.18 -42.72 -43.34
N PRO C 5 17.96 -41.63 -43.16
CA PRO C 5 19.22 -41.70 -42.40
C PRO C 5 18.97 -41.93 -40.92
N SER C 6 19.93 -42.51 -40.21
CA SER C 6 19.77 -42.80 -38.79
C SER C 6 20.90 -42.21 -37.97
N GLY C 7 20.80 -42.33 -36.65
CA GLY C 7 21.85 -41.87 -35.76
C GLY C 7 21.36 -40.99 -34.62
N THR C 8 22.29 -40.26 -34.03
CA THR C 8 21.99 -39.40 -32.89
C THR C 8 22.49 -37.97 -33.12
N TYR C 9 21.84 -36.99 -32.50
CA TYR C 9 22.20 -35.58 -32.67
C TYR C 9 21.22 -34.69 -31.95
N ALA C 10 21.57 -34.08 -30.82
CA ALA C 10 22.58 -34.52 -29.93
C ALA C 10 21.86 -34.23 -28.62
N GLY C 11 21.60 -35.26 -27.82
CA GLY C 11 21.71 -36.62 -28.27
C GLY C 11 20.28 -37.02 -28.51
N LEU C 12 19.74 -36.65 -29.66
CA LEU C 12 18.36 -36.93 -29.98
C LEU C 12 18.36 -37.74 -31.26
N PRO C 13 17.34 -38.59 -31.43
CA PRO C 13 17.35 -39.46 -32.61
C PRO C 13 17.12 -38.70 -33.90
N ILE C 14 17.87 -39.09 -34.92
CA ILE C 14 17.74 -38.55 -36.26
C ILE C 14 16.62 -39.26 -37.01
N ALA C 15 15.69 -38.49 -37.59
CA ALA C 15 14.57 -39.09 -38.35
C ALA C 15 14.67 -38.86 -39.86
N ASP C 16 15.39 -37.82 -40.28
CA ASP C 16 15.47 -37.54 -41.69
C ASP C 16 16.51 -36.47 -41.95
N TYR C 17 16.74 -36.19 -43.23
CA TYR C 17 17.58 -35.07 -43.59
C TYR C 17 16.76 -33.81 -43.39
N GLY C 18 17.43 -32.71 -43.04
CA GLY C 18 16.75 -31.45 -42.85
C GLY C 18 16.75 -30.64 -44.13
N ASP C 19 15.90 -29.61 -44.16
CA ASP C 19 15.87 -28.67 -45.27
C ASP C 19 15.95 -27.26 -44.70
N ALA C 20 16.28 -27.14 -43.43
CA ALA C 20 16.25 -25.83 -42.79
C ALA C 20 17.36 -24.93 -43.36
N PRO C 21 17.09 -23.62 -43.42
CA PRO C 21 18.09 -22.65 -43.88
C PRO C 21 19.19 -22.54 -42.84
N PRO C 22 20.40 -22.11 -43.25
CA PRO C 22 21.51 -21.97 -42.31
C PRO C 22 21.16 -21.03 -41.17
N LEU C 23 21.67 -21.29 -39.96
CA LEU C 23 21.47 -20.38 -38.83
C LEU C 23 22.04 -19.00 -39.15
N SER C 24 21.33 -17.94 -38.72
CA SER C 24 21.73 -16.55 -39.03
C SER C 24 22.99 -16.09 -38.30
N THR C 25 23.90 -15.47 -39.04
CA THR C 25 25.10 -14.91 -38.44
C THR C 25 24.95 -13.41 -38.14
N LYS C 26 23.76 -12.88 -38.39
CA LYS C 26 23.58 -11.44 -38.30
C LYS C 26 22.61 -11.02 -37.20
N THR C 27 22.68 -9.75 -36.85
CA THR C 27 21.77 -9.18 -35.86
C THR C 27 21.02 -8.01 -36.47
N MET C 28 19.81 -7.78 -35.97
CA MET C 28 18.97 -6.71 -36.44
C MET C 28 19.19 -5.43 -35.62
N PHE C 29 20.08 -5.52 -34.63
CA PHE C 29 20.33 -4.39 -33.72
C PHE C 29 21.49 -3.53 -34.15
N TRP C 30 21.32 -2.22 -34.02
CA TRP C 30 22.30 -1.21 -34.41
C TRP C 30 22.50 -0.24 -33.25
N ARG C 31 23.75 0.12 -32.94
CA ARG C 31 23.98 1.21 -32.00
C ARG C 31 23.33 2.48 -32.52
N THR C 32 22.83 3.31 -31.60
CA THR C 32 22.26 4.62 -31.97
C THR C 32 23.31 5.72 -31.87
N SER C 33 24.52 5.36 -31.45
CA SER C 33 25.61 6.31 -31.32
C SER C 33 26.93 5.57 -31.43
N PRO C 34 27.94 6.23 -32.03
CA PRO C 34 29.27 5.63 -32.24
C PRO C 34 30.06 5.52 -30.93
N GLU C 35 29.63 6.23 -29.90
CA GLU C 35 30.40 6.26 -28.66
C GLU C 35 30.39 4.91 -27.94
N LYS C 36 31.48 4.60 -27.26
CA LYS C 36 31.65 3.32 -26.59
C LYS C 36 30.53 3.06 -25.59
N LEU C 37 30.06 1.81 -25.56
CA LEU C 37 29.08 1.38 -24.57
C LEU C 37 29.66 1.50 -23.16
N PRO C 38 28.80 1.72 -22.15
CA PRO C 38 29.25 1.66 -20.75
C PRO C 38 29.58 0.22 -20.36
N PRO C 39 30.39 0.05 -19.31
CA PRO C 39 30.78 -1.27 -18.76
C PRO C 39 29.57 -2.15 -18.40
N GLY C 40 29.66 -3.43 -18.74
CA GLY C 40 28.61 -4.40 -18.47
C GLY C 40 27.36 -4.24 -19.32
N ALA C 41 27.38 -3.32 -20.28
CA ALA C 41 26.23 -3.07 -21.15
C ALA C 41 25.82 -4.32 -21.92
N TRP C 42 24.51 -4.53 -22.06
CA TRP C 42 24.02 -5.64 -22.90
C TRP C 42 24.35 -5.43 -24.37
N GLU C 43 24.33 -6.52 -25.12
CA GLU C 43 24.64 -6.46 -26.54
C GLU C 43 23.88 -7.59 -27.23
N PRO C 44 23.83 -7.55 -28.56
CA PRO C 44 23.12 -8.63 -29.25
C PRO C 44 23.79 -9.98 -28.99
N ALA C 45 22.96 -11.02 -28.91
CA ALA C 45 23.47 -12.39 -28.74
C ALA C 45 24.56 -12.76 -29.76
N TYR C 46 25.44 -13.69 -29.32
CA TYR C 46 26.57 -14.19 -30.10
C TYR C 46 26.19 -14.57 -31.53
N LEU C 47 27.04 -14.23 -32.49
CA LEU C 47 26.71 -14.39 -33.90
C LEU C 47 27.46 -15.54 -34.58
N GLY C 48 28.19 -16.33 -33.80
CA GLY C 48 28.88 -17.47 -34.34
C GLY C 48 30.31 -17.15 -34.77
N SER C 49 30.86 -17.97 -35.65
CA SER C 49 32.28 -17.90 -36.00
C SER C 49 32.68 -16.54 -36.58
N LYS C 50 31.82 -15.94 -37.41
CA LYS C 50 32.12 -14.62 -37.99
C LYS C 50 31.99 -13.46 -36.99
N ASP C 51 31.68 -13.75 -35.73
CA ASP C 51 31.50 -12.69 -34.75
C ASP C 51 32.85 -12.10 -34.35
N GLU C 52 33.07 -10.84 -34.67
CA GLU C 52 34.34 -10.18 -34.37
C GLU C 52 34.54 -9.95 -32.87
N ARG C 53 33.45 -9.82 -32.12
CA ARG C 53 33.55 -9.51 -30.69
C ARG C 53 34.28 -10.55 -29.86
N VAL C 54 34.26 -11.80 -30.28
CA VAL C 54 34.73 -12.87 -29.41
C VAL C 54 34.92 -14.17 -30.15
N ASP C 55 35.85 -14.98 -29.65
CA ASP C 55 36.10 -16.29 -30.24
C ASP C 55 35.21 -17.34 -29.56
N GLY C 56 34.37 -18.00 -30.35
CA GLY C 56 33.43 -18.95 -29.80
C GLY C 56 33.19 -20.12 -30.74
N PRO C 57 32.31 -21.04 -30.33
CA PRO C 57 31.98 -22.22 -31.13
C PRO C 57 31.07 -21.87 -32.30
N SER C 58 30.74 -22.85 -33.12
CA SER C 58 29.82 -22.63 -34.22
C SER C 58 28.39 -22.41 -33.66
N LEU C 59 27.53 -21.81 -34.47
CA LEU C 59 26.15 -21.66 -34.07
C LEU C 59 25.54 -23.05 -33.90
N GLN C 60 25.93 -23.98 -34.76
CA GLN C 60 25.42 -25.35 -34.63
C GLN C 60 25.80 -25.97 -33.30
N GLN C 61 26.97 -25.61 -32.77
CA GLN C 61 27.35 -26.13 -31.45
C GLN C 61 26.47 -25.52 -30.36
N VAL C 62 26.32 -24.20 -30.39
CA VAL C 62 25.45 -23.48 -29.45
C VAL C 62 24.02 -24.04 -29.45
N MET C 63 23.56 -24.32 -30.66
CA MET C 63 22.26 -24.93 -30.88
C MET C 63 22.21 -26.30 -30.19
N ARG C 64 23.20 -27.16 -30.47
CA ARG C 64 23.26 -28.47 -29.80
C ARG C 64 23.23 -28.32 -28.28
N ASP C 65 23.91 -27.31 -27.74
CA ASP C 65 23.88 -27.10 -26.30
C ASP C 65 22.47 -26.73 -25.82
N GLN C 66 21.71 -26.05 -26.68
CA GLN C 66 20.33 -25.69 -26.33
C GLN C 66 19.43 -26.92 -26.34
N LEU C 67 19.83 -27.96 -27.06
CA LEU C 67 18.99 -29.15 -27.21
C LEU C 67 19.18 -30.18 -26.10
N LYS C 68 20.26 -30.06 -25.34
CA LYS C 68 20.60 -31.08 -24.32
C LYS C 68 19.45 -31.31 -23.33
N PRO C 69 18.89 -30.23 -22.77
CA PRO C 69 17.88 -30.41 -21.73
C PRO C 69 16.69 -31.23 -22.22
N TYR C 70 16.47 -31.25 -23.53
CA TYR C 70 15.33 -31.96 -24.10
C TYR C 70 15.47 -33.48 -24.02
N SER C 71 16.69 -33.95 -23.77
CA SER C 71 16.91 -35.39 -23.60
C SER C 71 17.11 -35.80 -22.13
N GLU C 72 17.16 -34.83 -21.22
CA GLU C 72 17.13 -35.15 -19.78
C GLU C 72 15.86 -35.89 -19.39
N PRO C 73 15.95 -36.72 -18.33
CA PRO C 73 14.74 -37.37 -17.81
C PRO C 73 13.71 -36.35 -17.31
N ARG C 74 12.44 -36.61 -17.53
CA ARG C 74 11.40 -35.77 -16.98
C ARG C 74 11.36 -35.85 -15.44
N GLY C 75 10.81 -34.82 -14.80
CA GLY C 75 10.43 -34.90 -13.40
C GLY C 75 9.20 -35.80 -13.24
N LEU C 76 8.57 -35.77 -12.08
CA LEU C 76 7.49 -36.69 -11.83
C LEU C 76 6.13 -36.06 -12.09
N LEU C 77 5.19 -36.91 -12.49
CA LEU C 77 3.79 -36.56 -12.51
C LEU C 77 3.30 -36.25 -11.09
N PRO C 78 2.52 -35.19 -10.92
CA PRO C 78 1.83 -35.04 -9.62
C PRO C 78 0.92 -36.26 -9.31
N PRO C 79 0.57 -36.48 -8.03
CA PRO C 79 -0.24 -37.66 -7.71
C PRO C 79 -1.54 -37.62 -8.49
N GLN C 80 -1.96 -38.77 -9.02
CA GLN C 80 -3.12 -38.78 -9.91
C GLN C 80 -4.37 -38.19 -9.26
N GLU C 81 -4.59 -38.49 -7.99
CA GLU C 81 -5.75 -37.94 -7.26
C GLU C 81 -5.76 -36.40 -7.32
N ILE C 82 -4.59 -35.78 -7.15
CA ILE C 82 -4.50 -34.32 -7.19
C ILE C 82 -4.62 -33.81 -8.64
N LEU C 83 -3.81 -34.37 -9.53
CA LEU C 83 -3.85 -34.02 -10.95
C LEU C 83 -5.28 -34.02 -11.51
N ASP C 84 -6.03 -35.08 -11.20
CA ASP C 84 -7.42 -35.20 -11.65
C ASP C 84 -8.33 -34.12 -11.04
N ALA C 85 -8.18 -33.87 -9.74
CA ALA C 85 -8.99 -32.87 -9.08
C ALA C 85 -8.64 -31.48 -9.64
N VAL C 86 -7.35 -31.23 -9.80
CA VAL C 86 -6.89 -29.94 -10.32
C VAL C 86 -7.46 -29.68 -11.72
N CYS C 87 -7.40 -30.68 -12.60
CA CYS C 87 -7.92 -30.53 -13.96
C CYS C 87 -9.41 -30.26 -14.00
N ASP C 88 -10.18 -31.07 -13.27
CA ASP C 88 -11.62 -30.86 -13.20
C ASP C 88 -11.89 -29.45 -12.77
N ALA C 89 -11.17 -28.99 -11.73
CA ALA C 89 -11.38 -27.65 -11.20
C ALA C 89 -11.08 -26.57 -12.26
N ILE C 90 -10.01 -26.77 -13.02
CA ILE C 90 -9.61 -25.79 -14.02
C ILE C 90 -10.60 -25.83 -15.18
N GLU C 91 -10.88 -27.03 -15.68
CA GLU C 91 -11.91 -27.20 -16.71
C GLU C 91 -13.23 -26.55 -16.27
N ASN C 92 -13.65 -26.86 -15.05
CA ASN C 92 -14.89 -26.31 -14.53
C ASN C 92 -14.85 -24.77 -14.54
N ARG C 93 -13.75 -24.20 -14.07
CA ARG C 93 -13.60 -22.73 -14.06
C ARG C 93 -13.72 -22.12 -15.47
N LEU C 94 -13.12 -22.78 -16.46
CA LEU C 94 -13.20 -22.29 -17.82
C LEU C 94 -14.62 -22.43 -18.38
N GLU C 95 -15.23 -23.61 -18.22
CA GLU C 95 -16.62 -23.81 -18.55
C GLU C 95 -17.51 -22.68 -17.99
N ASN C 96 -17.28 -22.29 -16.74
CA ASN C 96 -18.07 -21.23 -16.13
C ASN C 96 -17.85 -19.85 -16.72
N THR C 97 -16.66 -19.62 -17.28
CA THR C 97 -16.30 -18.27 -17.66
C THR C 97 -16.29 -18.01 -19.18
N LEU C 98 -15.87 -19.02 -19.94
CA LEU C 98 -15.67 -18.86 -21.38
C LEU C 98 -16.98 -18.86 -22.14
N GLU C 99 -17.17 -17.86 -23.00
CA GLU C 99 -18.35 -17.83 -23.86
C GLU C 99 -18.08 -18.68 -25.09
N PRO C 100 -18.96 -19.67 -25.32
CA PRO C 100 -18.86 -20.57 -26.48
C PRO C 100 -18.74 -19.76 -27.77
N GLN C 101 -17.99 -20.27 -28.72
CA GLN C 101 -17.66 -19.54 -29.95
C GLN C 101 -18.13 -20.25 -31.21
N LYS C 102 -18.25 -19.50 -32.29
CA LYS C 102 -18.40 -20.09 -33.62
C LYS C 102 -17.08 -20.76 -34.00
N PRO C 103 -17.15 -21.84 -34.79
CA PRO C 103 -15.93 -22.42 -35.39
C PRO C 103 -15.17 -21.39 -36.20
N TRP C 104 -13.84 -21.46 -36.19
CA TRP C 104 -13.06 -20.59 -37.05
C TRP C 104 -13.14 -21.14 -38.47
N THR C 105 -13.24 -20.23 -39.43
CA THR C 105 -13.15 -20.60 -40.83
C THR C 105 -11.69 -20.64 -41.29
N PHE C 106 -11.47 -21.27 -42.45
CA PHE C 106 -10.18 -21.23 -43.12
C PHE C 106 -9.74 -19.77 -43.28
N LYS C 107 -10.65 -18.94 -43.79
CA LYS C 107 -10.36 -17.52 -44.01
C LYS C 107 -9.89 -16.85 -42.72
N LYS C 108 -10.64 -17.02 -41.64
CA LYS C 108 -10.28 -16.42 -40.35
C LYS C 108 -8.89 -16.88 -39.93
N ALA C 109 -8.70 -18.19 -39.93
CA ALA C 109 -7.39 -18.78 -39.65
C ALA C 109 -6.28 -18.15 -40.48
N CYS C 110 -6.52 -17.93 -41.77
CA CYS C 110 -5.47 -17.34 -42.60
C CYS C 110 -5.21 -15.90 -42.19
N GLU C 111 -6.27 -15.19 -41.80
CA GLU C 111 -6.10 -13.80 -41.41
C GLU C 111 -5.28 -13.69 -40.13
N SER C 112 -5.54 -14.61 -39.19
CA SER C 112 -4.87 -14.57 -37.89
C SER C 112 -3.34 -14.70 -37.95
N LEU C 113 -2.83 -15.33 -39.00
CA LEU C 113 -1.39 -15.56 -39.08
C LEU C 113 -0.57 -14.28 -39.12
N ASP C 114 0.59 -14.29 -38.45
CA ASP C 114 1.53 -13.19 -38.51
C ASP C 114 2.20 -13.25 -39.87
N LYS C 115 1.93 -12.26 -40.70
CA LYS C 115 2.44 -12.28 -42.07
C LYS C 115 3.92 -11.88 -42.15
N ASN C 116 4.46 -11.33 -41.07
CA ASN C 116 5.85 -10.86 -41.10
C ASN C 116 6.89 -11.95 -40.87
N THR C 117 6.46 -13.09 -40.37
CA THR C 117 7.40 -14.18 -40.06
C THR C 117 7.44 -15.23 -41.17
N SER C 118 8.37 -16.18 -41.01
CA SER C 118 8.55 -17.24 -41.99
C SER C 118 7.37 -18.24 -42.06
N SER C 119 7.24 -18.88 -43.22
CA SER C 119 6.24 -19.92 -43.43
C SER C 119 6.75 -21.26 -42.89
N GLY C 120 8.04 -21.35 -42.54
CA GLY C 120 8.63 -22.59 -42.07
C GLY C 120 8.66 -23.67 -43.16
N TYR C 121 8.80 -24.94 -42.76
CA TYR C 121 8.82 -26.05 -43.73
C TYR C 121 7.60 -26.03 -44.66
N PRO C 122 7.83 -26.31 -45.97
CA PRO C 122 9.12 -26.55 -46.60
C PRO C 122 9.60 -25.34 -47.41
N TYR C 123 8.80 -24.28 -47.50
CA TYR C 123 9.17 -23.14 -48.35
C TYR C 123 10.01 -22.05 -47.67
N HIS C 124 9.91 -21.93 -46.34
CA HIS C 124 10.75 -20.96 -45.60
C HIS C 124 10.75 -19.55 -46.19
N LYS C 125 9.57 -19.05 -46.54
CA LYS C 125 9.50 -17.69 -47.04
C LYS C 125 8.63 -16.81 -46.16
N GLN C 126 8.92 -15.51 -46.14
CA GLN C 126 8.06 -14.61 -45.40
C GLN C 126 6.64 -14.74 -45.91
N LYS C 127 5.69 -14.94 -44.99
CA LYS C 127 4.30 -15.23 -45.37
C LYS C 127 3.71 -14.09 -46.19
N SER C 128 4.15 -12.86 -45.94
CA SER C 128 3.65 -11.70 -46.66
C SER C 128 3.91 -11.76 -48.18
N LYS C 129 5.00 -12.42 -48.58
CA LYS C 129 5.31 -12.54 -50.00
C LYS C 129 4.11 -13.08 -50.82
N ASP C 130 3.54 -14.20 -50.38
CA ASP C 130 2.48 -14.87 -51.12
C ASP C 130 1.09 -14.46 -50.65
N TRP C 131 1.04 -13.42 -49.83
CA TRP C 131 -0.25 -12.90 -49.32
C TRP C 131 -0.79 -11.70 -50.17
N THR C 132 -2.10 -11.69 -50.37
CA THR C 132 -2.77 -10.64 -51.13
C THR C 132 -3.92 -10.03 -50.32
N GLY C 133 -3.65 -9.75 -49.05
CA GLY C 133 -4.62 -9.10 -48.18
C GLY C 133 -5.71 -10.04 -47.71
N SER C 134 -5.95 -11.08 -48.50
CA SER C 134 -7.14 -11.93 -48.32
C SER C 134 -6.83 -13.43 -48.40
N ALA C 135 -5.84 -13.79 -49.21
CA ALA C 135 -5.47 -15.20 -49.34
C ALA C 135 -4.02 -15.38 -49.72
N PHE C 136 -3.54 -16.63 -49.64
CA PHE C 136 -2.21 -16.96 -50.06
C PHE C 136 -2.27 -17.38 -51.50
N ILE C 137 -1.17 -17.24 -52.21
CA ILE C 137 -1.09 -17.73 -53.57
C ILE C 137 0.23 -18.46 -53.69
N GLY C 138 0.48 -19.02 -54.87
CA GLY C 138 1.69 -19.80 -55.07
C GLY C 138 1.84 -20.95 -54.07
N ASP C 139 3.08 -21.21 -53.67
CA ASP C 139 3.39 -22.37 -52.82
C ASP C 139 2.56 -22.34 -51.53
N LEU C 140 2.54 -21.16 -50.89
CA LEU C 140 1.86 -21.03 -49.61
C LEU C 140 0.36 -21.25 -49.75
N GLY C 141 -0.21 -20.78 -50.85
CA GLY C 141 -1.61 -21.04 -51.13
C GLY C 141 -1.85 -22.55 -51.10
N ASP C 142 -0.99 -23.29 -51.81
CA ASP C 142 -1.11 -24.74 -51.89
C ASP C 142 -1.00 -25.42 -50.53
N GLN C 143 0.02 -25.01 -49.77
CA GLN C 143 0.28 -25.62 -48.47
C GLN C 143 -0.87 -25.35 -47.53
N ALA C 144 -1.36 -24.11 -47.53
CA ALA C 144 -2.47 -23.72 -46.67
C ALA C 144 -3.72 -24.54 -47.03
N THR C 145 -4.05 -24.58 -48.32
CA THR C 145 -5.25 -25.29 -48.78
C THR C 145 -5.20 -26.78 -48.45
N HIS C 146 -4.08 -27.43 -48.72
CA HIS C 146 -3.94 -28.84 -48.36
C HIS C 146 -4.14 -29.03 -46.86
N ALA C 147 -3.42 -28.24 -46.07
CA ALA C 147 -3.53 -28.31 -44.61
C ALA C 147 -4.99 -28.16 -44.17
N ASN C 148 -5.69 -27.23 -44.82
CA ASN C 148 -7.09 -27.00 -44.48
C ASN C 148 -8.00 -28.20 -44.78
N ASN C 149 -7.79 -28.85 -45.94
CA ASN C 149 -8.52 -30.07 -46.24
C ASN C 149 -8.30 -31.14 -45.18
N MET C 150 -7.02 -31.40 -44.85
CA MET C 150 -6.71 -32.39 -43.81
C MET C 150 -7.42 -32.03 -42.51
N TYR C 151 -7.42 -30.73 -42.17
CA TYR C 151 -8.13 -30.28 -40.97
C TYR C 151 -9.60 -30.71 -41.04
N GLU C 152 -10.28 -30.26 -42.09
CA GLU C 152 -11.72 -30.53 -42.26
C GLU C 152 -12.04 -32.03 -42.35
N MET C 153 -11.14 -32.80 -42.94
CA MET C 153 -11.38 -34.24 -43.03
C MET C 153 -11.01 -34.96 -41.73
N GLY C 154 -10.41 -34.22 -40.79
CA GLY C 154 -9.95 -34.82 -39.55
C GLY C 154 -8.80 -35.78 -39.75
N LYS C 155 -7.96 -35.50 -40.75
CA LYS C 155 -6.80 -36.35 -41.02
C LYS C 155 -5.50 -35.78 -40.46
N SER C 156 -4.63 -36.68 -40.02
CA SER C 156 -3.40 -36.31 -39.31
C SER C 156 -2.30 -35.85 -40.26
N MET C 157 -1.54 -34.86 -39.81
CA MET C 157 -0.34 -34.39 -40.51
C MET C 157 0.76 -34.27 -39.46
N ARG C 158 1.97 -34.65 -39.81
CA ARG C 158 3.06 -34.55 -38.85
C ARG C 158 3.68 -33.17 -38.96
N PRO C 159 3.62 -32.40 -37.87
CA PRO C 159 4.24 -31.04 -37.91
C PRO C 159 5.75 -31.15 -38.08
N ILE C 160 6.33 -30.12 -38.70
CA ILE C 160 7.77 -30.03 -38.82
C ILE C 160 8.23 -28.65 -38.37
N TYR C 161 8.96 -28.62 -37.25
CA TYR C 161 9.49 -27.37 -36.72
C TYR C 161 10.88 -27.08 -37.28
N THR C 162 11.20 -25.82 -37.41
CA THR C 162 12.49 -25.39 -37.93
C THR C 162 13.18 -24.69 -36.78
N ALA C 163 14.36 -25.18 -36.40
CA ALA C 163 15.08 -24.62 -35.26
C ALA C 163 15.82 -23.34 -35.64
N ALA C 164 15.80 -22.35 -34.76
CA ALA C 164 16.59 -21.15 -34.95
C ALA C 164 17.12 -20.68 -33.61
N LEU C 165 17.93 -19.63 -33.61
CA LEU C 165 18.46 -19.05 -32.38
C LEU C 165 18.14 -17.56 -32.33
N LYS C 166 17.64 -17.12 -31.18
CA LYS C 166 17.06 -15.80 -31.05
C LYS C 166 18.08 -14.65 -30.99
N ASP C 167 17.94 -13.76 -31.97
CA ASP C 167 18.62 -12.48 -32.01
C ASP C 167 17.95 -11.54 -31.01
N GLU C 168 18.64 -11.26 -29.91
CA GLU C 168 18.14 -10.34 -28.89
C GLU C 168 19.33 -9.77 -28.11
N LEU C 169 19.08 -8.72 -27.35
CA LEU C 169 20.10 -8.17 -26.46
C LEU C 169 20.18 -9.08 -25.22
N VAL C 170 21.40 -9.37 -24.76
CA VAL C 170 21.56 -10.27 -23.62
C VAL C 170 22.66 -9.73 -22.70
N LYS C 171 22.69 -10.18 -21.44
CA LYS C 171 23.83 -9.86 -20.54
C LYS C 171 25.15 -10.26 -21.20
N PRO C 172 26.17 -9.39 -21.08
CA PRO C 172 27.44 -9.58 -21.80
C PRO C 172 28.15 -10.91 -21.50
N ASP C 173 27.93 -11.45 -20.31
CA ASP C 173 28.48 -12.75 -19.94
C ASP C 173 28.01 -13.84 -20.92
N LYS C 174 26.82 -13.67 -21.49
CA LYS C 174 26.29 -14.65 -22.42
C LYS C 174 27.01 -14.60 -23.75
N ILE C 175 27.86 -13.57 -23.90
CA ILE C 175 28.69 -13.40 -25.09
C ILE C 175 30.18 -13.60 -24.81
N TYR C 176 30.66 -13.04 -23.70
CA TYR C 176 32.10 -13.03 -23.42
C TYR C 176 32.48 -14.11 -22.42
N GLY C 177 31.48 -14.59 -21.67
CA GLY C 177 31.67 -15.72 -20.79
C GLY C 177 31.18 -17.01 -21.44
N LYS C 178 30.27 -17.69 -20.76
CA LYS C 178 29.67 -18.90 -21.31
C LYS C 178 28.59 -18.49 -22.31
N ILE C 179 28.88 -18.68 -23.58
CA ILE C 179 27.97 -18.29 -24.64
C ILE C 179 26.63 -19.04 -24.58
N LYS C 180 25.54 -18.28 -24.53
CA LYS C 180 24.17 -18.81 -24.55
C LYS C 180 23.30 -18.02 -25.52
N LYS C 181 22.59 -18.74 -26.40
CA LYS C 181 21.64 -18.13 -27.33
C LYS C 181 20.37 -18.98 -27.31
N ARG C 182 19.22 -18.32 -27.15
CA ARG C 182 17.97 -19.06 -26.94
C ARG C 182 17.42 -19.71 -28.19
N LEU C 183 16.94 -20.93 -28.03
CA LEU C 183 16.45 -21.75 -29.13
C LEU C 183 15.01 -21.39 -29.49
N LEU C 184 14.72 -21.34 -30.79
CA LEU C 184 13.37 -21.08 -31.25
C LEU C 184 12.83 -22.24 -32.06
N TRP C 185 11.54 -22.49 -31.92
CA TRP C 185 10.87 -23.50 -32.69
C TRP C 185 9.92 -22.81 -33.65
N GLY C 186 10.31 -22.69 -34.91
CA GLY C 186 9.44 -22.15 -35.92
C GLY C 186 8.55 -23.23 -36.48
N SER C 187 7.24 -23.02 -36.37
CA SER C 187 6.27 -23.98 -36.85
C SER C 187 6.18 -23.94 -38.38
N ASP C 188 5.53 -24.93 -38.98
CA ASP C 188 5.26 -24.90 -40.42
C ASP C 188 3.87 -24.30 -40.72
N LEU C 189 3.73 -23.63 -41.86
CA LEU C 189 2.46 -22.99 -42.23
C LEU C 189 1.26 -23.93 -42.12
N GLY C 190 1.41 -25.16 -42.63
CA GLY C 190 0.34 -26.13 -42.53
C GLY C 190 -0.16 -26.27 -41.10
N THR C 191 0.76 -26.45 -40.17
CA THR C 191 0.41 -26.64 -38.77
C THR C 191 -0.22 -25.37 -38.17
N MET C 192 0.30 -24.22 -38.59
CA MET C 192 -0.26 -22.95 -38.14
C MET C 192 -1.74 -22.91 -38.52
N ILE C 193 -2.03 -23.21 -39.78
CA ILE C 193 -3.42 -23.23 -40.27
C ILE C 193 -4.31 -24.14 -39.43
N ARG C 194 -3.86 -25.38 -39.26
CA ARG C 194 -4.66 -26.36 -38.57
C ARG C 194 -4.87 -26.00 -37.09
N ALA C 195 -3.81 -25.49 -36.45
CA ALA C 195 -3.89 -25.07 -35.04
C ALA C 195 -4.77 -23.82 -34.90
N ALA C 196 -4.59 -22.87 -35.83
CA ALA C 196 -5.45 -21.68 -35.85
C ALA C 196 -6.92 -22.08 -36.01
N ARG C 197 -7.24 -23.01 -36.91
CA ARG C 197 -8.65 -23.38 -37.05
C ARG C 197 -9.17 -24.09 -35.81
N ALA C 198 -8.42 -25.10 -35.38
CA ALA C 198 -8.83 -25.90 -34.23
C ALA C 198 -8.98 -25.04 -32.97
N PHE C 199 -7.97 -24.22 -32.67
CA PHE C 199 -7.92 -23.60 -31.35
C PHE C 199 -8.14 -22.11 -31.30
N GLY C 200 -8.24 -21.49 -32.47
CA GLY C 200 -8.60 -20.09 -32.56
C GLY C 200 -9.76 -19.66 -31.67
N PRO C 201 -10.87 -20.40 -31.71
CA PRO C 201 -12.07 -20.01 -30.96
C PRO C 201 -11.78 -20.00 -29.46
N PHE C 202 -11.23 -21.10 -28.96
CA PHE C 202 -10.91 -21.23 -27.55
C PHE C 202 -9.97 -20.14 -27.08
N CYS C 203 -8.93 -19.90 -27.86
CA CYS C 203 -7.99 -18.88 -27.46
C CYS C 203 -8.66 -17.51 -27.52
N ASP C 204 -9.58 -17.30 -28.46
CA ASP C 204 -10.36 -16.05 -28.49
C ASP C 204 -11.12 -15.89 -27.20
N ALA C 205 -11.86 -16.94 -26.85
CA ALA C 205 -12.67 -16.95 -25.64
C ALA C 205 -11.82 -16.54 -24.44
N LEU C 206 -10.65 -17.16 -24.34
CA LEU C 206 -9.79 -17.00 -23.19
C LEU C 206 -9.32 -15.55 -23.12
N LYS C 207 -8.99 -14.99 -24.28
CA LYS C 207 -8.41 -13.68 -24.36
C LYS C 207 -9.42 -12.66 -23.84
N GLU C 208 -10.70 -12.89 -24.12
CA GLU C 208 -11.75 -11.98 -23.69
C GLU C 208 -11.99 -12.13 -22.20
N THR C 209 -11.30 -13.11 -21.61
CA THR C 209 -11.53 -13.53 -20.25
C THR C 209 -10.24 -13.30 -19.45
N CYS C 210 -9.32 -12.51 -19.99
CA CYS C 210 -7.97 -12.42 -19.41
C CYS C 210 -7.87 -11.65 -18.10
N ILE C 211 -8.95 -10.97 -17.69
CA ILE C 211 -8.96 -10.31 -16.37
C ILE C 211 -9.52 -11.26 -15.31
N PHE C 212 -10.58 -11.97 -15.66
CA PHE C 212 -11.25 -12.89 -14.74
C PHE C 212 -10.53 -14.22 -14.57
N ASN C 213 -9.71 -14.58 -15.53
CA ASN C 213 -8.99 -15.85 -15.50
C ASN C 213 -7.50 -15.59 -15.47
N PRO C 214 -6.74 -16.58 -14.99
CA PRO C 214 -5.30 -16.37 -14.75
C PRO C 214 -4.45 -16.43 -16.00
N ILE C 215 -5.01 -16.83 -17.13
CA ILE C 215 -4.21 -16.81 -18.36
C ILE C 215 -4.25 -15.39 -18.96
N ARG C 216 -3.18 -14.64 -18.74
CA ARG C 216 -3.15 -13.23 -19.11
C ARG C 216 -2.84 -12.95 -20.59
N VAL C 217 -2.61 -13.99 -21.39
CA VAL C 217 -2.33 -13.76 -22.82
C VAL C 217 -3.42 -12.86 -23.44
N GLY C 218 -2.98 -11.80 -24.13
CA GLY C 218 -3.91 -10.85 -24.72
C GLY C 218 -4.03 -9.53 -23.97
N MET C 219 -3.51 -9.50 -22.74
CA MET C 219 -3.61 -8.31 -21.91
C MET C 219 -2.77 -7.16 -22.47
N SER C 220 -3.23 -5.95 -22.21
CA SER C 220 -2.43 -4.76 -22.39
C SER C 220 -1.95 -4.39 -21.01
N MET C 221 -0.63 -4.36 -20.85
CA MET C 221 -0.04 -3.99 -19.57
C MET C 221 -0.56 -2.63 -19.11
N ASN C 222 -0.66 -1.69 -20.05
CA ASN C 222 -1.12 -0.35 -19.73
C ASN C 222 -2.61 -0.24 -19.39
N GLU C 223 -3.44 -0.82 -20.25
CA GLU C 223 -4.88 -0.81 -20.05
C GLU C 223 -5.29 -1.76 -18.92
N ASP C 224 -4.74 -2.97 -18.93
CA ASP C 224 -5.28 -4.05 -18.11
C ASP C 224 -4.50 -4.26 -16.82
N GLY C 225 -3.22 -3.92 -16.85
CA GLY C 225 -2.34 -4.08 -15.70
C GLY C 225 -2.98 -3.63 -14.40
N PRO C 226 -3.60 -2.45 -14.41
CA PRO C 226 -4.07 -1.96 -13.11
C PRO C 226 -5.22 -2.78 -12.51
N PHE C 227 -6.03 -3.41 -13.34
CA PHE C 227 -7.15 -4.20 -12.82
C PHE C 227 -6.67 -5.60 -12.43
N ILE C 228 -5.79 -6.16 -13.24
CA ILE C 228 -5.17 -7.43 -12.90
C ILE C 228 -4.44 -7.33 -11.56
N PHE C 229 -3.59 -6.32 -11.41
CA PHE C 229 -2.83 -6.19 -10.16
C PHE C 229 -3.73 -5.89 -8.94
N ALA C 230 -4.76 -5.08 -9.16
CA ALA C 230 -5.73 -4.80 -8.09
C ALA C 230 -6.35 -6.10 -7.57
N ARG C 231 -6.62 -7.07 -8.46
CA ARG C 231 -7.16 -8.35 -8.02
C ARG C 231 -6.15 -9.09 -7.16
N HIS C 232 -4.91 -9.12 -7.62
CA HIS C 232 -3.85 -9.78 -6.84
C HIS C 232 -3.78 -9.21 -5.43
N ALA C 233 -3.90 -7.88 -5.32
CA ALA C 233 -3.79 -7.18 -4.05
C ALA C 233 -5.00 -7.39 -3.13
N ASN C 234 -5.95 -8.20 -3.57
CA ASN C 234 -7.02 -8.61 -2.67
C ASN C 234 -6.51 -9.66 -1.69
N PHE C 235 -5.27 -10.12 -1.88
CA PHE C 235 -4.73 -11.28 -1.15
C PHE C 235 -3.49 -10.97 -0.34
N ARG C 236 -3.21 -11.82 0.64
CA ARG C 236 -2.18 -11.54 1.64
C ARG C 236 -0.74 -11.80 1.19
N TYR C 237 -0.52 -12.96 0.57
CA TYR C 237 0.83 -13.39 0.20
C TYR C 237 1.04 -13.39 -1.32
N HIS C 238 2.24 -13.00 -1.74
CA HIS C 238 2.56 -12.88 -3.16
C HIS C 238 3.94 -13.49 -3.41
N MET C 239 4.11 -14.15 -4.55
CA MET C 239 5.40 -14.74 -4.87
C MET C 239 5.52 -15.02 -6.36
N ASP C 240 6.74 -15.30 -6.78
CA ASP C 240 7.06 -15.55 -8.17
C ASP C 240 8.15 -16.63 -8.23
N ALA C 241 7.83 -17.80 -8.77
CA ALA C 241 8.76 -18.94 -8.75
C ALA C 241 9.96 -18.82 -9.69
N ASP C 242 9.86 -17.92 -10.67
CA ASP C 242 10.99 -17.57 -11.53
C ASP C 242 11.77 -18.77 -12.06
N TYR C 243 11.13 -19.51 -12.95
CA TYR C 243 11.68 -20.75 -13.50
C TYR C 243 12.80 -20.58 -14.51
N THR C 244 13.76 -21.51 -14.49
CA THR C 244 14.80 -21.60 -15.51
C THR C 244 14.42 -22.67 -16.55
N ARG C 245 14.65 -22.35 -17.83
CA ARG C 245 14.24 -23.20 -18.95
C ARG C 245 13.00 -24.06 -18.68
N TRP C 246 11.93 -23.35 -18.36
CA TRP C 246 10.60 -23.91 -18.22
C TRP C 246 10.21 -24.75 -19.43
N ASP C 247 10.52 -24.25 -20.63
CA ASP C 247 10.08 -24.92 -21.87
C ASP C 247 10.66 -26.31 -21.97
N SER C 248 11.97 -26.41 -21.78
CA SER C 248 12.66 -27.68 -21.97
C SER C 248 12.34 -28.69 -20.87
N THR C 249 11.79 -28.23 -19.75
CA THR C 249 11.52 -29.15 -18.63
C THR C 249 10.08 -29.65 -18.59
N GLN C 250 9.28 -29.32 -19.60
CA GLN C 250 7.87 -29.74 -19.58
C GLN C 250 7.68 -31.23 -19.82
N GLN C 251 6.67 -31.79 -19.16
CA GLN C 251 6.23 -33.16 -19.39
C GLN C 251 5.15 -33.17 -20.46
N ARG C 252 5.36 -33.94 -21.52
CA ARG C 252 4.29 -34.11 -22.51
C ARG C 252 2.99 -34.57 -21.83
N ALA C 253 3.10 -35.45 -20.84
CA ALA C 253 1.91 -35.91 -20.11
C ALA C 253 1.08 -34.75 -19.56
N ILE C 254 1.77 -33.68 -19.13
CA ILE C 254 1.11 -32.52 -18.54
C ILE C 254 0.48 -31.65 -19.64
N LEU C 255 1.27 -31.43 -20.69
CA LEU C 255 0.80 -30.76 -21.88
C LEU C 255 -0.48 -31.40 -22.43
N LYS C 256 -0.50 -32.74 -22.50
CA LYS C 256 -1.68 -33.47 -23.00
C LYS C 256 -2.91 -33.21 -22.14
N ARG C 257 -2.71 -33.11 -20.84
CA ARG C 257 -3.82 -32.76 -19.95
C ARG C 257 -4.36 -31.40 -20.29
N ALA C 258 -3.47 -30.42 -20.42
CA ALA C 258 -3.89 -29.08 -20.82
C ALA C 258 -4.53 -29.16 -22.20
N GLY C 259 -3.96 -30.00 -23.07
CA GLY C 259 -4.48 -30.22 -24.40
C GLY C 259 -5.90 -30.76 -24.36
N ASP C 260 -6.15 -31.72 -23.47
CA ASP C 260 -7.50 -32.27 -23.31
C ASP C 260 -8.53 -31.18 -23.00
N ILE C 261 -8.16 -30.25 -22.12
CA ILE C 261 -9.08 -29.20 -21.73
C ILE C 261 -9.39 -28.31 -22.91
N MET C 262 -8.36 -27.88 -23.64
CA MET C 262 -8.55 -27.03 -24.81
C MET C 262 -9.45 -27.69 -25.86
N VAL C 263 -9.24 -28.98 -26.07
CA VAL C 263 -10.03 -29.73 -27.05
C VAL C 263 -11.50 -29.79 -26.62
N ARG C 264 -11.74 -30.19 -25.39
CA ARG C 264 -13.09 -30.28 -24.84
C ARG C 264 -13.87 -28.96 -24.90
N LEU C 265 -13.17 -27.83 -24.83
CA LEU C 265 -13.81 -26.52 -24.85
C LEU C 265 -13.68 -25.86 -26.21
N SER C 266 -13.55 -26.67 -27.25
CA SER C 266 -13.46 -26.16 -28.62
C SER C 266 -14.75 -26.45 -29.40
N PRO C 267 -15.16 -25.52 -30.28
CA PRO C 267 -16.43 -25.74 -31.00
C PRO C 267 -16.42 -26.97 -31.90
N GLU C 268 -15.23 -27.45 -32.26
CA GLU C 268 -15.11 -28.62 -33.13
C GLU C 268 -14.11 -29.60 -32.52
N PRO C 269 -14.48 -30.20 -31.38
CA PRO C 269 -13.57 -31.00 -30.55
C PRO C 269 -13.03 -32.25 -31.24
N ASP C 270 -13.80 -32.80 -32.19
CA ASP C 270 -13.36 -33.99 -32.91
C ASP C 270 -12.17 -33.67 -33.82
N LEU C 271 -12.27 -32.55 -34.54
CA LEU C 271 -11.20 -32.09 -35.41
C LEU C 271 -10.04 -31.53 -34.59
N ALA C 272 -10.38 -30.84 -33.50
CA ALA C 272 -9.38 -30.23 -32.63
C ALA C 272 -8.53 -31.35 -32.00
N ARG C 273 -9.18 -32.43 -31.61
CA ARG C 273 -8.51 -33.60 -31.09
C ARG C 273 -7.40 -34.09 -32.02
N VAL C 274 -7.72 -34.24 -33.31
CA VAL C 274 -6.74 -34.72 -34.26
C VAL C 274 -5.55 -33.78 -34.28
N VAL C 275 -5.84 -32.49 -34.24
CA VAL C 275 -4.80 -31.48 -34.30
C VAL C 275 -3.96 -31.50 -33.03
N MET C 276 -4.60 -31.54 -31.88
CA MET C 276 -3.83 -31.55 -30.64
C MET C 276 -2.95 -32.82 -30.60
N ASP C 277 -3.49 -33.96 -31.00
CA ASP C 277 -2.68 -35.17 -30.98
C ASP C 277 -1.39 -35.04 -31.83
N ASP C 278 -1.50 -34.40 -33.00
CA ASP C 278 -0.33 -34.16 -33.85
C ASP C 278 0.64 -33.24 -33.15
N LEU C 279 0.09 -32.19 -32.53
CA LEU C 279 0.92 -31.22 -31.83
C LEU C 279 1.80 -31.87 -30.74
N LEU C 280 1.23 -32.80 -29.98
CA LEU C 280 1.93 -33.34 -28.82
C LEU C 280 2.65 -34.67 -29.08
N ALA C 281 2.42 -35.28 -30.25
CA ALA C 281 3.22 -36.43 -30.64
C ALA C 281 4.71 -36.03 -30.69
N PRO C 282 5.61 -37.01 -30.60
CA PRO C 282 7.05 -36.72 -30.62
C PRO C 282 7.37 -35.78 -31.77
N SER C 283 8.13 -34.72 -31.48
CA SER C 283 8.22 -33.61 -32.41
C SER C 283 9.40 -33.68 -33.38
N LEU C 284 9.13 -33.37 -34.64
CA LEU C 284 10.17 -33.35 -35.66
C LEU C 284 10.78 -31.92 -35.75
N LEU C 285 12.06 -31.83 -35.45
CA LEU C 285 12.74 -30.55 -35.40
C LEU C 285 13.86 -30.51 -36.45
N ASP C 286 13.69 -29.66 -37.45
CA ASP C 286 14.69 -29.53 -38.51
C ASP C 286 15.82 -28.64 -38.02
N VAL C 287 16.99 -29.24 -37.76
CA VAL C 287 18.13 -28.48 -37.27
C VAL C 287 19.21 -28.23 -38.34
N GLY C 288 18.84 -28.40 -39.61
CA GLY C 288 19.76 -28.10 -40.70
C GLY C 288 20.09 -29.35 -41.51
N ASP C 289 21.13 -30.06 -41.10
CA ASP C 289 21.48 -31.28 -41.81
C ASP C 289 20.43 -32.37 -41.60
N TYR C 290 19.82 -32.39 -40.41
CA TYR C 290 18.90 -33.47 -40.07
C TYR C 290 17.60 -32.96 -39.47
N LYS C 291 16.56 -33.78 -39.57
CA LYS C 291 15.39 -33.59 -38.70
C LYS C 291 15.50 -34.60 -37.56
N ILE C 292 15.41 -34.11 -36.33
CA ILE C 292 15.53 -35.00 -35.18
C ILE C 292 14.19 -35.10 -34.47
N VAL C 293 14.05 -36.16 -33.67
CA VAL C 293 12.82 -36.40 -32.96
C VAL C 293 12.95 -35.96 -31.52
N VAL C 294 12.03 -35.09 -31.10
CA VAL C 294 12.03 -34.51 -29.77
C VAL C 294 10.75 -34.93 -29.04
N GLU C 295 10.89 -35.95 -28.19
CA GLU C 295 9.75 -36.57 -27.52
C GLU C 295 9.22 -35.74 -26.36
N GLU C 296 10.09 -34.99 -25.71
CA GLU C 296 9.67 -34.31 -24.50
C GLU C 296 9.85 -32.80 -24.57
N GLY C 297 9.45 -32.12 -23.51
CA GLY C 297 9.50 -30.67 -23.49
C GLY C 297 8.36 -30.06 -24.28
N LEU C 298 8.36 -28.74 -24.33
CA LEU C 298 7.33 -27.99 -25.03
C LEU C 298 7.81 -27.65 -26.44
N PRO C 299 7.05 -28.10 -27.46
CA PRO C 299 7.31 -27.72 -28.86
C PRO C 299 6.57 -26.43 -29.16
N SER C 300 7.30 -25.32 -29.16
CA SER C 300 6.69 -23.99 -29.28
C SER C 300 6.47 -23.59 -30.75
N GLY C 301 6.09 -22.34 -30.98
CA GLY C 301 6.04 -21.83 -32.33
C GLY C 301 4.75 -22.00 -33.12
N CYS C 302 3.85 -22.87 -32.65
CA CYS C 302 2.49 -22.93 -33.24
C CYS C 302 1.63 -21.89 -32.51
N PRO C 303 0.50 -21.48 -33.14
CA PRO C 303 -0.32 -20.41 -32.56
C PRO C 303 -0.49 -20.48 -31.03
N CYS C 304 -1.44 -21.27 -30.56
CA CYS C 304 -1.83 -21.24 -29.15
C CYS C 304 -0.84 -21.87 -28.18
N THR C 305 0.41 -21.95 -28.60
CA THR C 305 1.46 -22.42 -27.71
C THR C 305 1.40 -21.69 -26.36
N THR C 306 1.43 -20.37 -26.40
CA THR C 306 1.49 -19.63 -25.16
C THR C 306 0.30 -19.96 -24.26
N GLN C 307 -0.88 -20.09 -24.86
CA GLN C 307 -2.06 -20.43 -24.08
C GLN C 307 -1.95 -21.82 -23.46
N LEU C 308 -1.60 -22.80 -24.27
CA LEU C 308 -1.42 -24.17 -23.78
C LEU C 308 -0.37 -24.20 -22.67
N ASN C 309 0.73 -23.48 -22.90
CA ASN C 309 1.83 -23.45 -21.94
C ASN C 309 1.36 -22.86 -20.62
N SER C 310 0.61 -21.75 -20.73
CA SER C 310 0.04 -21.12 -19.55
C SER C 310 -0.89 -22.10 -18.86
N LEU C 311 -1.60 -22.91 -19.63
CA LEU C 311 -2.55 -23.83 -19.03
C LEU C 311 -1.79 -24.93 -18.24
N ALA C 312 -0.69 -25.41 -18.83
CA ALA C 312 0.17 -26.37 -18.15
C ALA C 312 0.63 -25.73 -16.85
N HIS C 313 1.11 -24.50 -16.98
CA HIS C 313 1.62 -23.78 -15.84
C HIS C 313 0.57 -23.76 -14.73
N TRP C 314 -0.66 -23.39 -15.09
CA TRP C 314 -1.79 -23.35 -14.16
C TRP C 314 -1.98 -24.70 -13.44
N ILE C 315 -1.86 -25.80 -14.21
CA ILE C 315 -2.04 -27.13 -13.67
C ILE C 315 -0.97 -27.45 -12.61
N LEU C 316 0.29 -27.27 -12.97
CA LEU C 316 1.38 -27.54 -12.05
C LEU C 316 1.31 -26.68 -10.78
N THR C 317 1.12 -25.38 -10.95
CA THR C 317 1.04 -24.49 -9.81
C THR C 317 -0.08 -24.91 -8.84
N LEU C 318 -1.28 -25.15 -9.37
CA LEU C 318 -2.38 -25.58 -8.52
C LEU C 318 -2.03 -26.93 -7.88
N CYS C 319 -1.51 -27.86 -8.67
CA CYS C 319 -1.10 -29.15 -8.13
C CYS C 319 -0.19 -29.02 -6.91
N ALA C 320 0.89 -28.26 -7.05
CA ALA C 320 1.80 -28.07 -5.93
C ALA C 320 1.08 -27.46 -4.72
N MET C 321 0.30 -26.41 -4.95
CA MET C 321 -0.38 -25.75 -3.84
C MET C 321 -1.36 -26.71 -3.17
N VAL C 322 -2.10 -27.47 -3.98
CA VAL C 322 -3.08 -28.40 -3.43
C VAL C 322 -2.32 -29.46 -2.62
N GLU C 323 -1.25 -30.02 -3.20
CA GLU C 323 -0.37 -30.95 -2.50
C GLU C 323 -0.01 -30.45 -1.10
N VAL C 324 0.42 -29.18 -1.01
CA VAL C 324 1.02 -28.68 0.22
C VAL C 324 -0.01 -28.23 1.27
N THR C 325 -1.03 -27.50 0.84
CA THR C 325 -2.07 -27.06 1.76
C THR C 325 -3.08 -28.16 2.06
N ARG C 326 -3.07 -29.21 1.25
CA ARG C 326 -4.05 -30.28 1.37
C ARG C 326 -5.47 -29.73 1.28
N VAL C 327 -5.59 -28.56 0.66
CA VAL C 327 -6.90 -27.95 0.42
C VAL C 327 -7.37 -28.29 -1.01
N ASP C 328 -8.68 -28.46 -1.19
CA ASP C 328 -9.25 -28.73 -2.51
C ASP C 328 -9.04 -27.54 -3.46
N PRO C 329 -8.74 -27.84 -4.73
CA PRO C 329 -8.26 -26.86 -5.73
C PRO C 329 -9.24 -25.72 -5.88
N ASP C 330 -10.52 -26.09 -5.89
CA ASP C 330 -11.63 -25.14 -5.90
C ASP C 330 -11.46 -24.10 -4.79
N ILE C 331 -11.18 -24.58 -3.58
CA ILE C 331 -10.92 -23.69 -2.44
C ILE C 331 -9.64 -22.87 -2.62
N VAL C 332 -8.57 -23.50 -3.08
CA VAL C 332 -7.33 -22.80 -3.34
C VAL C 332 -7.60 -21.62 -4.27
N MET C 333 -8.40 -21.87 -5.30
CA MET C 333 -8.71 -20.82 -6.23
C MET C 333 -9.61 -19.76 -5.62
N GLN C 334 -10.49 -20.15 -4.71
CA GLN C 334 -11.25 -19.16 -3.97
C GLN C 334 -10.34 -18.28 -3.13
N GLU C 335 -9.15 -18.79 -2.83
CA GLU C 335 -8.26 -18.12 -1.88
C GLU C 335 -7.03 -17.52 -2.55
N SER C 336 -7.03 -17.47 -3.88
CA SER C 336 -5.86 -16.95 -4.61
C SER C 336 -6.19 -16.20 -5.91
N GLU C 337 -5.21 -15.43 -6.39
CA GLU C 337 -5.23 -14.92 -7.76
C GLU C 337 -3.93 -15.34 -8.41
N PHE C 338 -4.05 -15.92 -9.60
CA PHE C 338 -2.90 -16.31 -10.39
C PHE C 338 -2.79 -15.40 -11.61
N SER C 339 -1.57 -15.26 -12.10
CA SER C 339 -1.29 -14.70 -13.41
C SER C 339 -0.26 -15.55 -14.12
N PHE C 340 -0.64 -16.15 -15.23
CA PHE C 340 0.31 -16.91 -16.01
C PHE C 340 0.41 -16.35 -17.43
N TYR C 341 1.62 -16.39 -17.98
CA TYR C 341 1.87 -16.06 -19.37
C TYR C 341 3.06 -16.89 -19.83
N GLY C 342 2.78 -18.07 -20.41
CA GLY C 342 3.85 -19.02 -20.69
C GLY C 342 4.54 -19.40 -19.38
N ASP C 343 5.81 -19.08 -19.22
CA ASP C 343 6.52 -19.48 -18.01
C ASP C 343 6.45 -18.38 -16.92
N ASP C 344 5.87 -17.24 -17.27
CA ASP C 344 5.87 -16.09 -16.38
C ASP C 344 4.65 -16.15 -15.45
N GLU C 345 4.84 -15.75 -14.19
CA GLU C 345 3.77 -15.89 -13.21
C GLU C 345 3.84 -14.90 -12.05
N VAL C 346 2.67 -14.63 -11.48
CA VAL C 346 2.59 -14.13 -10.12
C VAL C 346 1.48 -14.91 -9.42
N VAL C 347 1.74 -15.30 -8.18
CA VAL C 347 0.81 -16.12 -7.45
C VAL C 347 0.53 -15.40 -6.14
N SER C 348 -0.73 -15.07 -5.91
CA SER C 348 -1.14 -14.33 -4.72
C SER C 348 -2.16 -15.17 -3.97
N THR C 349 -2.03 -15.23 -2.66
CA THR C 349 -2.92 -16.10 -1.91
C THR C 349 -3.06 -15.73 -0.45
N ASN C 350 -4.18 -16.15 0.12
CA ASN C 350 -4.41 -15.98 1.54
C ASN C 350 -3.88 -17.16 2.35
N LEU C 351 -3.58 -18.26 1.65
CA LEU C 351 -3.13 -19.48 2.32
C LEU C 351 -1.71 -19.37 2.84
N GLU C 352 -1.50 -19.89 4.04
CA GLU C 352 -0.18 -20.01 4.61
C GLU C 352 0.51 -21.18 3.92
N LEU C 353 1.34 -20.86 2.95
CA LEU C 353 1.96 -21.87 2.13
C LEU C 353 3.35 -22.20 2.66
N ASP C 354 3.54 -23.48 3.02
CA ASP C 354 4.84 -24.01 3.42
C ASP C 354 5.78 -23.96 2.22
N MET C 355 6.57 -22.89 2.16
CA MET C 355 7.40 -22.62 0.98
C MET C 355 8.45 -23.70 0.72
N VAL C 356 8.87 -24.40 1.77
CA VAL C 356 9.84 -25.48 1.61
C VAL C 356 9.19 -26.64 0.87
N LYS C 357 7.98 -27.00 1.29
CA LYS C 357 7.26 -28.10 0.65
C LYS C 357 6.80 -27.74 -0.76
N TYR C 358 6.40 -26.48 -0.95
CA TYR C 358 6.00 -25.97 -2.27
C TYR C 358 7.18 -26.07 -3.24
N THR C 359 8.30 -25.46 -2.87
CA THR C 359 9.51 -25.57 -3.67
C THR C 359 9.86 -27.04 -4.00
N MET C 360 9.81 -27.92 -2.99
CA MET C 360 10.12 -29.33 -3.24
C MET C 360 9.18 -29.92 -4.29
N ALA C 361 7.88 -29.70 -4.13
CA ALA C 361 6.93 -30.27 -5.08
C ALA C 361 7.24 -29.81 -6.52
N LEU C 362 7.51 -28.51 -6.68
CA LEU C 362 7.82 -27.95 -7.99
C LEU C 362 9.04 -28.66 -8.59
N ARG C 363 10.12 -28.74 -7.81
CA ARG C 363 11.33 -29.41 -8.28
C ARG C 363 11.05 -30.86 -8.62
N ARG C 364 10.18 -31.49 -7.84
CA ARG C 364 9.79 -32.89 -8.10
C ARG C 364 9.19 -33.06 -9.49
N TYR C 365 8.36 -32.08 -9.87
CA TYR C 365 7.72 -32.06 -11.18
C TYR C 365 8.76 -31.92 -12.32
N GLY C 366 10.01 -31.62 -11.98
CA GLY C 366 11.05 -31.41 -12.98
C GLY C 366 11.29 -29.93 -13.30
N LEU C 367 10.61 -29.04 -12.57
CA LEU C 367 10.77 -27.61 -12.79
C LEU C 367 11.96 -27.13 -12.02
N LEU C 368 12.47 -25.97 -12.43
CA LEU C 368 13.66 -25.38 -11.84
C LEU C 368 13.34 -23.99 -11.32
N PRO C 369 12.51 -23.91 -10.27
CA PRO C 369 12.29 -22.58 -9.67
C PRO C 369 13.61 -21.99 -9.21
N THR C 370 13.66 -20.67 -9.05
CA THR C 370 14.89 -20.02 -8.61
C THR C 370 14.55 -18.88 -7.64
N ARG C 371 15.37 -18.71 -6.61
CA ARG C 371 15.12 -17.61 -5.69
C ARG C 371 15.42 -16.33 -6.44
N ALA C 372 14.46 -15.43 -6.49
CA ALA C 372 14.59 -14.24 -7.32
C ALA C 372 15.39 -13.21 -6.55
N ASP C 373 16.67 -13.15 -6.84
CA ASP C 373 17.64 -12.48 -5.98
C ASP C 373 18.68 -13.56 -5.88
N LYS C 374 18.56 -14.30 -4.78
CA LYS C 374 19.58 -15.21 -4.29
C LYS C 374 19.77 -16.50 -5.07
N GLU C 375 19.97 -17.55 -4.28
CA GLU C 375 20.07 -18.95 -4.68
C GLU C 375 20.05 -19.72 -3.35
N GLU C 376 19.88 -21.04 -3.40
CA GLU C 376 19.96 -21.93 -2.22
C GLU C 376 18.71 -21.97 -1.32
N GLY C 377 17.91 -23.02 -1.46
CA GLY C 377 16.76 -23.22 -0.59
C GLY C 377 15.40 -22.78 -1.11
N PRO C 378 14.45 -22.52 -0.18
CA PRO C 378 13.03 -22.28 -0.48
C PRO C 378 12.72 -20.95 -1.18
N LEU C 379 11.83 -21.00 -2.17
CA LEU C 379 11.26 -19.80 -2.76
C LEU C 379 10.79 -18.87 -1.66
N GLU C 380 10.83 -17.58 -1.95
CA GLU C 380 10.41 -16.58 -0.99
C GLU C 380 8.92 -16.25 -1.12
N ARG C 381 8.31 -15.91 0.00
CA ARG C 381 6.93 -15.49 0.05
C ARG C 381 6.91 -14.11 0.71
N ARG C 382 6.20 -13.17 0.11
CA ARG C 382 6.15 -11.80 0.60
C ARG C 382 4.73 -11.39 0.90
N GLN C 383 4.60 -10.33 1.68
CA GLN C 383 3.28 -9.80 1.99
C GLN C 383 3.01 -8.51 1.24
N THR C 384 3.86 -8.22 0.26
CA THR C 384 3.64 -7.08 -0.63
C THR C 384 3.78 -7.45 -2.09
N LEU C 385 2.88 -6.91 -2.91
CA LEU C 385 2.95 -7.08 -4.36
C LEU C 385 4.08 -6.22 -4.94
N GLN C 386 4.30 -5.04 -4.34
CA GLN C 386 5.38 -4.14 -4.77
C GLN C 386 6.66 -4.97 -4.87
N GLY C 387 7.41 -4.78 -5.95
CA GLY C 387 8.66 -5.51 -6.10
C GLY C 387 8.57 -6.70 -7.04
N ILE C 388 7.43 -7.40 -7.05
CA ILE C 388 7.28 -8.52 -7.98
C ILE C 388 7.13 -7.99 -9.40
N SER C 389 7.67 -8.73 -10.37
CA SER C 389 7.56 -8.31 -11.77
C SER C 389 6.65 -9.21 -12.60
N PHE C 390 6.28 -8.70 -13.78
CA PHE C 390 5.45 -9.45 -14.70
C PHE C 390 5.56 -8.85 -16.08
N LEU C 391 5.73 -9.72 -17.08
CA LEU C 391 5.97 -9.29 -18.45
C LEU C 391 7.04 -8.19 -18.51
N ARG C 392 8.07 -8.35 -17.69
CA ARG C 392 9.27 -7.51 -17.73
C ARG C 392 9.07 -6.11 -17.15
N ARG C 393 7.91 -5.88 -16.53
CA ARG C 393 7.68 -4.64 -15.81
C ARG C 393 7.61 -4.94 -14.32
N ALA C 394 8.06 -4.00 -13.49
CA ALA C 394 7.87 -4.16 -12.06
C ALA C 394 6.48 -3.66 -11.71
N ILE C 395 5.87 -4.29 -10.71
CA ILE C 395 4.53 -3.94 -10.30
C ILE C 395 4.62 -2.83 -9.27
N VAL C 396 3.95 -1.72 -9.54
CA VAL C 396 4.09 -0.56 -8.68
C VAL C 396 2.70 -0.14 -8.23
N GLY C 397 2.63 0.32 -6.99
CA GLY C 397 1.37 0.77 -6.45
C GLY C 397 1.51 2.15 -5.84
N ASP C 398 0.51 2.99 -6.05
CA ASP C 398 0.48 4.30 -5.40
C ASP C 398 -0.94 4.70 -5.11
N GLN C 399 -1.13 5.92 -4.62
CA GLN C 399 -2.45 6.46 -4.33
C GLN C 399 -3.49 6.21 -5.44
N PHE C 400 -3.06 6.15 -6.70
CA PHE C 400 -4.02 6.02 -7.81
C PHE C 400 -4.36 4.58 -8.21
N GLY C 401 -3.51 3.64 -7.81
CA GLY C 401 -3.68 2.24 -8.17
C GLY C 401 -2.37 1.53 -8.44
N TRP C 402 -2.48 0.36 -9.05
CA TRP C 402 -1.32 -0.44 -9.38
C TRP C 402 -1.06 -0.33 -10.86
N TYR C 403 0.17 -0.62 -11.27
CA TYR C 403 0.58 -0.53 -12.67
C TYR C 403 1.94 -1.20 -12.87
N GLY C 404 2.27 -1.52 -14.12
CA GLY C 404 3.55 -2.10 -14.42
C GLY C 404 4.48 -1.05 -15.00
N ARG C 405 5.72 -1.01 -14.51
CA ARG C 405 6.70 -0.03 -14.94
C ARG C 405 7.98 -0.70 -15.43
N LEU C 406 8.38 -0.37 -16.64
CA LEU C 406 9.68 -0.79 -17.16
C LEU C 406 10.79 -0.18 -16.32
N ASP C 407 11.73 -1.00 -15.88
CA ASP C 407 12.88 -0.52 -15.11
C ASP C 407 13.76 0.38 -15.98
N ARG C 408 14.52 1.27 -15.36
CA ARG C 408 15.30 2.25 -16.09
C ARG C 408 16.36 1.64 -17.00
N ALA C 409 17.00 0.56 -16.53
CA ALA C 409 17.99 -0.13 -17.35
C ALA C 409 17.42 -0.46 -18.74
N SER C 410 16.25 -1.09 -18.73
CA SER C 410 15.58 -1.50 -19.95
C SER C 410 15.29 -0.29 -20.82
N ILE C 411 14.84 0.78 -20.19
CA ILE C 411 14.55 2.01 -20.90
C ILE C 411 15.83 2.55 -21.53
N ASP C 412 16.87 2.65 -20.71
CA ASP C 412 18.17 3.11 -21.16
C ASP C 412 18.65 2.30 -22.34
N ARG C 413 18.50 0.98 -22.21
CA ARG C 413 18.89 0.04 -23.25
C ARG C 413 18.21 0.32 -24.58
N GLN C 414 16.95 0.75 -24.55
CA GLN C 414 16.28 1.01 -25.81
C GLN C 414 16.75 2.32 -26.44
N LEU C 415 17.57 3.06 -25.72
CA LEU C 415 18.13 4.29 -26.27
C LEU C 415 19.44 3.98 -26.98
N LEU C 416 20.14 2.96 -26.48
CA LEU C 416 21.44 2.56 -26.98
C LEU C 416 21.35 1.79 -28.27
N TRP C 417 20.18 1.22 -28.54
CA TRP C 417 20.01 0.35 -29.69
C TRP C 417 18.72 0.64 -30.43
N THR C 418 18.77 0.45 -31.75
CA THR C 418 17.55 0.50 -32.56
C THR C 418 17.55 -0.67 -33.53
N LYS C 419 16.37 -1.06 -34.01
CA LYS C 419 16.24 -2.15 -34.98
C LYS C 419 16.32 -1.70 -36.46
N GLY C 420 17.01 -2.50 -37.26
CA GLY C 420 17.23 -2.21 -38.65
C GLY C 420 17.46 -3.52 -39.37
N PRO C 421 17.89 -3.45 -40.64
CA PRO C 421 18.22 -4.69 -41.38
C PRO C 421 19.29 -5.50 -40.66
N ASN C 422 19.31 -6.80 -40.93
CA ASN C 422 20.38 -7.63 -40.39
C ASN C 422 21.72 -7.11 -40.87
N HIS C 423 22.70 -7.13 -39.97
CA HIS C 423 24.09 -6.85 -40.31
C HIS C 423 25.03 -7.58 -39.34
N GLN C 424 26.30 -7.66 -39.72
CA GLN C 424 27.26 -8.50 -39.00
C GLN C 424 27.93 -7.80 -37.79
N ASN C 425 28.09 -6.47 -37.83
CA ASN C 425 28.68 -5.73 -36.71
C ASN C 425 27.67 -4.92 -35.88
N PRO C 426 27.31 -5.44 -34.68
CA PRO C 426 26.28 -4.78 -33.87
C PRO C 426 26.64 -3.32 -33.61
N PHE C 427 27.93 -3.04 -33.56
CA PHE C 427 28.37 -1.72 -33.13
C PHE C 427 28.17 -0.61 -34.15
N GLU C 428 28.00 -0.96 -35.42
CA GLU C 428 27.65 0.06 -36.42
C GLU C 428 26.41 0.86 -35.98
N THR C 429 26.40 2.12 -36.40
CA THR C 429 25.23 2.97 -36.24
C THR C 429 24.43 2.84 -37.53
N LEU C 430 23.12 3.04 -37.44
CA LEU C 430 22.28 3.12 -38.63
C LEU C 430 22.47 4.50 -39.22
N PRO C 431 23.00 4.58 -40.46
CA PRO C 431 23.36 5.87 -41.04
C PRO C 431 22.20 6.88 -41.16
N GLY C 432 20.97 6.40 -41.31
CA GLY C 432 19.85 7.30 -41.49
C GLY C 432 18.94 7.45 -40.29
N HIS C 433 17.82 6.73 -40.34
CA HIS C 433 16.78 6.76 -39.31
C HIS C 433 16.14 8.13 -39.12
N ALA C 434 14.85 8.19 -39.47
CA ALA C 434 13.96 9.29 -39.10
C ALA C 434 12.80 8.61 -38.40
N GLN C 435 12.85 7.28 -38.41
CA GLN C 435 11.80 6.42 -37.85
C GLN C 435 11.78 6.54 -36.32
N ARG C 436 11.43 5.44 -35.65
CA ARG C 436 11.51 5.40 -34.20
C ARG C 436 10.47 6.27 -33.48
N PRO C 437 9.57 6.92 -34.24
CA PRO C 437 8.88 8.12 -33.70
C PRO C 437 7.82 7.78 -32.66
N SER C 438 7.04 6.74 -32.91
CA SER C 438 6.03 6.28 -31.95
C SER C 438 6.72 5.62 -30.77
N GLN C 439 7.79 4.88 -31.06
CA GLN C 439 8.57 4.23 -30.02
C GLN C 439 9.11 5.26 -29.04
N LEU C 440 9.52 6.41 -29.57
CA LEU C 440 10.05 7.49 -28.73
C LEU C 440 9.00 8.01 -27.76
N MET C 441 7.78 8.21 -28.24
CA MET C 441 6.68 8.64 -27.39
C MET C 441 6.39 7.63 -26.27
N ALA C 442 6.55 6.35 -26.57
CA ALA C 442 6.34 5.29 -25.58
C ALA C 442 7.44 5.31 -24.52
N LEU C 443 8.68 5.53 -24.97
CA LEU C 443 9.82 5.61 -24.06
C LEU C 443 9.66 6.75 -23.08
N LEU C 444 9.15 7.88 -23.56
CA LEU C 444 8.88 9.01 -22.68
C LEU C 444 7.81 8.60 -21.68
N GLY C 445 6.74 7.96 -22.18
CA GLY C 445 5.72 7.37 -21.33
C GLY C 445 6.31 6.53 -20.20
N GLU C 446 7.04 5.48 -20.56
CA GLU C 446 7.76 4.67 -19.59
C GLU C 446 8.61 5.52 -18.62
N ALA C 447 9.42 6.43 -19.15
CA ALA C 447 10.25 7.31 -18.33
C ALA C 447 9.43 8.13 -17.32
N ALA C 448 8.30 8.67 -17.78
CA ALA C 448 7.46 9.52 -16.95
C ALA C 448 7.12 8.87 -15.62
N MET C 449 7.01 7.55 -15.63
CA MET C 449 6.61 6.82 -14.44
C MET C 449 7.73 6.69 -13.40
N HIS C 450 8.95 7.10 -13.79
CA HIS C 450 10.06 7.14 -12.85
C HIS C 450 10.30 8.55 -12.26
N GLY C 451 9.39 9.48 -12.53
CA GLY C 451 9.49 10.83 -11.98
C GLY C 451 10.23 11.82 -12.87
N GLU C 452 10.13 13.11 -12.54
CA GLU C 452 10.64 14.18 -13.39
C GLU C 452 12.15 14.16 -13.64
N LYS C 453 12.91 13.84 -12.60
CA LYS C 453 14.36 13.83 -12.70
C LYS C 453 14.77 12.92 -13.86
N TYR C 454 14.38 11.65 -13.75
CA TYR C 454 14.65 10.67 -14.79
C TYR C 454 14.03 11.05 -16.14
N TYR C 455 12.77 11.48 -16.12
CA TYR C 455 12.06 11.82 -17.33
C TYR C 455 12.79 12.86 -18.18
N ARG C 456 13.29 13.91 -17.53
CA ARG C 456 14.01 14.95 -18.25
C ARG C 456 15.27 14.36 -18.91
N THR C 457 16.00 13.57 -18.14
CA THR C 457 17.13 12.80 -18.67
C THR C 457 16.79 12.10 -20.00
N VAL C 458 15.81 11.19 -19.95
CA VAL C 458 15.30 10.53 -21.15
C VAL C 458 14.85 11.53 -22.22
N ALA C 459 14.07 12.53 -21.81
CA ALA C 459 13.55 13.53 -22.74
C ALA C 459 14.66 14.26 -23.50
N SER C 460 15.78 14.48 -22.82
CA SER C 460 16.92 15.15 -23.42
C SER C 460 17.53 14.25 -24.48
N ARG C 461 17.76 12.99 -24.11
CA ARG C 461 18.25 11.99 -25.05
C ARG C 461 17.31 11.83 -26.24
N VAL C 462 16.01 11.73 -25.94
CA VAL C 462 15.01 11.56 -26.99
C VAL C 462 15.03 12.73 -27.95
N SER C 463 15.12 13.94 -27.41
CA SER C 463 15.16 15.15 -28.20
C SER C 463 16.41 15.16 -29.09
N LYS C 464 17.55 14.84 -28.49
CA LYS C 464 18.80 14.78 -29.22
C LYS C 464 18.64 13.83 -30.42
N GLU C 465 18.23 12.60 -30.11
CA GLU C 465 18.03 11.60 -31.14
C GLU C 465 17.05 12.09 -32.20
N ALA C 466 15.88 12.54 -31.76
CA ALA C 466 14.86 13.04 -32.66
C ALA C 466 15.39 14.09 -33.63
N ALA C 467 16.07 15.10 -33.08
CA ALA C 467 16.68 16.14 -33.91
C ALA C 467 17.51 15.49 -35.02
N GLN C 468 18.39 14.58 -34.62
CA GLN C 468 19.25 13.84 -35.55
C GLN C 468 18.46 12.90 -36.47
N SER C 469 17.23 13.28 -36.79
CA SER C 469 16.41 12.53 -37.73
C SER C 469 15.48 13.51 -38.44
N GLY C 470 14.39 12.99 -39.01
CA GLY C 470 13.44 13.81 -39.72
C GLY C 470 12.95 15.05 -38.98
N ILE C 471 12.52 14.88 -37.73
CA ILE C 471 11.79 15.94 -37.04
C ILE C 471 12.40 16.35 -35.71
N GLU C 472 12.42 17.66 -35.45
CA GLU C 472 12.60 18.15 -34.09
C GLU C 472 11.18 18.26 -33.51
N MET C 473 10.97 17.68 -32.34
CA MET C 473 9.60 17.40 -31.89
C MET C 473 9.14 18.07 -30.61
N VAL C 474 7.86 17.87 -30.33
CA VAL C 474 7.23 18.29 -29.09
C VAL C 474 7.72 17.43 -27.92
N VAL C 475 8.30 18.07 -26.90
CA VAL C 475 8.60 17.36 -25.65
C VAL C 475 7.58 17.74 -24.59
N PRO C 476 6.63 16.83 -24.33
CA PRO C 476 5.53 17.10 -23.40
C PRO C 476 6.04 17.43 -22.01
N ARG C 477 5.27 18.27 -21.32
CA ARG C 477 5.49 18.47 -19.90
C ARG C 477 5.33 17.09 -19.25
N HIS C 478 6.16 16.82 -18.24
CA HIS C 478 6.16 15.54 -17.57
C HIS C 478 4.81 15.16 -16.96
N ARG C 479 4.24 16.07 -16.19
CA ARG C 479 2.97 15.80 -15.53
C ARG C 479 1.95 15.41 -16.59
N SER C 480 1.98 16.15 -17.69
CA SER C 480 1.11 15.90 -18.81
C SER C 480 1.27 14.47 -19.36
N VAL C 481 2.48 14.05 -19.68
CA VAL C 481 2.65 12.70 -20.23
C VAL C 481 2.35 11.64 -19.16
N LEU C 482 2.77 11.92 -17.93
CA LEU C 482 2.52 10.99 -16.84
C LEU C 482 1.03 10.71 -16.71
N ARG C 483 0.24 11.77 -16.78
CA ARG C 483 -1.21 11.64 -16.64
C ARG C 483 -1.75 10.83 -17.82
N TRP C 484 -1.16 11.03 -18.99
CA TRP C 484 -1.57 10.28 -20.16
C TRP C 484 -1.33 8.76 -20.03
N VAL C 485 -0.12 8.34 -19.66
CA VAL C 485 0.15 6.88 -19.58
C VAL C 485 -0.63 6.18 -18.49
N ARG C 486 -0.73 6.82 -17.32
CA ARG C 486 -1.40 6.23 -16.18
C ARG C 486 -2.91 6.16 -16.37
N PHE C 487 -3.50 7.25 -16.86
CA PHE C 487 -4.95 7.43 -16.75
C PHE C 487 -5.62 7.65 -18.09
N GLY C 488 -4.85 8.04 -19.10
CA GLY C 488 -5.36 8.08 -20.47
C GLY C 488 -5.87 6.73 -20.93
N THR C 489 -5.58 6.32 -22.17
CA THR C 489 -4.69 7.04 -23.08
C THR C 489 -5.33 8.33 -23.62
#